data_3PTH
# 
_entry.id   3PTH 
# 
_audit_conform.dict_name       mmcif_pdbx.dic 
_audit_conform.dict_version    5.387 
_audit_conform.dict_location   http://mmcif.pdb.org/dictionaries/ascii/mmcif_pdbx.dic 
# 
loop_
_database_2.database_id 
_database_2.database_code 
_database_2.pdbx_database_accession 
_database_2.pdbx_DOI 
PDB   3PTH         pdb_00003pth 10.2210/pdb3pth/pdb 
RCSB  RCSB062793   ?            ?                   
WWPDB D_1000062793 ?            ?                   
# 
loop_
_pdbx_audit_revision_history.ordinal 
_pdbx_audit_revision_history.data_content_type 
_pdbx_audit_revision_history.major_revision 
_pdbx_audit_revision_history.minor_revision 
_pdbx_audit_revision_history.revision_date 
1 'Structure model' 1 0 2011-12-21 
2 'Structure model' 1 1 2024-02-21 
# 
_pdbx_audit_revision_details.ordinal             1 
_pdbx_audit_revision_details.revision_ordinal    1 
_pdbx_audit_revision_details.data_content_type   'Structure model' 
_pdbx_audit_revision_details.provider            repository 
_pdbx_audit_revision_details.type                'Initial release' 
_pdbx_audit_revision_details.description         ? 
_pdbx_audit_revision_details.details             ? 
# 
loop_
_pdbx_audit_revision_group.ordinal 
_pdbx_audit_revision_group.revision_ordinal 
_pdbx_audit_revision_group.data_content_type 
_pdbx_audit_revision_group.group 
1 2 'Structure model' 'Data collection'     
2 2 'Structure model' 'Database references' 
# 
loop_
_pdbx_audit_revision_category.ordinal 
_pdbx_audit_revision_category.revision_ordinal 
_pdbx_audit_revision_category.data_content_type 
_pdbx_audit_revision_category.category 
1 2 'Structure model' chem_comp_atom     
2 2 'Structure model' chem_comp_bond     
3 2 'Structure model' database_2         
4 2 'Structure model' struct_ref_seq_dif 
# 
loop_
_pdbx_audit_revision_item.ordinal 
_pdbx_audit_revision_item.revision_ordinal 
_pdbx_audit_revision_item.data_content_type 
_pdbx_audit_revision_item.item 
1 2 'Structure model' '_database_2.pdbx_DOI'                
2 2 'Structure model' '_database_2.pdbx_database_accession' 
3 2 'Structure model' '_struct_ref_seq_dif.details'         
# 
_pdbx_database_status.status_code                     REL 
_pdbx_database_status.entry_id                        3PTH 
_pdbx_database_status.recvd_initial_deposition_date   2010-12-03 
_pdbx_database_status.deposit_site                    RCSB 
_pdbx_database_status.process_site                    RCSB 
_pdbx_database_status.status_code_sf                  REL 
_pdbx_database_status.status_code_mr                  ? 
_pdbx_database_status.SG_entry                        ? 
_pdbx_database_status.status_code_cs                  ? 
_pdbx_database_status.pdb_format_compatible           Y 
_pdbx_database_status.status_code_nmr_data            ? 
_pdbx_database_status.methods_development_category    ? 
# 
loop_
_audit_author.name 
_audit_author.pdbx_ordinal 
'Grimm, C.'  1 
'Pelz, J.P.' 2 
# 
_citation.id                        primary 
_citation.title                     'LARP4B binds to the PABC1 MLLE domain via a variant PAM2 motif' 
_citation.journal_abbrev            'To be Published' 
_citation.journal_volume            ? 
_citation.page_first                ? 
_citation.page_last                 ? 
_citation.year                      ? 
_citation.journal_id_ASTM           ? 
_citation.country                   ? 
_citation.journal_id_ISSN           ? 
_citation.journal_id_CSD            0353 
_citation.book_publisher            ? 
_citation.pdbx_database_id_PubMed   ? 
_citation.pdbx_database_id_DOI      ? 
# 
loop_
_citation_author.citation_id 
_citation_author.name 
_citation_author.ordinal 
_citation_author.identifier_ORCID 
primary 'Grimm, C.'  1 ? 
primary 'Pelz, J.P.' 2 ? 
# 
loop_
_entity.id 
_entity.type 
_entity.src_method 
_entity.pdbx_description 
_entity.formula_weight 
_entity.pdbx_number_of_molecules 
_entity.pdbx_ec 
_entity.pdbx_mutation 
_entity.pdbx_fragment 
_entity.details 
1 polymer man 'Polyadenylate-binding protein 1' 8928.353 1  ? ? 'UNP residues 543-621' ? 
2 polymer syn 'La-related protein 4B'           1646.819 1  ? ? 'UNP residues 55-69'   ? 
3 water   nat water                             18.015   82 ? ? ?                      ? 
# 
loop_
_entity_name_com.entity_id 
_entity_name_com.name 
1 'PABP-1, Poly(A)-binding protein 1'                                                                               
2 'La ribonucleoprotein domain family member 4B, La ribonucleoprotein domain family member 5, La-related protein 5' 
# 
loop_
_entity_poly.entity_id 
_entity_poly.type 
_entity_poly.nstd_linkage 
_entity_poly.nstd_monomer 
_entity_poly.pdbx_seq_one_letter_code 
_entity_poly.pdbx_seq_one_letter_code_can 
_entity_poly.pdbx_strand_id 
_entity_poly.pdbx_target_identifier 
1 'polypeptide(L)' no no 
;GAMEPLTASMLASAPPQEQKQMLGERLFPLIQAMHPTLAGKITGMLLEIDNSELLHMLESPESLRSKVDEAVAVLQAHQA
KE
;
;GAMEPLTASMLASAPPQEQKQMLGERLFPLIQAMHPTLAGKITGMLLEIDNSELLHMLESPESLRSKVDEAVAVLQAHQA
KE
;
A ? 
2 'polypeptide(L)' no no ELNPNAEVWGAPVLH                                                                       ELNPNAEVWGAPVLH B ? 
# 
_pdbx_entity_nonpoly.entity_id   3 
_pdbx_entity_nonpoly.name        water 
_pdbx_entity_nonpoly.comp_id     HOH 
# 
loop_
_entity_poly_seq.entity_id 
_entity_poly_seq.num 
_entity_poly_seq.mon_id 
_entity_poly_seq.hetero 
1 1  GLY n 
1 2  ALA n 
1 3  MET n 
1 4  GLU n 
1 5  PRO n 
1 6  LEU n 
1 7  THR n 
1 8  ALA n 
1 9  SER n 
1 10 MET n 
1 11 LEU n 
1 12 ALA n 
1 13 SER n 
1 14 ALA n 
1 15 PRO n 
1 16 PRO n 
1 17 GLN n 
1 18 GLU n 
1 19 GLN n 
1 20 LYS n 
1 21 GLN n 
1 22 MET n 
1 23 LEU n 
1 24 GLY n 
1 25 GLU n 
1 26 ARG n 
1 27 LEU n 
1 28 PHE n 
1 29 PRO n 
1 30 LEU n 
1 31 ILE n 
1 32 GLN n 
1 33 ALA n 
1 34 MET n 
1 35 HIS n 
1 36 PRO n 
1 37 THR n 
1 38 LEU n 
1 39 ALA n 
1 40 GLY n 
1 41 LYS n 
1 42 ILE n 
1 43 THR n 
1 44 GLY n 
1 45 MET n 
1 46 LEU n 
1 47 LEU n 
1 48 GLU n 
1 49 ILE n 
1 50 ASP n 
1 51 ASN n 
1 52 SER n 
1 53 GLU n 
1 54 LEU n 
1 55 LEU n 
1 56 HIS n 
1 57 MET n 
1 58 LEU n 
1 59 GLU n 
1 60 SER n 
1 61 PRO n 
1 62 GLU n 
1 63 SER n 
1 64 LEU n 
1 65 ARG n 
1 66 SER n 
1 67 LYS n 
1 68 VAL n 
1 69 ASP n 
1 70 GLU n 
1 71 ALA n 
1 72 VAL n 
1 73 ALA n 
1 74 VAL n 
1 75 LEU n 
1 76 GLN n 
1 77 ALA n 
1 78 HIS n 
1 79 GLN n 
1 80 ALA n 
1 81 LYS n 
1 82 GLU n 
2 1  GLU n 
2 2  LEU n 
2 3  ASN n 
2 4  PRO n 
2 5  ASN n 
2 6  ALA n 
2 7  GLU n 
2 8  VAL n 
2 9  TRP n 
2 10 GLY n 
2 11 ALA n 
2 12 PRO n 
2 13 VAL n 
2 14 LEU n 
2 15 HIS n 
# 
_entity_src_gen.entity_id                          1 
_entity_src_gen.pdbx_src_id                        1 
_entity_src_gen.pdbx_alt_source_flag               sample 
_entity_src_gen.pdbx_seq_type                      ? 
_entity_src_gen.pdbx_beg_seq_num                   ? 
_entity_src_gen.pdbx_end_seq_num                   ? 
_entity_src_gen.gene_src_common_name               human 
_entity_src_gen.gene_src_genus                     ? 
_entity_src_gen.pdbx_gene_src_gene                 'PABPC1, PAB1, PABP1, PABPC2' 
_entity_src_gen.gene_src_species                   ? 
_entity_src_gen.gene_src_strain                    ? 
_entity_src_gen.gene_src_tissue                    ? 
_entity_src_gen.gene_src_tissue_fraction           ? 
_entity_src_gen.gene_src_details                   ? 
_entity_src_gen.pdbx_gene_src_fragment             ? 
_entity_src_gen.pdbx_gene_src_scientific_name      'Homo sapiens' 
_entity_src_gen.pdbx_gene_src_ncbi_taxonomy_id     9606 
_entity_src_gen.pdbx_gene_src_variant              ? 
_entity_src_gen.pdbx_gene_src_cell_line            ? 
_entity_src_gen.pdbx_gene_src_atcc                 ? 
_entity_src_gen.pdbx_gene_src_organ                ? 
_entity_src_gen.pdbx_gene_src_organelle            ? 
_entity_src_gen.pdbx_gene_src_cell                 ? 
_entity_src_gen.pdbx_gene_src_cellular_location    ? 
_entity_src_gen.host_org_common_name               ? 
_entity_src_gen.pdbx_host_org_scientific_name      'Escherichia coli' 
_entity_src_gen.pdbx_host_org_ncbi_taxonomy_id     511693 
_entity_src_gen.host_org_genus                     ? 
_entity_src_gen.pdbx_host_org_gene                 ? 
_entity_src_gen.pdbx_host_org_organ                ? 
_entity_src_gen.host_org_species                   ? 
_entity_src_gen.pdbx_host_org_tissue               ? 
_entity_src_gen.pdbx_host_org_tissue_fraction      ? 
_entity_src_gen.pdbx_host_org_strain               BL21 
_entity_src_gen.pdbx_host_org_variant              ? 
_entity_src_gen.pdbx_host_org_cell_line            ? 
_entity_src_gen.pdbx_host_org_atcc                 ? 
_entity_src_gen.pdbx_host_org_culture_collection   ? 
_entity_src_gen.pdbx_host_org_cell                 ? 
_entity_src_gen.pdbx_host_org_organelle            ? 
_entity_src_gen.pdbx_host_org_cellular_location    ? 
_entity_src_gen.pdbx_host_org_vector_type          ? 
_entity_src_gen.pdbx_host_org_vector               ? 
_entity_src_gen.host_org_details                   ? 
_entity_src_gen.expression_system_id               ? 
_entity_src_gen.plasmid_name                       ? 
_entity_src_gen.plasmid_details                    ? 
_entity_src_gen.pdbx_description                   ? 
# 
_pdbx_entity_src_syn.entity_id              2 
_pdbx_entity_src_syn.pdbx_src_id            1 
_pdbx_entity_src_syn.pdbx_alt_source_flag   sample 
_pdbx_entity_src_syn.pdbx_beg_seq_num       ? 
_pdbx_entity_src_syn.pdbx_end_seq_num       ? 
_pdbx_entity_src_syn.organism_scientific    'Homo sapiens' 
_pdbx_entity_src_syn.organism_common_name   human 
_pdbx_entity_src_syn.ncbi_taxonomy_id       9606 
_pdbx_entity_src_syn.details                ? 
# 
loop_
_chem_comp.id 
_chem_comp.type 
_chem_comp.mon_nstd_flag 
_chem_comp.name 
_chem_comp.pdbx_synonyms 
_chem_comp.formula 
_chem_comp.formula_weight 
ALA 'L-peptide linking' y ALANINE         ? 'C3 H7 N O2'     89.093  
ARG 'L-peptide linking' y ARGININE        ? 'C6 H15 N4 O2 1' 175.209 
ASN 'L-peptide linking' y ASPARAGINE      ? 'C4 H8 N2 O3'    132.118 
ASP 'L-peptide linking' y 'ASPARTIC ACID' ? 'C4 H7 N O4'     133.103 
GLN 'L-peptide linking' y GLUTAMINE       ? 'C5 H10 N2 O3'   146.144 
GLU 'L-peptide linking' y 'GLUTAMIC ACID' ? 'C5 H9 N O4'     147.129 
GLY 'peptide linking'   y GLYCINE         ? 'C2 H5 N O2'     75.067  
HIS 'L-peptide linking' y HISTIDINE       ? 'C6 H10 N3 O2 1' 156.162 
HOH non-polymer         . WATER           ? 'H2 O'           18.015  
ILE 'L-peptide linking' y ISOLEUCINE      ? 'C6 H13 N O2'    131.173 
LEU 'L-peptide linking' y LEUCINE         ? 'C6 H13 N O2'    131.173 
LYS 'L-peptide linking' y LYSINE          ? 'C6 H15 N2 O2 1' 147.195 
MET 'L-peptide linking' y METHIONINE      ? 'C5 H11 N O2 S'  149.211 
PHE 'L-peptide linking' y PHENYLALANINE   ? 'C9 H11 N O2'    165.189 
PRO 'L-peptide linking' y PROLINE         ? 'C5 H9 N O2'     115.130 
SER 'L-peptide linking' y SERINE          ? 'C3 H7 N O3'     105.093 
THR 'L-peptide linking' y THREONINE       ? 'C4 H9 N O3'     119.119 
TRP 'L-peptide linking' y TRYPTOPHAN      ? 'C11 H12 N2 O2'  204.225 
VAL 'L-peptide linking' y VALINE          ? 'C5 H11 N O2'    117.146 
# 
loop_
_pdbx_poly_seq_scheme.asym_id 
_pdbx_poly_seq_scheme.entity_id 
_pdbx_poly_seq_scheme.seq_id 
_pdbx_poly_seq_scheme.mon_id 
_pdbx_poly_seq_scheme.ndb_seq_num 
_pdbx_poly_seq_scheme.pdb_seq_num 
_pdbx_poly_seq_scheme.auth_seq_num 
_pdbx_poly_seq_scheme.pdb_mon_id 
_pdbx_poly_seq_scheme.auth_mon_id 
_pdbx_poly_seq_scheme.pdb_strand_id 
_pdbx_poly_seq_scheme.pdb_ins_code 
_pdbx_poly_seq_scheme.hetero 
A 1 1  GLY 1  540 ?   ?   ?   A . n 
A 1 2  ALA 2  541 ?   ?   ?   A . n 
A 1 3  MET 3  542 ?   ?   ?   A . n 
A 1 4  GLU 4  543 ?   ?   ?   A . n 
A 1 5  PRO 5  544 544 PRO PRO A . n 
A 1 6  LEU 6  545 545 LEU LEU A . n 
A 1 7  THR 7  546 546 THR THR A . n 
A 1 8  ALA 8  547 547 ALA ALA A . n 
A 1 9  SER 9  548 548 SER SER A . n 
A 1 10 MET 10 549 549 MET MET A . n 
A 1 11 LEU 11 550 550 LEU LEU A . n 
A 1 12 ALA 12 551 551 ALA ALA A . n 
A 1 13 SER 13 552 552 SER SER A . n 
A 1 14 ALA 14 553 553 ALA ALA A . n 
A 1 15 PRO 15 554 554 PRO PRO A . n 
A 1 16 PRO 16 555 555 PRO PRO A . n 
A 1 17 GLN 17 556 556 GLN GLN A . n 
A 1 18 GLU 18 557 557 GLU GLU A . n 
A 1 19 GLN 19 558 558 GLN GLN A . n 
A 1 20 LYS 20 559 559 LYS LYS A . n 
A 1 21 GLN 21 560 560 GLN GLN A . n 
A 1 22 MET 22 561 561 MET MET A . n 
A 1 23 LEU 23 562 562 LEU LEU A . n 
A 1 24 GLY 24 563 563 GLY GLY A . n 
A 1 25 GLU 25 564 564 GLU GLU A . n 
A 1 26 ARG 26 565 565 ARG ARG A . n 
A 1 27 LEU 27 566 566 LEU LEU A . n 
A 1 28 PHE 28 567 567 PHE PHE A . n 
A 1 29 PRO 29 568 568 PRO PRO A . n 
A 1 30 LEU 30 569 569 LEU LEU A . n 
A 1 31 ILE 31 570 570 ILE ILE A . n 
A 1 32 GLN 32 571 571 GLN GLN A . n 
A 1 33 ALA 33 572 572 ALA ALA A . n 
A 1 34 MET 34 573 573 MET MET A . n 
A 1 35 HIS 35 574 574 HIS HIS A . n 
A 1 36 PRO 36 575 575 PRO PRO A . n 
A 1 37 THR 37 576 576 THR THR A . n 
A 1 38 LEU 38 577 577 LEU LEU A . n 
A 1 39 ALA 39 578 578 ALA ALA A . n 
A 1 40 GLY 40 579 579 GLY GLY A . n 
A 1 41 LYS 41 580 580 LYS LYS A . n 
A 1 42 ILE 42 581 581 ILE ILE A . n 
A 1 43 THR 43 582 582 THR THR A . n 
A 1 44 GLY 44 583 583 GLY GLY A . n 
A 1 45 MET 45 584 584 MET MET A . n 
A 1 46 LEU 46 585 585 LEU LEU A . n 
A 1 47 LEU 47 586 586 LEU LEU A . n 
A 1 48 GLU 48 587 587 GLU GLU A . n 
A 1 49 ILE 49 588 588 ILE ILE A . n 
A 1 50 ASP 50 589 589 ASP ASP A . n 
A 1 51 ASN 51 590 590 ASN ASN A . n 
A 1 52 SER 52 591 591 SER SER A . n 
A 1 53 GLU 53 592 592 GLU GLU A . n 
A 1 54 LEU 54 593 593 LEU LEU A . n 
A 1 55 LEU 55 594 594 LEU LEU A . n 
A 1 56 HIS 56 595 595 HIS HIS A . n 
A 1 57 MET 57 596 596 MET MET A . n 
A 1 58 LEU 58 597 597 LEU LEU A . n 
A 1 59 GLU 59 598 598 GLU GLU A . n 
A 1 60 SER 60 599 599 SER SER A . n 
A 1 61 PRO 61 600 600 PRO PRO A . n 
A 1 62 GLU 62 601 601 GLU GLU A . n 
A 1 63 SER 63 602 602 SER SER A . n 
A 1 64 LEU 64 603 603 LEU LEU A . n 
A 1 65 ARG 65 604 604 ARG ARG A . n 
A 1 66 SER 66 605 605 SER SER A . n 
A 1 67 LYS 67 606 606 LYS LYS A . n 
A 1 68 VAL 68 607 607 VAL VAL A . n 
A 1 69 ASP 69 608 608 ASP ASP A . n 
A 1 70 GLU 70 609 609 GLU GLU A . n 
A 1 71 ALA 71 610 610 ALA ALA A . n 
A 1 72 VAL 72 611 611 VAL VAL A . n 
A 1 73 ALA 73 612 612 ALA ALA A . n 
A 1 74 VAL 74 613 613 VAL VAL A . n 
A 1 75 LEU 75 614 614 LEU LEU A . n 
A 1 76 GLN 76 615 615 GLN GLN A . n 
A 1 77 ALA 77 616 616 ALA ALA A . n 
A 1 78 HIS 78 617 617 HIS HIS A . n 
A 1 79 GLN 79 618 618 GLN GLN A . n 
A 1 80 ALA 80 619 ?   ?   ?   A . n 
A 1 81 LYS 81 620 ?   ?   ?   A . n 
A 1 82 GLU 82 621 ?   ?   ?   A . n 
B 2 1  GLU 1  55  55  GLU GLU B . n 
B 2 2  LEU 2  56  56  LEU LEU B . n 
B 2 3  ASN 3  57  57  ASN ASN B . n 
B 2 4  PRO 4  58  58  PRO PRO B . n 
B 2 5  ASN 5  59  59  ASN ASN B . n 
B 2 6  ALA 6  60  60  ALA ALA B . n 
B 2 7  GLU 7  61  61  GLU GLU B . n 
B 2 8  VAL 8  62  62  VAL VAL B . n 
B 2 9  TRP 9  63  63  TRP TRP B . n 
B 2 10 GLY 10 64  64  GLY GLY B . n 
B 2 11 ALA 11 65  65  ALA ALA B . n 
B 2 12 PRO 12 66  66  PRO PRO B . n 
B 2 13 VAL 13 67  67  VAL VAL B . n 
B 2 14 LEU 14 68  68  LEU LEU B . n 
B 2 15 HIS 15 69  69  HIS HIS B . n 
# 
loop_
_pdbx_nonpoly_scheme.asym_id 
_pdbx_nonpoly_scheme.entity_id 
_pdbx_nonpoly_scheme.mon_id 
_pdbx_nonpoly_scheme.ndb_seq_num 
_pdbx_nonpoly_scheme.pdb_seq_num 
_pdbx_nonpoly_scheme.auth_seq_num 
_pdbx_nonpoly_scheme.pdb_mon_id 
_pdbx_nonpoly_scheme.auth_mon_id 
_pdbx_nonpoly_scheme.pdb_strand_id 
_pdbx_nonpoly_scheme.pdb_ins_code 
C 3 HOH 1  1  1  HOH HOH A . 
C 3 HOH 2  3  3  HOH HOH A . 
C 3 HOH 3  4  4  HOH HOH A . 
C 3 HOH 4  6  6  HOH HOH A . 
C 3 HOH 5  7  7  HOH HOH A . 
C 3 HOH 6  8  8  HOH HOH A . 
C 3 HOH 7  10 10 HOH HOH A . 
C 3 HOH 8  11 11 HOH HOH A . 
C 3 HOH 9  12 12 HOH HOH A . 
C 3 HOH 10 14 14 HOH HOH A . 
C 3 HOH 11 15 15 HOH HOH A . 
C 3 HOH 12 16 16 HOH HOH A . 
C 3 HOH 13 17 17 HOH HOH A . 
C 3 HOH 14 18 18 HOH HOH A . 
C 3 HOH 15 21 21 HOH HOH A . 
C 3 HOH 16 22 22 HOH HOH A . 
C 3 HOH 17 23 23 HOH HOH A . 
C 3 HOH 18 24 24 HOH HOH A . 
C 3 HOH 19 26 26 HOH HOH A . 
C 3 HOH 20 27 27 HOH HOH A . 
C 3 HOH 21 28 28 HOH HOH A . 
C 3 HOH 22 29 29 HOH HOH A . 
C 3 HOH 23 32 32 HOH HOH A . 
C 3 HOH 24 33 33 HOH HOH A . 
C 3 HOH 25 34 34 HOH HOH A . 
C 3 HOH 26 35 35 HOH HOH A . 
C 3 HOH 27 36 36 HOH HOH A . 
C 3 HOH 28 37 37 HOH HOH A . 
C 3 HOH 29 38 38 HOH HOH A . 
C 3 HOH 30 40 40 HOH HOH A . 
C 3 HOH 31 41 41 HOH HOH A . 
C 3 HOH 32 42 42 HOH HOH A . 
C 3 HOH 33 43 43 HOH HOH A . 
C 3 HOH 34 44 44 HOH HOH A . 
C 3 HOH 35 45 45 HOH HOH A . 
C 3 HOH 36 46 46 HOH HOH A . 
C 3 HOH 37 47 47 HOH HOH A . 
C 3 HOH 38 48 48 HOH HOH A . 
C 3 HOH 39 49 49 HOH HOH A . 
C 3 HOH 40 50 50 HOH HOH A . 
C 3 HOH 41 51 51 HOH HOH A . 
C 3 HOH 42 52 52 HOH HOH A . 
C 3 HOH 43 53 53 HOH HOH A . 
C 3 HOH 44 54 54 HOH HOH A . 
C 3 HOH 45 56 56 HOH HOH A . 
C 3 HOH 46 58 58 HOH HOH A . 
C 3 HOH 47 60 60 HOH HOH A . 
C 3 HOH 48 61 61 HOH HOH A . 
C 3 HOH 49 64 64 HOH HOH A . 
C 3 HOH 50 65 65 HOH HOH A . 
C 3 HOH 51 66 66 HOH HOH A . 
C 3 HOH 52 68 68 HOH HOH A . 
C 3 HOH 53 69 69 HOH HOH A . 
C 3 HOH 54 73 73 HOH HOH A . 
C 3 HOH 55 74 74 HOH HOH A . 
C 3 HOH 56 76 76 HOH HOH A . 
C 3 HOH 57 77 77 HOH HOH A . 
C 3 HOH 58 78 78 HOH HOH A . 
C 3 HOH 59 79 79 HOH HOH A . 
C 3 HOH 60 80 80 HOH HOH A . 
C 3 HOH 61 85 85 HOH HOH A . 
C 3 HOH 62 86 86 HOH HOH A . 
C 3 HOH 63 87 87 HOH HOH A . 
C 3 HOH 64 88 88 HOH HOH A . 
C 3 HOH 65 89 89 HOH HOH A . 
C 3 HOH 66 92 92 HOH HOH A . 
D 3 HOH 1  2  2  HOH HOH B . 
D 3 HOH 2  5  5  HOH HOH B . 
D 3 HOH 3  9  9  HOH HOH B . 
D 3 HOH 4  13 13 HOH HOH B . 
D 3 HOH 5  19 19 HOH HOH B . 
D 3 HOH 6  20 20 HOH HOH B . 
D 3 HOH 7  25 25 HOH HOH B . 
D 3 HOH 8  30 30 HOH HOH B . 
D 3 HOH 9  31 31 HOH HOH B . 
D 3 HOH 10 70 70 HOH HOH B . 
D 3 HOH 11 71 59 HOH HOH B . 
D 3 HOH 12 72 62 HOH HOH B . 
D 3 HOH 13 73 67 HOH HOH B . 
D 3 HOH 14 84 84 HOH HOH B . 
D 3 HOH 15 90 90 HOH HOH B . 
D 3 HOH 16 93 93 HOH HOH B . 
# 
loop_
_software.name 
_software.classification 
_software.version 
_software.citation_id 
_software.pdbx_ordinal 
DNA    'data collection' .        ? 1 
PHASER phasing           .        ? 2 
REFMAC refinement        5.5.0109 ? 3 
XDS    'data reduction'  .        ? 4 
XDS    'data scaling'    .        ? 5 
# 
_cell.entry_id           3PTH 
_cell.length_a           29.150 
_cell.length_b           57.194 
_cell.length_c           59.514 
_cell.angle_alpha        90.00 
_cell.angle_beta         90.00 
_cell.angle_gamma        90.00 
_cell.Z_PDB              4 
_cell.pdbx_unique_axis   ? 
_cell.length_a_esd       ? 
_cell.length_b_esd       ? 
_cell.length_c_esd       ? 
_cell.angle_alpha_esd    ? 
_cell.angle_beta_esd     ? 
_cell.angle_gamma_esd    ? 
# 
_symmetry.entry_id                         3PTH 
_symmetry.space_group_name_H-M             'P 21 21 21' 
_symmetry.pdbx_full_space_group_name_H-M   ? 
_symmetry.cell_setting                     ? 
_symmetry.Int_Tables_number                19 
_symmetry.space_group_name_Hall            ? 
# 
_exptl.entry_id          3PTH 
_exptl.method            'X-RAY DIFFRACTION' 
_exptl.crystals_number   1 
# 
_exptl_crystal.id                    1 
_exptl_crystal.density_meas          ? 
_exptl_crystal.density_Matthews      2.35 
_exptl_crystal.density_percent_sol   47.56 
_exptl_crystal.description           ? 
_exptl_crystal.F_000                 ? 
_exptl_crystal.preparation           ? 
# 
_exptl_crystal_grow.crystal_id      1 
_exptl_crystal_grow.method          'VAPOR DIFFUSION' 
_exptl_crystal_grow.temp            289 
_exptl_crystal_grow.temp_details    ? 
_exptl_crystal_grow.pH              6.5 
_exptl_crystal_grow.pdbx_pH_range   ? 
_exptl_crystal_grow.pdbx_details    
;2 ul protein solution at 43 mg/ml containing the 1.5 fold molar amount of peptide ligand was mixed with 2ul reservoir solution containing 1.5M magnesium sulfate, pH 6.5, VAPOR DIFFUSION, temperature 289K
;
# 
_diffrn.id                     1 
_diffrn.ambient_temp           100 
_diffrn.ambient_temp_details   ? 
_diffrn.crystal_id             1 
# 
_diffrn_detector.diffrn_id              1 
_diffrn_detector.detector               CCD 
_diffrn_detector.type                   'ADSC QUANTUM 315r' 
_diffrn_detector.pdbx_collection_date   2010-09-14 
_diffrn_detector.details                ? 
# 
_diffrn_radiation.diffrn_id                        1 
_diffrn_radiation.wavelength_id                    1 
_diffrn_radiation.pdbx_monochromatic_or_laue_m_l   M 
_diffrn_radiation.monochromator                    ? 
_diffrn_radiation.pdbx_diffrn_protocol             'SINGLE WAVELENGTH' 
_diffrn_radiation.pdbx_scattering_type             x-ray 
# 
_diffrn_radiation_wavelength.id           1 
_diffrn_radiation_wavelength.wavelength   . 
_diffrn_radiation_wavelength.wt           1.0 
# 
_diffrn_source.diffrn_id                   1 
_diffrn_source.source                      SYNCHROTRON 
_diffrn_source.type                        'ESRF BEAMLINE ID14-4' 
_diffrn_source.pdbx_synchrotron_site       ESRF 
_diffrn_source.pdbx_synchrotron_beamline   ID14-4 
_diffrn_source.pdbx_wavelength             ? 
_diffrn_source.pdbx_wavelength_list        ? 
# 
_reflns.entry_id                     3PTH 
_reflns.observed_criterion_sigma_I   ? 
_reflns.observed_criterion_sigma_F   ? 
_reflns.d_resolution_low             41.24 
_reflns.d_resolution_high            1.70 
_reflns.number_obs                   11136 
_reflns.number_all                   11493 
_reflns.percent_possible_obs         96.9 
_reflns.pdbx_Rmerge_I_obs            ? 
_reflns.pdbx_Rsym_value              0.077 
_reflns.pdbx_netI_over_sigmaI        14.8 
_reflns.B_iso_Wilson_estimate        ? 
_reflns.pdbx_redundancy              3.68 
_reflns.R_free_details               ? 
_reflns.limit_h_max                  ? 
_reflns.limit_h_min                  ? 
_reflns.limit_k_max                  ? 
_reflns.limit_k_min                  ? 
_reflns.limit_l_max                  ? 
_reflns.limit_l_min                  ? 
_reflns.observed_criterion_F_max     ? 
_reflns.observed_criterion_F_min     ? 
_reflns.pdbx_chi_squared             ? 
_reflns.pdbx_scaling_rejects         ? 
_reflns.pdbx_ordinal                 1 
_reflns.pdbx_diffrn_id               1 
# 
_refine.pdbx_refine_id                           'X-RAY DIFFRACTION' 
_refine.entry_id                                 3PTH 
_refine.ls_number_reflns_obs                     10805 
_refine.ls_number_reflns_all                     ? 
_refine.pdbx_ls_sigma_I                          ? 
_refine.pdbx_ls_sigma_F                          . 
_refine.pdbx_data_cutoff_high_absF               ? 
_refine.pdbx_data_cutoff_low_absF                ? 
_refine.pdbx_data_cutoff_high_rms_absF           ? 
_refine.ls_d_res_low                             41.24 
_refine.ls_d_res_high                            1.70 
_refine.ls_percent_reflns_obs                    96.92 
_refine.ls_R_factor_obs                          0.17350 
_refine.ls_R_factor_all                          ? 
_refine.ls_R_factor_R_work                       0.17224 
_refine.ls_R_factor_R_free                       0.21786 
_refine.ls_R_factor_R_free_error                 ? 
_refine.ls_R_factor_R_free_error_details         ? 
_refine.ls_percent_reflns_R_free                 3.0 
_refine.ls_number_reflns_R_free                  329 
_refine.ls_number_parameters                     ? 
_refine.ls_number_restraints                     ? 
_refine.occupancy_min                            ? 
_refine.occupancy_max                            ? 
_refine.correlation_coeff_Fo_to_Fc               0.961 
_refine.correlation_coeff_Fo_to_Fc_free          0.939 
_refine.B_iso_mean                               22.173 
_refine.aniso_B[1][1]                            0.14 
_refine.aniso_B[2][2]                            -0.62 
_refine.aniso_B[3][3]                            0.48 
_refine.aniso_B[1][2]                            0.00 
_refine.aniso_B[1][3]                            0.00 
_refine.aniso_B[2][3]                            0.00 
_refine.solvent_model_details                    MASK 
_refine.solvent_model_param_ksol                 ? 
_refine.solvent_model_param_bsol                 ? 
_refine.pdbx_solvent_vdw_probe_radii             1.40 
_refine.pdbx_solvent_ion_probe_radii             0.80 
_refine.pdbx_solvent_shrinkage_radii             0.80 
_refine.pdbx_ls_cross_valid_method               THROUGHOUT 
_refine.details                                  'HYDROGENS HAVE BEEN ADDED IN THE RIDING POSITIONS' 
_refine.pdbx_starting_model                      ? 
_refine.pdbx_method_to_determine_struct          'MOLECULAR REPLACEMENT' 
_refine.pdbx_isotropic_thermal_model             ? 
_refine.pdbx_stereochemistry_target_values       'MAXIMUM LIKELIHOOD' 
_refine.pdbx_stereochem_target_val_spec_case     ? 
_refine.pdbx_R_Free_selection_details            RANDOM 
_refine.pdbx_overall_ESU_R                       0.133 
_refine.pdbx_overall_ESU_R_Free                  0.101 
_refine.overall_SU_ML                            0.070 
_refine.pdbx_overall_phase_error                 ? 
_refine.overall_SU_B                             4.874 
_refine.overall_SU_R_Cruickshank_DPI             ? 
_refine.pdbx_overall_SU_R_free_Cruickshank_DPI   ? 
_refine.pdbx_overall_SU_R_Blow_DPI               ? 
_refine.pdbx_overall_SU_R_free_Blow_DPI          ? 
_refine.ls_redundancy_reflns_obs                 ? 
_refine.B_iso_min                                ? 
_refine.B_iso_max                                ? 
_refine.overall_SU_R_free                        ? 
_refine.ls_wR_factor_R_free                      ? 
_refine.ls_wR_factor_R_work                      ? 
_refine.overall_FOM_free_R_set                   ? 
_refine.overall_FOM_work_R_set                   ? 
_refine.pdbx_diffrn_id                           1 
_refine.pdbx_TLS_residual_ADP_flag               ? 
# 
_refine_hist.pdbx_refine_id                   'X-RAY DIFFRACTION' 
_refine_hist.cycle_id                         LAST 
_refine_hist.pdbx_number_atoms_protein        687 
_refine_hist.pdbx_number_atoms_nucleic_acid   0 
_refine_hist.pdbx_number_atoms_ligand         0 
_refine_hist.number_atoms_solvent             82 
_refine_hist.number_atoms_total               769 
_refine_hist.d_res_high                       1.70 
_refine_hist.d_res_low                        41.24 
# 
loop_
_refine_ls_restr.type 
_refine_ls_restr.dev_ideal 
_refine_ls_restr.dev_ideal_target 
_refine_ls_restr.weight 
_refine_ls_restr.number 
_refine_ls_restr.pdbx_refine_id 
_refine_ls_restr.pdbx_restraint_function 
r_bond_refined_d             0.017  0.022  ? 700 'X-RAY DIFFRACTION' ? 
r_bond_other_d               ?      ?      ? ?   'X-RAY DIFFRACTION' ? 
r_angle_refined_deg          1.607  1.993  ? 950 'X-RAY DIFFRACTION' ? 
r_angle_other_deg            ?      ?      ? ?   'X-RAY DIFFRACTION' ? 
r_dihedral_angle_1_deg       4.815  5.000  ? 88  'X-RAY DIFFRACTION' ? 
r_dihedral_angle_2_deg       21.333 26.429 ? 28  'X-RAY DIFFRACTION' ? 
r_dihedral_angle_3_deg       15.627 15.000 ? 124 'X-RAY DIFFRACTION' ? 
r_dihedral_angle_4_deg       8.631  15.000 ? 2   'X-RAY DIFFRACTION' ? 
r_chiral_restr               0.123  0.200  ? 112 'X-RAY DIFFRACTION' ? 
r_gen_planes_refined         0.009  0.022  ? 511 'X-RAY DIFFRACTION' ? 
r_gen_planes_other           ?      ?      ? ?   'X-RAY DIFFRACTION' ? 
r_nbd_refined                ?      ?      ? ?   'X-RAY DIFFRACTION' ? 
r_nbd_other                  ?      ?      ? ?   'X-RAY DIFFRACTION' ? 
r_nbtor_refined              ?      ?      ? ?   'X-RAY DIFFRACTION' ? 
r_nbtor_other                ?      ?      ? ?   'X-RAY DIFFRACTION' ? 
r_xyhbond_nbd_refined        ?      ?      ? ?   'X-RAY DIFFRACTION' ? 
r_xyhbond_nbd_other          ?      ?      ? ?   'X-RAY DIFFRACTION' ? 
r_metal_ion_refined          ?      ?      ? ?   'X-RAY DIFFRACTION' ? 
r_metal_ion_other            ?      ?      ? ?   'X-RAY DIFFRACTION' ? 
r_symmetry_vdw_refined       ?      ?      ? ?   'X-RAY DIFFRACTION' ? 
r_symmetry_vdw_other         ?      ?      ? ?   'X-RAY DIFFRACTION' ? 
r_symmetry_hbond_refined     ?      ?      ? ?   'X-RAY DIFFRACTION' ? 
r_symmetry_hbond_other       ?      ?      ? ?   'X-RAY DIFFRACTION' ? 
r_symmetry_metal_ion_refined ?      ?      ? ?   'X-RAY DIFFRACTION' ? 
r_symmetry_metal_ion_other   ?      ?      ? ?   'X-RAY DIFFRACTION' ? 
r_mcbond_it                  1.575  1.500  ? 452 'X-RAY DIFFRACTION' ? 
r_mcbond_other               ?      ?      ? ?   'X-RAY DIFFRACTION' ? 
r_mcangle_it                 2.773  2.000  ? 726 'X-RAY DIFFRACTION' ? 
r_scbond_it                  4.422  3.000  ? 248 'X-RAY DIFFRACTION' ? 
r_scangle_it                 7.256  4.500  ? 224 'X-RAY DIFFRACTION' ? 
r_rigid_bond_restr           2.110  3.000  ? 700 'X-RAY DIFFRACTION' ? 
r_sphericity_free            ?      ?      ? ?   'X-RAY DIFFRACTION' ? 
r_sphericity_bonded          ?      ?      ? ?   'X-RAY DIFFRACTION' ? 
# 
_refine_ls_shell.pdbx_refine_id                   'X-RAY DIFFRACTION' 
_refine_ls_shell.pdbx_total_number_of_bins_used   20 
_refine_ls_shell.d_res_high                       1.70 
_refine_ls_shell.d_res_low                        1.743 
_refine_ls_shell.number_reflns_R_work             642 
_refine_ls_shell.R_factor_R_work                  0.262 
_refine_ls_shell.percent_reflns_obs               79.14 
_refine_ls_shell.R_factor_R_free                  0.298 
_refine_ls_shell.R_factor_R_free_error            ? 
_refine_ls_shell.percent_reflns_R_free            ? 
_refine_ls_shell.number_reflns_R_free             18 
_refine_ls_shell.number_reflns_all                ? 
_refine_ls_shell.R_factor_all                     ? 
_refine_ls_shell.redundancy_reflns_obs            ? 
_refine_ls_shell.number_reflns_obs                ? 
# 
_struct.entry_id                  3PTH 
_struct.title                     'The PABC1 MLLE domain bound to the variant PAM2 motif of LARP4B' 
_struct.pdbx_model_details        ? 
_struct.pdbx_CASP_flag            ? 
_struct.pdbx_model_type_details   ? 
# 
_struct_keywords.entry_id        3PTH 
_struct_keywords.pdbx_keywords   'RNA BINDING PROTEIN' 
_struct_keywords.text            'MLLE domain, RNA BINDING PROTEIN' 
# 
loop_
_struct_asym.id 
_struct_asym.pdbx_blank_PDB_chainid_flag 
_struct_asym.pdbx_modified 
_struct_asym.entity_id 
_struct_asym.details 
A N N 1 ? 
B N N 2 ? 
C N N 3 ? 
D N N 3 ? 
# 
loop_
_struct_ref.id 
_struct_ref.db_name 
_struct_ref.db_code 
_struct_ref.pdbx_db_accession 
_struct_ref.entity_id 
_struct_ref.pdbx_seq_one_letter_code 
_struct_ref.pdbx_align_begin 
_struct_ref.pdbx_db_isoform 
1 UNP PABP1_HUMAN P11940 1 EPLTASMLASAPPQEQKQMLGERLFPLIQAMHPTLAGKITGMLLEIDNSELLHMLESPESLRSKVDEAVAVLQAHQAKE 543 ? 
2 UNP LAR4B_HUMAN Q92615 2 ELNPNAEVWGAPVLH                                                                 55  ? 
# 
loop_
_struct_ref_seq.align_id 
_struct_ref_seq.ref_id 
_struct_ref_seq.pdbx_PDB_id_code 
_struct_ref_seq.pdbx_strand_id 
_struct_ref_seq.seq_align_beg 
_struct_ref_seq.pdbx_seq_align_beg_ins_code 
_struct_ref_seq.seq_align_end 
_struct_ref_seq.pdbx_seq_align_end_ins_code 
_struct_ref_seq.pdbx_db_accession 
_struct_ref_seq.db_align_beg 
_struct_ref_seq.pdbx_db_align_beg_ins_code 
_struct_ref_seq.db_align_end 
_struct_ref_seq.pdbx_db_align_end_ins_code 
_struct_ref_seq.pdbx_auth_seq_align_beg 
_struct_ref_seq.pdbx_auth_seq_align_end 
1 1 3PTH A 4 ? 82 ? P11940 543 ? 621 ? 543 621 
2 2 3PTH B 1 ? 15 ? Q92615 55  ? 69  ? 55  69  
# 
loop_
_struct_ref_seq_dif.align_id 
_struct_ref_seq_dif.pdbx_pdb_id_code 
_struct_ref_seq_dif.mon_id 
_struct_ref_seq_dif.pdbx_pdb_strand_id 
_struct_ref_seq_dif.seq_num 
_struct_ref_seq_dif.pdbx_pdb_ins_code 
_struct_ref_seq_dif.pdbx_seq_db_name 
_struct_ref_seq_dif.pdbx_seq_db_accession_code 
_struct_ref_seq_dif.db_mon_id 
_struct_ref_seq_dif.pdbx_seq_db_seq_num 
_struct_ref_seq_dif.details 
_struct_ref_seq_dif.pdbx_auth_seq_num 
_struct_ref_seq_dif.pdbx_ordinal 
1 3PTH GLY A 1 ? UNP P11940 ? ? 'expression tag' 540 1 
1 3PTH ALA A 2 ? UNP P11940 ? ? 'expression tag' 541 2 
1 3PTH MET A 3 ? UNP P11940 ? ? 'expression tag' 542 3 
# 
_pdbx_struct_assembly.id                   1 
_pdbx_struct_assembly.details              author_and_software_defined_assembly 
_pdbx_struct_assembly.method_details       PISA 
_pdbx_struct_assembly.oligomeric_details   dimeric 
_pdbx_struct_assembly.oligomeric_count     2 
# 
loop_
_pdbx_struct_assembly_prop.biol_id 
_pdbx_struct_assembly_prop.type 
_pdbx_struct_assembly_prop.value 
_pdbx_struct_assembly_prop.details 
1 'ABSA (A^2)' 1080 ? 
1 MORE         -8   ? 
1 'SSA (A^2)'  5900 ? 
# 
_pdbx_struct_assembly_gen.assembly_id       1 
_pdbx_struct_assembly_gen.oper_expression   1 
_pdbx_struct_assembly_gen.asym_id_list      A,B,C,D 
# 
_pdbx_struct_oper_list.id                   1 
_pdbx_struct_oper_list.type                 'identity operation' 
_pdbx_struct_oper_list.name                 1_555 
_pdbx_struct_oper_list.symmetry_operation   x,y,z 
_pdbx_struct_oper_list.matrix[1][1]         1.0000000000 
_pdbx_struct_oper_list.matrix[1][2]         0.0000000000 
_pdbx_struct_oper_list.matrix[1][3]         0.0000000000 
_pdbx_struct_oper_list.vector[1]            0.0000000000 
_pdbx_struct_oper_list.matrix[2][1]         0.0000000000 
_pdbx_struct_oper_list.matrix[2][2]         1.0000000000 
_pdbx_struct_oper_list.matrix[2][3]         0.0000000000 
_pdbx_struct_oper_list.vector[2]            0.0000000000 
_pdbx_struct_oper_list.matrix[3][1]         0.0000000000 
_pdbx_struct_oper_list.matrix[3][2]         0.0000000000 
_pdbx_struct_oper_list.matrix[3][3]         1.0000000000 
_pdbx_struct_oper_list.vector[3]            0.0000000000 
# 
_struct_biol.id        1 
_struct_biol.details   ? 
# 
loop_
_struct_conf.conf_type_id 
_struct_conf.id 
_struct_conf.pdbx_PDB_helix_id 
_struct_conf.beg_label_comp_id 
_struct_conf.beg_label_asym_id 
_struct_conf.beg_label_seq_id 
_struct_conf.pdbx_beg_PDB_ins_code 
_struct_conf.end_label_comp_id 
_struct_conf.end_label_asym_id 
_struct_conf.end_label_seq_id 
_struct_conf.pdbx_end_PDB_ins_code 
_struct_conf.beg_auth_comp_id 
_struct_conf.beg_auth_asym_id 
_struct_conf.beg_auth_seq_id 
_struct_conf.end_auth_comp_id 
_struct_conf.end_auth_asym_id 
_struct_conf.end_auth_seq_id 
_struct_conf.pdbx_PDB_helix_class 
_struct_conf.details 
_struct_conf.pdbx_PDB_helix_length 
HELX_P HELX_P1 1 THR A 7  ? ALA A 14 ? THR A 546 ALA A 553 1 ? 8  
HELX_P HELX_P2 2 PRO A 15 ? ALA A 33 ? PRO A 554 ALA A 572 1 ? 19 
HELX_P HELX_P3 3 LEU A 38 ? LEU A 47 ? LEU A 577 LEU A 586 1 ? 10 
HELX_P HELX_P4 4 ASP A 50 ? SER A 60 ? ASP A 589 SER A 599 1 ? 11 
HELX_P HELX_P5 5 SER A 60 ? ALA A 77 ? SER A 599 ALA A 616 1 ? 18 
# 
_struct_conf_type.id          HELX_P 
_struct_conf_type.criteria    ? 
_struct_conf_type.reference   ? 
# 
_pdbx_validate_close_contact.id               1 
_pdbx_validate_close_contact.PDB_model_num    1 
_pdbx_validate_close_contact.auth_atom_id_1   O 
_pdbx_validate_close_contact.auth_asym_id_1   A 
_pdbx_validate_close_contact.auth_comp_id_1   PRO 
_pdbx_validate_close_contact.auth_seq_id_1    555 
_pdbx_validate_close_contact.PDB_ins_code_1   ? 
_pdbx_validate_close_contact.label_alt_id_1   ? 
_pdbx_validate_close_contact.auth_atom_id_2   O 
_pdbx_validate_close_contact.auth_asym_id_2   A 
_pdbx_validate_close_contact.auth_comp_id_2   HOH 
_pdbx_validate_close_contact.auth_seq_id_2    79 
_pdbx_validate_close_contact.PDB_ins_code_2   ? 
_pdbx_validate_close_contact.label_alt_id_2   ? 
_pdbx_validate_close_contact.dist             2.17 
# 
loop_
_pdbx_unobs_or_zero_occ_residues.id 
_pdbx_unobs_or_zero_occ_residues.PDB_model_num 
_pdbx_unobs_or_zero_occ_residues.polymer_flag 
_pdbx_unobs_or_zero_occ_residues.occupancy_flag 
_pdbx_unobs_or_zero_occ_residues.auth_asym_id 
_pdbx_unobs_or_zero_occ_residues.auth_comp_id 
_pdbx_unobs_or_zero_occ_residues.auth_seq_id 
_pdbx_unobs_or_zero_occ_residues.PDB_ins_code 
_pdbx_unobs_or_zero_occ_residues.label_asym_id 
_pdbx_unobs_or_zero_occ_residues.label_comp_id 
_pdbx_unobs_or_zero_occ_residues.label_seq_id 
1 1 Y 1 A GLY 540 ? A GLY 1  
2 1 Y 1 A ALA 541 ? A ALA 2  
3 1 Y 1 A MET 542 ? A MET 3  
4 1 Y 1 A GLU 543 ? A GLU 4  
5 1 Y 1 A ALA 619 ? A ALA 80 
6 1 Y 1 A LYS 620 ? A LYS 81 
7 1 Y 1 A GLU 621 ? A GLU 82 
# 
loop_
_chem_comp_atom.comp_id 
_chem_comp_atom.atom_id 
_chem_comp_atom.type_symbol 
_chem_comp_atom.pdbx_aromatic_flag 
_chem_comp_atom.pdbx_stereo_config 
_chem_comp_atom.pdbx_ordinal 
ALA N    N N N 1   
ALA CA   C N S 2   
ALA C    C N N 3   
ALA O    O N N 4   
ALA CB   C N N 5   
ALA OXT  O N N 6   
ALA H    H N N 7   
ALA H2   H N N 8   
ALA HA   H N N 9   
ALA HB1  H N N 10  
ALA HB2  H N N 11  
ALA HB3  H N N 12  
ALA HXT  H N N 13  
ARG N    N N N 14  
ARG CA   C N S 15  
ARG C    C N N 16  
ARG O    O N N 17  
ARG CB   C N N 18  
ARG CG   C N N 19  
ARG CD   C N N 20  
ARG NE   N N N 21  
ARG CZ   C N N 22  
ARG NH1  N N N 23  
ARG NH2  N N N 24  
ARG OXT  O N N 25  
ARG H    H N N 26  
ARG H2   H N N 27  
ARG HA   H N N 28  
ARG HB2  H N N 29  
ARG HB3  H N N 30  
ARG HG2  H N N 31  
ARG HG3  H N N 32  
ARG HD2  H N N 33  
ARG HD3  H N N 34  
ARG HE   H N N 35  
ARG HH11 H N N 36  
ARG HH12 H N N 37  
ARG HH21 H N N 38  
ARG HH22 H N N 39  
ARG HXT  H N N 40  
ASN N    N N N 41  
ASN CA   C N S 42  
ASN C    C N N 43  
ASN O    O N N 44  
ASN CB   C N N 45  
ASN CG   C N N 46  
ASN OD1  O N N 47  
ASN ND2  N N N 48  
ASN OXT  O N N 49  
ASN H    H N N 50  
ASN H2   H N N 51  
ASN HA   H N N 52  
ASN HB2  H N N 53  
ASN HB3  H N N 54  
ASN HD21 H N N 55  
ASN HD22 H N N 56  
ASN HXT  H N N 57  
ASP N    N N N 58  
ASP CA   C N S 59  
ASP C    C N N 60  
ASP O    O N N 61  
ASP CB   C N N 62  
ASP CG   C N N 63  
ASP OD1  O N N 64  
ASP OD2  O N N 65  
ASP OXT  O N N 66  
ASP H    H N N 67  
ASP H2   H N N 68  
ASP HA   H N N 69  
ASP HB2  H N N 70  
ASP HB3  H N N 71  
ASP HD2  H N N 72  
ASP HXT  H N N 73  
GLN N    N N N 74  
GLN CA   C N S 75  
GLN C    C N N 76  
GLN O    O N N 77  
GLN CB   C N N 78  
GLN CG   C N N 79  
GLN CD   C N N 80  
GLN OE1  O N N 81  
GLN NE2  N N N 82  
GLN OXT  O N N 83  
GLN H    H N N 84  
GLN H2   H N N 85  
GLN HA   H N N 86  
GLN HB2  H N N 87  
GLN HB3  H N N 88  
GLN HG2  H N N 89  
GLN HG3  H N N 90  
GLN HE21 H N N 91  
GLN HE22 H N N 92  
GLN HXT  H N N 93  
GLU N    N N N 94  
GLU CA   C N S 95  
GLU C    C N N 96  
GLU O    O N N 97  
GLU CB   C N N 98  
GLU CG   C N N 99  
GLU CD   C N N 100 
GLU OE1  O N N 101 
GLU OE2  O N N 102 
GLU OXT  O N N 103 
GLU H    H N N 104 
GLU H2   H N N 105 
GLU HA   H N N 106 
GLU HB2  H N N 107 
GLU HB3  H N N 108 
GLU HG2  H N N 109 
GLU HG3  H N N 110 
GLU HE2  H N N 111 
GLU HXT  H N N 112 
GLY N    N N N 113 
GLY CA   C N N 114 
GLY C    C N N 115 
GLY O    O N N 116 
GLY OXT  O N N 117 
GLY H    H N N 118 
GLY H2   H N N 119 
GLY HA2  H N N 120 
GLY HA3  H N N 121 
GLY HXT  H N N 122 
HIS N    N N N 123 
HIS CA   C N S 124 
HIS C    C N N 125 
HIS O    O N N 126 
HIS CB   C N N 127 
HIS CG   C Y N 128 
HIS ND1  N Y N 129 
HIS CD2  C Y N 130 
HIS CE1  C Y N 131 
HIS NE2  N Y N 132 
HIS OXT  O N N 133 
HIS H    H N N 134 
HIS H2   H N N 135 
HIS HA   H N N 136 
HIS HB2  H N N 137 
HIS HB3  H N N 138 
HIS HD1  H N N 139 
HIS HD2  H N N 140 
HIS HE1  H N N 141 
HIS HE2  H N N 142 
HIS HXT  H N N 143 
HOH O    O N N 144 
HOH H1   H N N 145 
HOH H2   H N N 146 
ILE N    N N N 147 
ILE CA   C N S 148 
ILE C    C N N 149 
ILE O    O N N 150 
ILE CB   C N S 151 
ILE CG1  C N N 152 
ILE CG2  C N N 153 
ILE CD1  C N N 154 
ILE OXT  O N N 155 
ILE H    H N N 156 
ILE H2   H N N 157 
ILE HA   H N N 158 
ILE HB   H N N 159 
ILE HG12 H N N 160 
ILE HG13 H N N 161 
ILE HG21 H N N 162 
ILE HG22 H N N 163 
ILE HG23 H N N 164 
ILE HD11 H N N 165 
ILE HD12 H N N 166 
ILE HD13 H N N 167 
ILE HXT  H N N 168 
LEU N    N N N 169 
LEU CA   C N S 170 
LEU C    C N N 171 
LEU O    O N N 172 
LEU CB   C N N 173 
LEU CG   C N N 174 
LEU CD1  C N N 175 
LEU CD2  C N N 176 
LEU OXT  O N N 177 
LEU H    H N N 178 
LEU H2   H N N 179 
LEU HA   H N N 180 
LEU HB2  H N N 181 
LEU HB3  H N N 182 
LEU HG   H N N 183 
LEU HD11 H N N 184 
LEU HD12 H N N 185 
LEU HD13 H N N 186 
LEU HD21 H N N 187 
LEU HD22 H N N 188 
LEU HD23 H N N 189 
LEU HXT  H N N 190 
LYS N    N N N 191 
LYS CA   C N S 192 
LYS C    C N N 193 
LYS O    O N N 194 
LYS CB   C N N 195 
LYS CG   C N N 196 
LYS CD   C N N 197 
LYS CE   C N N 198 
LYS NZ   N N N 199 
LYS OXT  O N N 200 
LYS H    H N N 201 
LYS H2   H N N 202 
LYS HA   H N N 203 
LYS HB2  H N N 204 
LYS HB3  H N N 205 
LYS HG2  H N N 206 
LYS HG3  H N N 207 
LYS HD2  H N N 208 
LYS HD3  H N N 209 
LYS HE2  H N N 210 
LYS HE3  H N N 211 
LYS HZ1  H N N 212 
LYS HZ2  H N N 213 
LYS HZ3  H N N 214 
LYS HXT  H N N 215 
MET N    N N N 216 
MET CA   C N S 217 
MET C    C N N 218 
MET O    O N N 219 
MET CB   C N N 220 
MET CG   C N N 221 
MET SD   S N N 222 
MET CE   C N N 223 
MET OXT  O N N 224 
MET H    H N N 225 
MET H2   H N N 226 
MET HA   H N N 227 
MET HB2  H N N 228 
MET HB3  H N N 229 
MET HG2  H N N 230 
MET HG3  H N N 231 
MET HE1  H N N 232 
MET HE2  H N N 233 
MET HE3  H N N 234 
MET HXT  H N N 235 
PHE N    N N N 236 
PHE CA   C N S 237 
PHE C    C N N 238 
PHE O    O N N 239 
PHE CB   C N N 240 
PHE CG   C Y N 241 
PHE CD1  C Y N 242 
PHE CD2  C Y N 243 
PHE CE1  C Y N 244 
PHE CE2  C Y N 245 
PHE CZ   C Y N 246 
PHE OXT  O N N 247 
PHE H    H N N 248 
PHE H2   H N N 249 
PHE HA   H N N 250 
PHE HB2  H N N 251 
PHE HB3  H N N 252 
PHE HD1  H N N 253 
PHE HD2  H N N 254 
PHE HE1  H N N 255 
PHE HE2  H N N 256 
PHE HZ   H N N 257 
PHE HXT  H N N 258 
PRO N    N N N 259 
PRO CA   C N S 260 
PRO C    C N N 261 
PRO O    O N N 262 
PRO CB   C N N 263 
PRO CG   C N N 264 
PRO CD   C N N 265 
PRO OXT  O N N 266 
PRO H    H N N 267 
PRO HA   H N N 268 
PRO HB2  H N N 269 
PRO HB3  H N N 270 
PRO HG2  H N N 271 
PRO HG3  H N N 272 
PRO HD2  H N N 273 
PRO HD3  H N N 274 
PRO HXT  H N N 275 
SER N    N N N 276 
SER CA   C N S 277 
SER C    C N N 278 
SER O    O N N 279 
SER CB   C N N 280 
SER OG   O N N 281 
SER OXT  O N N 282 
SER H    H N N 283 
SER H2   H N N 284 
SER HA   H N N 285 
SER HB2  H N N 286 
SER HB3  H N N 287 
SER HG   H N N 288 
SER HXT  H N N 289 
THR N    N N N 290 
THR CA   C N S 291 
THR C    C N N 292 
THR O    O N N 293 
THR CB   C N R 294 
THR OG1  O N N 295 
THR CG2  C N N 296 
THR OXT  O N N 297 
THR H    H N N 298 
THR H2   H N N 299 
THR HA   H N N 300 
THR HB   H N N 301 
THR HG1  H N N 302 
THR HG21 H N N 303 
THR HG22 H N N 304 
THR HG23 H N N 305 
THR HXT  H N N 306 
TRP N    N N N 307 
TRP CA   C N S 308 
TRP C    C N N 309 
TRP O    O N N 310 
TRP CB   C N N 311 
TRP CG   C Y N 312 
TRP CD1  C Y N 313 
TRP CD2  C Y N 314 
TRP NE1  N Y N 315 
TRP CE2  C Y N 316 
TRP CE3  C Y N 317 
TRP CZ2  C Y N 318 
TRP CZ3  C Y N 319 
TRP CH2  C Y N 320 
TRP OXT  O N N 321 
TRP H    H N N 322 
TRP H2   H N N 323 
TRP HA   H N N 324 
TRP HB2  H N N 325 
TRP HB3  H N N 326 
TRP HD1  H N N 327 
TRP HE1  H N N 328 
TRP HE3  H N N 329 
TRP HZ2  H N N 330 
TRP HZ3  H N N 331 
TRP HH2  H N N 332 
TRP HXT  H N N 333 
VAL N    N N N 334 
VAL CA   C N S 335 
VAL C    C N N 336 
VAL O    O N N 337 
VAL CB   C N N 338 
VAL CG1  C N N 339 
VAL CG2  C N N 340 
VAL OXT  O N N 341 
VAL H    H N N 342 
VAL H2   H N N 343 
VAL HA   H N N 344 
VAL HB   H N N 345 
VAL HG11 H N N 346 
VAL HG12 H N N 347 
VAL HG13 H N N 348 
VAL HG21 H N N 349 
VAL HG22 H N N 350 
VAL HG23 H N N 351 
VAL HXT  H N N 352 
# 
loop_
_chem_comp_bond.comp_id 
_chem_comp_bond.atom_id_1 
_chem_comp_bond.atom_id_2 
_chem_comp_bond.value_order 
_chem_comp_bond.pdbx_aromatic_flag 
_chem_comp_bond.pdbx_stereo_config 
_chem_comp_bond.pdbx_ordinal 
ALA N   CA   sing N N 1   
ALA N   H    sing N N 2   
ALA N   H2   sing N N 3   
ALA CA  C    sing N N 4   
ALA CA  CB   sing N N 5   
ALA CA  HA   sing N N 6   
ALA C   O    doub N N 7   
ALA C   OXT  sing N N 8   
ALA CB  HB1  sing N N 9   
ALA CB  HB2  sing N N 10  
ALA CB  HB3  sing N N 11  
ALA OXT HXT  sing N N 12  
ARG N   CA   sing N N 13  
ARG N   H    sing N N 14  
ARG N   H2   sing N N 15  
ARG CA  C    sing N N 16  
ARG CA  CB   sing N N 17  
ARG CA  HA   sing N N 18  
ARG C   O    doub N N 19  
ARG C   OXT  sing N N 20  
ARG CB  CG   sing N N 21  
ARG CB  HB2  sing N N 22  
ARG CB  HB3  sing N N 23  
ARG CG  CD   sing N N 24  
ARG CG  HG2  sing N N 25  
ARG CG  HG3  sing N N 26  
ARG CD  NE   sing N N 27  
ARG CD  HD2  sing N N 28  
ARG CD  HD3  sing N N 29  
ARG NE  CZ   sing N N 30  
ARG NE  HE   sing N N 31  
ARG CZ  NH1  sing N N 32  
ARG CZ  NH2  doub N N 33  
ARG NH1 HH11 sing N N 34  
ARG NH1 HH12 sing N N 35  
ARG NH2 HH21 sing N N 36  
ARG NH2 HH22 sing N N 37  
ARG OXT HXT  sing N N 38  
ASN N   CA   sing N N 39  
ASN N   H    sing N N 40  
ASN N   H2   sing N N 41  
ASN CA  C    sing N N 42  
ASN CA  CB   sing N N 43  
ASN CA  HA   sing N N 44  
ASN C   O    doub N N 45  
ASN C   OXT  sing N N 46  
ASN CB  CG   sing N N 47  
ASN CB  HB2  sing N N 48  
ASN CB  HB3  sing N N 49  
ASN CG  OD1  doub N N 50  
ASN CG  ND2  sing N N 51  
ASN ND2 HD21 sing N N 52  
ASN ND2 HD22 sing N N 53  
ASN OXT HXT  sing N N 54  
ASP N   CA   sing N N 55  
ASP N   H    sing N N 56  
ASP N   H2   sing N N 57  
ASP CA  C    sing N N 58  
ASP CA  CB   sing N N 59  
ASP CA  HA   sing N N 60  
ASP C   O    doub N N 61  
ASP C   OXT  sing N N 62  
ASP CB  CG   sing N N 63  
ASP CB  HB2  sing N N 64  
ASP CB  HB3  sing N N 65  
ASP CG  OD1  doub N N 66  
ASP CG  OD2  sing N N 67  
ASP OD2 HD2  sing N N 68  
ASP OXT HXT  sing N N 69  
GLN N   CA   sing N N 70  
GLN N   H    sing N N 71  
GLN N   H2   sing N N 72  
GLN CA  C    sing N N 73  
GLN CA  CB   sing N N 74  
GLN CA  HA   sing N N 75  
GLN C   O    doub N N 76  
GLN C   OXT  sing N N 77  
GLN CB  CG   sing N N 78  
GLN CB  HB2  sing N N 79  
GLN CB  HB3  sing N N 80  
GLN CG  CD   sing N N 81  
GLN CG  HG2  sing N N 82  
GLN CG  HG3  sing N N 83  
GLN CD  OE1  doub N N 84  
GLN CD  NE2  sing N N 85  
GLN NE2 HE21 sing N N 86  
GLN NE2 HE22 sing N N 87  
GLN OXT HXT  sing N N 88  
GLU N   CA   sing N N 89  
GLU N   H    sing N N 90  
GLU N   H2   sing N N 91  
GLU CA  C    sing N N 92  
GLU CA  CB   sing N N 93  
GLU CA  HA   sing N N 94  
GLU C   O    doub N N 95  
GLU C   OXT  sing N N 96  
GLU CB  CG   sing N N 97  
GLU CB  HB2  sing N N 98  
GLU CB  HB3  sing N N 99  
GLU CG  CD   sing N N 100 
GLU CG  HG2  sing N N 101 
GLU CG  HG3  sing N N 102 
GLU CD  OE1  doub N N 103 
GLU CD  OE2  sing N N 104 
GLU OE2 HE2  sing N N 105 
GLU OXT HXT  sing N N 106 
GLY N   CA   sing N N 107 
GLY N   H    sing N N 108 
GLY N   H2   sing N N 109 
GLY CA  C    sing N N 110 
GLY CA  HA2  sing N N 111 
GLY CA  HA3  sing N N 112 
GLY C   O    doub N N 113 
GLY C   OXT  sing N N 114 
GLY OXT HXT  sing N N 115 
HIS N   CA   sing N N 116 
HIS N   H    sing N N 117 
HIS N   H2   sing N N 118 
HIS CA  C    sing N N 119 
HIS CA  CB   sing N N 120 
HIS CA  HA   sing N N 121 
HIS C   O    doub N N 122 
HIS C   OXT  sing N N 123 
HIS CB  CG   sing N N 124 
HIS CB  HB2  sing N N 125 
HIS CB  HB3  sing N N 126 
HIS CG  ND1  sing Y N 127 
HIS CG  CD2  doub Y N 128 
HIS ND1 CE1  doub Y N 129 
HIS ND1 HD1  sing N N 130 
HIS CD2 NE2  sing Y N 131 
HIS CD2 HD2  sing N N 132 
HIS CE1 NE2  sing Y N 133 
HIS CE1 HE1  sing N N 134 
HIS NE2 HE2  sing N N 135 
HIS OXT HXT  sing N N 136 
HOH O   H1   sing N N 137 
HOH O   H2   sing N N 138 
ILE N   CA   sing N N 139 
ILE N   H    sing N N 140 
ILE N   H2   sing N N 141 
ILE CA  C    sing N N 142 
ILE CA  CB   sing N N 143 
ILE CA  HA   sing N N 144 
ILE C   O    doub N N 145 
ILE C   OXT  sing N N 146 
ILE CB  CG1  sing N N 147 
ILE CB  CG2  sing N N 148 
ILE CB  HB   sing N N 149 
ILE CG1 CD1  sing N N 150 
ILE CG1 HG12 sing N N 151 
ILE CG1 HG13 sing N N 152 
ILE CG2 HG21 sing N N 153 
ILE CG2 HG22 sing N N 154 
ILE CG2 HG23 sing N N 155 
ILE CD1 HD11 sing N N 156 
ILE CD1 HD12 sing N N 157 
ILE CD1 HD13 sing N N 158 
ILE OXT HXT  sing N N 159 
LEU N   CA   sing N N 160 
LEU N   H    sing N N 161 
LEU N   H2   sing N N 162 
LEU CA  C    sing N N 163 
LEU CA  CB   sing N N 164 
LEU CA  HA   sing N N 165 
LEU C   O    doub N N 166 
LEU C   OXT  sing N N 167 
LEU CB  CG   sing N N 168 
LEU CB  HB2  sing N N 169 
LEU CB  HB3  sing N N 170 
LEU CG  CD1  sing N N 171 
LEU CG  CD2  sing N N 172 
LEU CG  HG   sing N N 173 
LEU CD1 HD11 sing N N 174 
LEU CD1 HD12 sing N N 175 
LEU CD1 HD13 sing N N 176 
LEU CD2 HD21 sing N N 177 
LEU CD2 HD22 sing N N 178 
LEU CD2 HD23 sing N N 179 
LEU OXT HXT  sing N N 180 
LYS N   CA   sing N N 181 
LYS N   H    sing N N 182 
LYS N   H2   sing N N 183 
LYS CA  C    sing N N 184 
LYS CA  CB   sing N N 185 
LYS CA  HA   sing N N 186 
LYS C   O    doub N N 187 
LYS C   OXT  sing N N 188 
LYS CB  CG   sing N N 189 
LYS CB  HB2  sing N N 190 
LYS CB  HB3  sing N N 191 
LYS CG  CD   sing N N 192 
LYS CG  HG2  sing N N 193 
LYS CG  HG3  sing N N 194 
LYS CD  CE   sing N N 195 
LYS CD  HD2  sing N N 196 
LYS CD  HD3  sing N N 197 
LYS CE  NZ   sing N N 198 
LYS CE  HE2  sing N N 199 
LYS CE  HE3  sing N N 200 
LYS NZ  HZ1  sing N N 201 
LYS NZ  HZ2  sing N N 202 
LYS NZ  HZ3  sing N N 203 
LYS OXT HXT  sing N N 204 
MET N   CA   sing N N 205 
MET N   H    sing N N 206 
MET N   H2   sing N N 207 
MET CA  C    sing N N 208 
MET CA  CB   sing N N 209 
MET CA  HA   sing N N 210 
MET C   O    doub N N 211 
MET C   OXT  sing N N 212 
MET CB  CG   sing N N 213 
MET CB  HB2  sing N N 214 
MET CB  HB3  sing N N 215 
MET CG  SD   sing N N 216 
MET CG  HG2  sing N N 217 
MET CG  HG3  sing N N 218 
MET SD  CE   sing N N 219 
MET CE  HE1  sing N N 220 
MET CE  HE2  sing N N 221 
MET CE  HE3  sing N N 222 
MET OXT HXT  sing N N 223 
PHE N   CA   sing N N 224 
PHE N   H    sing N N 225 
PHE N   H2   sing N N 226 
PHE CA  C    sing N N 227 
PHE CA  CB   sing N N 228 
PHE CA  HA   sing N N 229 
PHE C   O    doub N N 230 
PHE C   OXT  sing N N 231 
PHE CB  CG   sing N N 232 
PHE CB  HB2  sing N N 233 
PHE CB  HB3  sing N N 234 
PHE CG  CD1  doub Y N 235 
PHE CG  CD2  sing Y N 236 
PHE CD1 CE1  sing Y N 237 
PHE CD1 HD1  sing N N 238 
PHE CD2 CE2  doub Y N 239 
PHE CD2 HD2  sing N N 240 
PHE CE1 CZ   doub Y N 241 
PHE CE1 HE1  sing N N 242 
PHE CE2 CZ   sing Y N 243 
PHE CE2 HE2  sing N N 244 
PHE CZ  HZ   sing N N 245 
PHE OXT HXT  sing N N 246 
PRO N   CA   sing N N 247 
PRO N   CD   sing N N 248 
PRO N   H    sing N N 249 
PRO CA  C    sing N N 250 
PRO CA  CB   sing N N 251 
PRO CA  HA   sing N N 252 
PRO C   O    doub N N 253 
PRO C   OXT  sing N N 254 
PRO CB  CG   sing N N 255 
PRO CB  HB2  sing N N 256 
PRO CB  HB3  sing N N 257 
PRO CG  CD   sing N N 258 
PRO CG  HG2  sing N N 259 
PRO CG  HG3  sing N N 260 
PRO CD  HD2  sing N N 261 
PRO CD  HD3  sing N N 262 
PRO OXT HXT  sing N N 263 
SER N   CA   sing N N 264 
SER N   H    sing N N 265 
SER N   H2   sing N N 266 
SER CA  C    sing N N 267 
SER CA  CB   sing N N 268 
SER CA  HA   sing N N 269 
SER C   O    doub N N 270 
SER C   OXT  sing N N 271 
SER CB  OG   sing N N 272 
SER CB  HB2  sing N N 273 
SER CB  HB3  sing N N 274 
SER OG  HG   sing N N 275 
SER OXT HXT  sing N N 276 
THR N   CA   sing N N 277 
THR N   H    sing N N 278 
THR N   H2   sing N N 279 
THR CA  C    sing N N 280 
THR CA  CB   sing N N 281 
THR CA  HA   sing N N 282 
THR C   O    doub N N 283 
THR C   OXT  sing N N 284 
THR CB  OG1  sing N N 285 
THR CB  CG2  sing N N 286 
THR CB  HB   sing N N 287 
THR OG1 HG1  sing N N 288 
THR CG2 HG21 sing N N 289 
THR CG2 HG22 sing N N 290 
THR CG2 HG23 sing N N 291 
THR OXT HXT  sing N N 292 
TRP N   CA   sing N N 293 
TRP N   H    sing N N 294 
TRP N   H2   sing N N 295 
TRP CA  C    sing N N 296 
TRP CA  CB   sing N N 297 
TRP CA  HA   sing N N 298 
TRP C   O    doub N N 299 
TRP C   OXT  sing N N 300 
TRP CB  CG   sing N N 301 
TRP CB  HB2  sing N N 302 
TRP CB  HB3  sing N N 303 
TRP CG  CD1  doub Y N 304 
TRP CG  CD2  sing Y N 305 
TRP CD1 NE1  sing Y N 306 
TRP CD1 HD1  sing N N 307 
TRP CD2 CE2  doub Y N 308 
TRP CD2 CE3  sing Y N 309 
TRP NE1 CE2  sing Y N 310 
TRP NE1 HE1  sing N N 311 
TRP CE2 CZ2  sing Y N 312 
TRP CE3 CZ3  doub Y N 313 
TRP CE3 HE3  sing N N 314 
TRP CZ2 CH2  doub Y N 315 
TRP CZ2 HZ2  sing N N 316 
TRP CZ3 CH2  sing Y N 317 
TRP CZ3 HZ3  sing N N 318 
TRP CH2 HH2  sing N N 319 
TRP OXT HXT  sing N N 320 
VAL N   CA   sing N N 321 
VAL N   H    sing N N 322 
VAL N   H2   sing N N 323 
VAL CA  C    sing N N 324 
VAL CA  CB   sing N N 325 
VAL CA  HA   sing N N 326 
VAL C   O    doub N N 327 
VAL C   OXT  sing N N 328 
VAL CB  CG1  sing N N 329 
VAL CB  CG2  sing N N 330 
VAL CB  HB   sing N N 331 
VAL CG1 HG11 sing N N 332 
VAL CG1 HG12 sing N N 333 
VAL CG1 HG13 sing N N 334 
VAL CG2 HG21 sing N N 335 
VAL CG2 HG22 sing N N 336 
VAL CG2 HG23 sing N N 337 
VAL OXT HXT  sing N N 338 
# 
_atom_sites.entry_id                    3PTH 
_atom_sites.fract_transf_matrix[1][1]   -0.01888295 
_atom_sites.fract_transf_matrix[1][2]   0.00265235 
_atom_sites.fract_transf_matrix[1][3]   -0.02851723 
_atom_sites.fract_transf_matrix[2][1]   0.01412799 
_atom_sites.fract_transf_matrix[2][2]   0.00523975 
_atom_sites.fract_transf_matrix[2][3]   -0.00886764 
_atom_sites.fract_transf_matrix[3][1]   0.00352716 
_atom_sites.fract_transf_matrix[3][2]   -0.01597796 
_atom_sites.fract_transf_matrix[3][3]   -0.00382163 
_atom_sites.fract_transf_vector[1]      -0.117957 
_atom_sites.fract_transf_vector[2]      0.105761 
_atom_sites.fract_transf_vector[3]      -0.125161 
# 
loop_
_atom_type.symbol 
C 
N 
O 
S 
# 
loop_
_atom_site.group_PDB 
_atom_site.id 
_atom_site.type_symbol 
_atom_site.label_atom_id 
_atom_site.label_alt_id 
_atom_site.label_comp_id 
_atom_site.label_asym_id 
_atom_site.label_entity_id 
_atom_site.label_seq_id 
_atom_site.pdbx_PDB_ins_code 
_atom_site.Cartn_x 
_atom_site.Cartn_y 
_atom_site.Cartn_z 
_atom_site.occupancy 
_atom_site.B_iso_or_equiv 
_atom_site.pdbx_formal_charge 
_atom_site.auth_seq_id 
_atom_site.auth_comp_id 
_atom_site.auth_asym_id 
_atom_site.auth_atom_id 
_atom_site.pdbx_PDB_model_num 
ATOM   1   N N   . PRO A 1 5  ? -11.910 -10.473 -2.001  1.00 40.98 ? 544 PRO A N   1 
ATOM   2   C CA  . PRO A 1 5  ? -12.417 -9.369  -2.838  1.00 40.10 ? 544 PRO A CA  1 
ATOM   3   C C   . PRO A 1 5  ? -13.182 -8.298  -1.996  1.00 38.94 ? 544 PRO A C   1 
ATOM   4   O O   . PRO A 1 5  ? -14.289 -8.564  -1.502  1.00 39.28 ? 544 PRO A O   1 
ATOM   5   C CB  . PRO A 1 5  ? -13.298 -10.071 -3.877  1.00 40.30 ? 544 PRO A CB  1 
ATOM   6   C CG  . PRO A 1 5  ? -13.581 -11.452 -3.313  1.00 41.28 ? 544 PRO A CG  1 
ATOM   7   C CD  . PRO A 1 5  ? -12.655 -11.736 -2.175  1.00 41.44 ? 544 PRO A CD  1 
ATOM   8   N N   . LEU A 1 6  ? -12.571 -7.105  -1.853  1.00 36.66 ? 545 LEU A N   1 
ATOM   9   C CA  . LEU A 1 6  ? -12.906 -6.154  -0.774  1.00 33.64 ? 545 LEU A CA  1 
ATOM   10  C C   . LEU A 1 6  ? -13.895 -5.054  -1.135  1.00 32.07 ? 545 LEU A C   1 
ATOM   11  O O   . LEU A 1 6  ? -13.596 -4.205  -1.999  1.00 32.39 ? 545 LEU A O   1 
ATOM   12  C CB  . LEU A 1 6  ? -11.632 -5.471  -0.246  1.00 33.63 ? 545 LEU A CB  1 
ATOM   13  C CG  . LEU A 1 6  ? -11.191 -5.717  1.187   1.00 33.99 ? 545 LEU A CG  1 
ATOM   14  C CD1 . LEU A 1 6  ? -10.052 -4.777  1.616   1.00 31.08 ? 545 LEU A CD1 1 
ATOM   15  C CD2 . LEU A 1 6  ? -12.388 -5.571  2.094   1.00 34.74 ? 545 LEU A CD2 1 
ATOM   16  N N   . THR A 1 7  ? -15.035 -5.007  -0.435  1.00 29.29 ? 546 THR A N   1 
ATOM   17  C CA  . THR A 1 7  ? -15.934 -3.854  -0.590  1.00 26.51 ? 546 THR A CA  1 
ATOM   18  C C   . THR A 1 7  ? -15.725 -2.854  0.546   1.00 24.37 ? 546 THR A C   1 
ATOM   19  O O   . THR A 1 7  ? -15.175 -3.218  1.596   1.00 22.00 ? 546 THR A O   1 
ATOM   20  C CB  . THR A 1 7  ? -17.416 -4.266  -0.606  1.00 26.77 ? 546 THR A CB  1 
ATOM   21  O OG1 . THR A 1 7  ? -17.779 -4.781  0.682   1.00 26.94 ? 546 THR A OG1 1 
ATOM   22  C CG2 . THR A 1 7  ? -17.660 -5.345  -1.671  1.00 28.36 ? 546 THR A CG2 1 
ATOM   23  N N   . ALA A 1 8  ? -16.186 -1.617  0.324   1.00 22.64 ? 547 ALA A N   1 
ATOM   24  C CA  . ALA A 1 8  ? -16.103 -0.542  1.331   1.00 21.14 ? 547 ALA A CA  1 
ATOM   25  C C   . ALA A 1 8  ? -16.855 -0.952  2.583   1.00 20.58 ? 547 ALA A C   1 
ATOM   26  O O   . ALA A 1 8  ? -16.393 -0.712  3.700   1.00 19.77 ? 547 ALA A O   1 
ATOM   27  C CB  . ALA A 1 8  ? -16.670 0.750   0.800   1.00 21.49 ? 547 ALA A CB  1 
ATOM   28  N N   . SER A 1 9  ? -18.011 -1.578  2.374   1.00 20.13 ? 548 SER A N   1 
ATOM   29  C CA  . SER A 1 9  ? -18.826 -2.071  3.474   1.00 20.44 ? 548 SER A CA  1 
ATOM   30  C C   . SER A 1 9  ? -18.146 -3.114  4.355   1.00 19.86 ? 548 SER A C   1 
ATOM   31  O O   . SER A 1 9  ? -18.204 -3.047  5.584   1.00 18.84 ? 548 SER A O   1 
ATOM   32  C CB  . SER A 1 9  ? -20.142 -2.609  2.930   1.00 21.17 ? 548 SER A CB  1 
ATOM   33  O OG  . SER A 1 9  ? -20.928 -1.504  2.539   1.00 25.20 ? 548 SER A OG  1 
ATOM   34  N N   . MET A 1 10 ? -17.496 -4.085  3.730   1.00 20.23 ? 549 MET A N   1 
ATOM   35  C CA  . MET A 1 10 ? -16.772 -5.085  4.497   1.00 20.99 ? 549 MET A CA  1 
ATOM   36  C C   . MET A 1 10 ? -15.598 -4.456  5.238   1.00 19.96 ? 549 MET A C   1 
ATOM   37  O O   . MET A 1 10 ? -15.418 -4.698  6.409   1.00 19.57 ? 549 MET A O   1 
ATOM   38  C CB  . MET A 1 10 ? -16.348 -6.250  3.600   1.00 22.54 ? 549 MET A CB  1 
ATOM   39  C CG  . MET A 1 10 ? -15.507 -7.336  4.245   1.00 29.17 ? 549 MET A CG  1 
ATOM   40  S SD  . MET A 1 10 ? -14.751 -8.368  2.938   1.00 42.74 ? 549 MET A SD  1 
ATOM   41  C CE  . MET A 1 10 ? -15.871 -8.140  1.523   1.00 40.96 ? 549 MET A CE  1 
ATOM   42  N N   . LEU A 1 11 ? -14.832 -3.604  4.574   1.00 19.28 ? 550 LEU A N   1 
ATOM   43  C CA  . LEU A 1 11 ? -13.693 -2.956  5.234   1.00 19.06 ? 550 LEU A CA  1 
ATOM   44  C C   . LEU A 1 11 ? -14.121 -2.076  6.421   1.00 19.29 ? 550 LEU A C   1 
ATOM   45  O O   . LEU A 1 11 ? -13.508 -2.138  7.502   1.00 19.62 ? 550 LEU A O   1 
ATOM   46  C CB  . LEU A 1 11 ? -12.924 -2.101  4.213   1.00 19.44 ? 550 LEU A CB  1 
ATOM   47  C CG  . LEU A 1 11 ? -11.409 -1.817  4.273   1.00 21.16 ? 550 LEU A CG  1 
ATOM   48  C CD1 . LEU A 1 11 ? -11.059 -0.365  4.082   1.00 19.26 ? 550 LEU A CD1 1 
ATOM   49  C CD2 . LEU A 1 11 ? -10.601 -2.468  5.366   1.00 21.55 ? 550 LEU A CD2 1 
ATOM   50  N N   . ALA A 1 12 ? -15.171 -1.271  6.225   1.00 18.69 ? 551 ALA A N   1 
ATOM   51  C CA  . ALA A 1 12 ? -15.575 -0.307  7.254   1.00 19.25 ? 551 ALA A CA  1 
ATOM   52  C C   . ALA A 1 12 ? -16.115 -1.025  8.508   1.00 20.72 ? 551 ALA A C   1 
ATOM   53  O O   . ALA A 1 12 ? -16.026 -0.498  9.617   1.00 20.79 ? 551 ALA A O   1 
ATOM   54  C CB  . ALA A 1 12 ? -16.597 0.652   6.699   1.00 19.47 ? 551 ALA A CB  1 
ATOM   55  N N   . SER A 1 13 ? -16.648 -2.235  8.332   1.00 21.18 ? 552 SER A N   1 
ATOM   56  C CA  . SER A 1 13 ? -17.169 -2.952  9.498   1.00 24.21 ? 552 SER A CA  1 
ATOM   57  C C   . SER A 1 13 ? -16.087 -3.614  10.324  1.00 25.36 ? 552 SER A C   1 
ATOM   58  O O   . SER A 1 13 ? -16.311 -3.864  11.483  1.00 26.35 ? 552 SER A O   1 
ATOM   59  C CB  . SER A 1 13 ? -18.248 -3.962  9.139   1.00 24.86 ? 552 SER A CB  1 
ATOM   60  O OG  . SER A 1 13 ? -17.712 -4.979  8.317   1.00 28.09 ? 552 SER A OG  1 
ATOM   61  N N   . ALA A 1 14 ? -14.926 -3.896  9.725   1.00 26.45 ? 553 ALA A N   1 
ATOM   62  C CA  . ALA A 1 14 ? -13.764 -4.406  10.451  1.00 27.91 ? 553 ALA A CA  1 
ATOM   63  C C   . ALA A 1 14 ? -13.249 -3.358  11.413  1.00 29.07 ? 553 ALA A C   1 
ATOM   64  O O   . ALA A 1 14 ? -13.363 -2.164  11.139  1.00 29.03 ? 553 ALA A O   1 
ATOM   65  C CB  . ALA A 1 14 ? -12.658 -4.796  9.464   1.00 26.68 ? 553 ALA A CB  1 
ATOM   66  N N   . PRO A 1 15 ? -12.634 -3.791  12.528  1.00 31.47 ? 554 PRO A N   1 
ATOM   67  C CA  . PRO A 1 15 ? -12.110 -2.827  13.498  1.00 33.41 ? 554 PRO A CA  1 
ATOM   68  C C   . PRO A 1 15 ? -11.051 -1.893  12.908  1.00 35.38 ? 554 PRO A C   1 
ATOM   69  O O   . PRO A 1 15 ? -10.156 -2.360  12.196  1.00 35.57 ? 554 PRO A O   1 
ATOM   70  C CB  . PRO A 1 15 ? -11.492 -3.712  14.574  1.00 33.32 ? 554 PRO A CB  1 
ATOM   71  C CG  . PRO A 1 15 ? -12.061 -5.068  14.337  1.00 33.27 ? 554 PRO A CG  1 
ATOM   72  C CD  . PRO A 1 15 ? -12.312 -5.178  12.899  1.00 31.74 ? 554 PRO A CD  1 
ATOM   73  N N   . PRO A 1 16 ? -11.137 -0.579  13.203  1.00 37.15 ? 555 PRO A N   1 
ATOM   74  C CA  . PRO A 1 16 ? -10.222 0.342   12.549  1.00 38.35 ? 555 PRO A CA  1 
ATOM   75  C C   . PRO A 1 16 ? -8.806  -0.157  12.640  1.00 38.95 ? 555 PRO A C   1 
ATOM   76  O O   . PRO A 1 16 ? -8.030  0.003   11.711  1.00 39.41 ? 555 PRO A O   1 
ATOM   77  C CB  . PRO A 1 16 ? -10.424 1.640   13.337  1.00 38.36 ? 555 PRO A CB  1 
ATOM   78  C CG  . PRO A 1 16 ? -11.890 1.616   13.577  1.00 38.43 ? 555 PRO A CG  1 
ATOM   79  C CD  . PRO A 1 16 ? -12.099 0.159   14.045  1.00 37.96 ? 555 PRO A CD  1 
ATOM   80  N N   . GLN A 1 17 ? -8.496  -0.818  13.744  1.00 39.72 ? 556 GLN A N   1 
ATOM   81  C CA  . GLN A 1 17 ? -7.155  -1.362  13.940  1.00 39.58 ? 556 GLN A CA  1 
ATOM   82  C C   . GLN A 1 17 ? -6.699  -2.503  12.987  1.00 37.67 ? 556 GLN A C   1 
ATOM   83  O O   . GLN A 1 17 ? -5.511  -2.786  12.950  1.00 38.73 ? 556 GLN A O   1 
ATOM   84  C CB  . GLN A 1 17 ? -6.923  -1.728  15.428  1.00 40.36 ? 556 GLN A CB  1 
ATOM   85  C CG  . GLN A 1 17 ? -7.676  -2.954  15.928  1.00 43.90 ? 556 GLN A CG  1 
ATOM   86  C CD  . GLN A 1 17 ? -8.893  -2.581  16.741  1.00 48.07 ? 556 GLN A CD  1 
ATOM   87  O OE1 . GLN A 1 17 ? -9.267  -1.402  16.831  1.00 51.33 ? 556 GLN A OE1 1 
ATOM   88  N NE2 . GLN A 1 17 ? -9.519  -3.581  17.351  1.00 50.09 ? 556 GLN A NE2 1 
ATOM   89  N N   . GLU A 1 18 ? -7.611  -3.156  12.252  1.00 34.71 ? 557 GLU A N   1 
ATOM   90  C CA  . GLU A 1 18 ? -7.257  -4.254  11.321  1.00 31.43 ? 557 GLU A CA  1 
ATOM   91  C C   . GLU A 1 18 ? -7.474  -3.879  9.835   1.00 28.38 ? 557 GLU A C   1 
ATOM   92  O O   . GLU A 1 18 ? -7.202  -4.682  8.923   1.00 26.55 ? 557 GLU A O   1 
ATOM   93  C CB  . GLU A 1 18 ? -8.132  -5.477  11.573  1.00 32.55 ? 557 GLU A CB  1 
ATOM   94  C CG  . GLU A 1 18 ? -8.230  -6.003  13.010  1.00 37.91 ? 557 GLU A CG  1 
ATOM   95  C CD  . GLU A 1 18 ? -9.212  -7.213  13.117  1.00 44.46 ? 557 GLU A CD  1 
ATOM   96  O OE1 . GLU A 1 18 ? -9.308  -7.819  14.224  1.00 47.52 ? 557 GLU A OE1 1 
ATOM   97  O OE2 . GLU A 1 18 ? -9.886  -7.554  12.091  1.00 47.10 ? 557 GLU A OE2 1 
ATOM   98  N N   . GLN A 1 19 ? -8.031  -2.689  9.602   1.00 25.06 ? 558 GLN A N   1 
ATOM   99  C CA  . GLN A 1 19 ? -8.377  -2.260  8.234   1.00 22.14 ? 558 GLN A CA  1 
ATOM   100 C C   . GLN A 1 19 ? -7.119  -2.114  7.380   1.00 20.29 ? 558 GLN A C   1 
ATOM   101 O O   . GLN A 1 19 ? -7.093  -2.522  6.222   1.00 17.77 ? 558 GLN A O   1 
ATOM   102 C CB  . GLN A 1 19 ? -9.176  -0.951  8.245   1.00 21.45 ? 558 GLN A CB  1 
ATOM   103 C CG  . GLN A 1 19 ? -10.583 -1.101  8.844   1.00 21.61 ? 558 GLN A CG  1 
ATOM   104 C CD  . GLN A 1 19 ? -11.352 0.192   8.899   1.00 23.06 ? 558 GLN A CD  1 
ATOM   105 O OE1 . GLN A 1 19 ? -10.954 1.191   8.334   1.00 27.34 ? 558 GLN A OE1 1 
ATOM   106 N NE2 . GLN A 1 19 ? -12.447 0.184   9.605   1.00 22.76 ? 558 GLN A NE2 1 
ATOM   107 N N   . LYS A 1 20 ? -6.085  -1.514  7.954   1.00 19.62 ? 559 LYS A N   1 
ATOM   108 C CA  . LYS A 1 20 ? -4.878  -1.255  7.187   1.00 19.11 ? 559 LYS A CA  1 
ATOM   109 C C   . LYS A 1 20 ? -4.172  -2.564  6.844   1.00 19.08 ? 559 LYS A C   1 
ATOM   110 O O   . LYS A 1 20 ? -3.620  -2.708  5.752   1.00 19.07 ? 559 LYS A O   1 
ATOM   111 C CB  . LYS A 1 20 ? -3.931  -0.278  7.913   1.00 18.88 ? 559 LYS A CB  1 
ATOM   112 C CG  . LYS A 1 20 ? -4.370  1.198   7.971   1.00 19.66 ? 559 LYS A CG  1 
ATOM   113 C CD  . LYS A 1 20 ? -4.657  1.857   6.605   1.00 19.71 ? 559 LYS A CD  1 
ATOM   114 C CE  . LYS A 1 20 ? -4.894  3.343   6.823   1.00 18.77 ? 559 LYS A CE  1 
ATOM   115 N NZ  . LYS A 1 20 ? -5.238  4.072   5.579   1.00 19.57 ? 559 LYS A NZ  1 
ATOM   116 N N   . GLN A 1 21 ? -4.252  -3.528  7.753   1.00 19.87 ? 560 GLN A N   1 
ATOM   117 C CA  . GLN A 1 21 ? -3.716  -4.875  7.562   1.00 20.20 ? 560 GLN A CA  1 
ATOM   118 C C   . GLN A 1 21 ? -4.430  -5.608  6.413   1.00 19.07 ? 560 GLN A C   1 
ATOM   119 O O   . GLN A 1 21 ? -3.791  -6.227  5.569   1.00 18.72 ? 560 GLN A O   1 
ATOM   120 C CB  . GLN A 1 21 ? -3.766  -5.669  8.900   1.00 20.92 ? 560 GLN A CB  1 
ATOM   121 C CG  . GLN A 1 21 ? -3.288  -7.114  8.826   1.00 24.60 ? 560 GLN A CG  1 
ATOM   122 C CD  . GLN A 1 21 ? -1.767  -7.246  8.595   1.00 28.51 ? 560 GLN A CD  1 
ATOM   123 O OE1 . GLN A 1 21 ? -0.980  -6.336  8.933   1.00 30.87 ? 560 GLN A OE1 1 
ATOM   124 N NE2 . GLN A 1 21 ? -1.354  -8.390  8.013   1.00 29.57 ? 560 GLN A NE2 1 
ATOM   125 N N   . MET A 1 22 ? -5.747  -5.512  6.362   1.00 18.20 ? 561 MET A N   1 
ATOM   126 C CA  . MET A 1 22 ? -6.514  -6.120  5.282   1.00 17.52 ? 561 MET A CA  1 
ATOM   127 C C   . MET A 1 22 ? -6.138  -5.530  3.918   1.00 16.27 ? 561 MET A C   1 
ATOM   128 O O   . MET A 1 22 ? -6.023  -6.250  2.930   1.00 15.46 ? 561 MET A O   1 
ATOM   129 C CB  . MET A 1 22 ? -8.029  -5.924  5.520   1.00 17.82 ? 561 MET A CB  1 
ATOM   130 C CG  . MET A 1 22 ? -8.559  -6.680  6.747   1.00 23.15 ? 561 MET A CG  1 
ATOM   131 S SD  . MET A 1 22 ? -10.250 -6.191  7.207   1.00 30.47 ? 561 MET A SD  1 
ATOM   132 C CE  . MET A 1 22 ? -11.146 -6.750  5.755   1.00 30.69 ? 561 MET A CE  1 
ATOM   133 N N   . LEU A 1 23 ? -5.943  -4.214  3.886   1.00 15.18 ? 562 LEU A N   1 
ATOM   134 C CA  . LEU A 1 23 ? -5.556  -3.504  2.641   1.00 14.07 ? 562 LEU A CA  1 
ATOM   135 C C   . LEU A 1 23 ? -4.135  -3.890  2.254   1.00 14.27 ? 562 LEU A C   1 
ATOM   136 O O   . LEU A 1 23 ? -3.852  -4.163  1.068   1.00 14.56 ? 562 LEU A O   1 
ATOM   137 C CB  . LEU A 1 23 ? -5.667  -1.993  2.828   1.00 13.18 ? 562 LEU A CB  1 
ATOM   138 C CG  . LEU A 1 23 ? -7.089  -1.429  2.875   1.00 13.53 ? 562 LEU A CG  1 
ATOM   139 C CD1 . LEU A 1 23 ? -7.099  -0.009  3.440   1.00 15.88 ? 562 LEU A CD1 1 
ATOM   140 C CD2 . LEU A 1 23 ? -7.761  -1.513  1.465   1.00 13.77 ? 562 LEU A CD2 1 
ATOM   141 N N   . GLY A 1 24 ? -3.243  -3.910  3.249   1.00 14.17 ? 563 GLY A N   1 
ATOM   142 C CA  . GLY A 1 24 ? -1.845  -4.291  3.010   1.00 14.52 ? 563 GLY A CA  1 
ATOM   143 C C   . GLY A 1 24 ? -1.647  -5.662  2.391   1.00 14.68 ? 563 GLY A C   1 
ATOM   144 O O   . GLY A 1 24 ? -0.861  -5.804  1.467   1.00 13.94 ? 563 GLY A O   1 
ATOM   145 N N   . GLU A 1 25 ? -2.389  -6.657  2.882   1.00 15.22 ? 564 GLU A N   1 
ATOM   146 C CA  . GLU A 1 25 ? -2.257  -8.043  2.451   1.00 17.09 ? 564 GLU A CA  1 
ATOM   147 C C   . GLU A 1 25 ? -2.656  -8.168  0.997   1.00 16.35 ? 564 GLU A C   1 
ATOM   148 O O   . GLU A 1 25 ? -2.146  -9.044  0.276   1.00 16.15 ? 564 GLU A O   1 
ATOM   149 C CB  . GLU A 1 25 ? -3.137  -8.966  3.309   1.00 17.87 ? 564 GLU A CB  1 
ATOM   150 C CG  . GLU A 1 25 ? -2.669  -9.070  4.734   1.00 24.35 ? 564 GLU A CG  1 
ATOM   151 C CD  . GLU A 1 25 ? -3.693  -9.759  5.671   1.00 32.41 ? 564 GLU A CD  1 
ATOM   152 O OE1 . GLU A 1 25 ? -3.260  -10.115 6.800   1.00 35.63 ? 564 GLU A OE1 1 
ATOM   153 O OE2 . GLU A 1 25 ? -4.910  -9.919  5.314   1.00 35.73 ? 564 GLU A OE2 1 
ATOM   154 N N   . ARG A 1 26 ? -3.566  -7.291  0.570   1.00 15.15 ? 565 ARG A N   1 
ATOM   155 C CA  . ARG A 1 26 ? -4.022  -7.266  -0.806  1.00 15.44 ? 565 ARG A CA  1 
ATOM   156 C C   . ARG A 1 26 ? -3.132  -6.432  -1.708  1.00 14.85 ? 565 ARG A C   1 
ATOM   157 O O   . ARG A 1 26 ? -2.873  -6.836  -2.852  1.00 16.26 ? 565 ARG A O   1 
ATOM   158 C CB  . ARG A 1 26 ? -5.504  -6.811  -0.896  1.00 15.61 ? 565 ARG A CB  1 
ATOM   159 C CG  . ARG A 1 26 ? -6.438  -7.865  -0.387  1.00 17.95 ? 565 ARG A CG  1 
ATOM   160 C CD  . ARG A 1 26 ? -7.759  -7.297  -0.021  1.00 22.24 ? 565 ARG A CD  1 
ATOM   161 N NE  . ARG A 1 26 ? -8.708  -8.381  0.231   1.00 27.00 ? 565 ARG A NE  1 
ATOM   162 C CZ  . ARG A 1 26 ? -8.818  -9.015  1.394   1.00 29.80 ? 565 ARG A CZ  1 
ATOM   163 N NH1 . ARG A 1 26 ? -8.045  -8.665  2.438   1.00 29.45 ? 565 ARG A NH1 1 
ATOM   164 N NH2 . ARG A 1 26 ? -9.712  -9.987  1.524   1.00 33.21 ? 565 ARG A NH2 1 
ATOM   165 N N   . LEU A 1 27 ? -2.674  -5.280  -1.206  1.00 13.12 ? 566 LEU A N   1 
ATOM   166 C CA  . LEU A 1 27 ? -1.829  -4.385  -1.992  1.00 12.62 ? 566 LEU A CA  1 
ATOM   167 C C   . LEU A 1 27 ? -0.433  -4.973  -2.223  1.00 11.78 ? 566 LEU A C   1 
ATOM   168 O O   . LEU A 1 27 ? 0.107   -4.875  -3.321  1.00 10.99 ? 566 LEU A O   1 
ATOM   169 C CB  . LEU A 1 27 ? -1.658  -3.063  -1.264  1.00 13.35 ? 566 LEU A CB  1 
ATOM   170 C CG  . LEU A 1 27 ? -2.737  -1.986  -1.332  1.00 15.72 ? 566 LEU A CG  1 
ATOM   171 C CD1 . LEU A 1 27 ? -2.405  -0.945  -0.222  1.00 19.74 ? 566 LEU A CD1 1 
ATOM   172 C CD2 . LEU A 1 27 ? -2.815  -1.341  -2.705  1.00 17.75 ? 566 LEU A CD2 1 
ATOM   173 N N   . PHE A 1 28 ? 0.174   -5.531  -1.179  1.00 11.08 ? 567 PHE A N   1 
ATOM   174 C CA  . PHE A 1 28 ? 1.600   -5.926  -1.261  1.00 10.76 ? 567 PHE A CA  1 
ATOM   175 C C   . PHE A 1 28 ? 1.911   -6.864  -2.465  1.00 11.06 ? 567 PHE A C   1 
ATOM   176 O O   . PHE A 1 28 ? 2.847   -6.593  -3.226  1.00 10.70 ? 567 PHE A O   1 
ATOM   177 C CB  . PHE A 1 28 ? 2.059   -6.477  0.096   1.00 11.64 ? 567 PHE A CB  1 
ATOM   178 C CG  . PHE A 1 28 ? 3.454   -7.070  0.093   1.00 11.16 ? 567 PHE A CG  1 
ATOM   179 C CD1 . PHE A 1 28 ? 4.551   -6.274  0.360   1.00 13.52 ? 567 PHE A CD1 1 
ATOM   180 C CD2 . PHE A 1 28 ? 3.664   -8.428  -0.155  1.00 15.38 ? 567 PHE A CD2 1 
ATOM   181 C CE1 . PHE A 1 28 ? 5.842   -6.807  0.382   1.00 12.43 ? 567 PHE A CE1 1 
ATOM   182 C CE2 . PHE A 1 28 ? 4.980   -8.968  -0.139  1.00 15.27 ? 567 PHE A CE2 1 
ATOM   183 C CZ  . PHE A 1 28 ? 6.059   -8.146  0.143   1.00 16.23 ? 567 PHE A CZ  1 
ATOM   184 N N   . PRO A 1 29 ? 1.132   -7.938  -2.677  1.00 11.41 ? 568 PRO A N   1 
ATOM   185 C CA  . PRO A 1 29 ? 1.495   -8.797  -3.800  1.00 11.18 ? 568 PRO A CA  1 
ATOM   186 C C   . PRO A 1 29 ? 1.332   -8.100  -5.163  1.00 10.88 ? 568 PRO A C   1 
ATOM   187 O O   . PRO A 1 29 ? 2.108   -8.389  -6.106  1.00 10.79 ? 568 PRO A O   1 
ATOM   188 C CB  . PRO A 1 29 ? 0.511   -9.998  -3.701  1.00 10.78 ? 568 PRO A CB  1 
ATOM   189 C CG  . PRO A 1 29 ? -0.270  -9.830  -2.498  1.00 13.80 ? 568 PRO A CG  1 
ATOM   190 C CD  . PRO A 1 29 ? 0.036   -8.495  -1.860  1.00 10.85 ? 568 PRO A CD  1 
ATOM   191 N N   . LEU A 1 30 ? 0.332   -7.211  -5.284  1.00 10.56 ? 569 LEU A N   1 
ATOM   192 C CA  . LEU A 1 30 ? 0.170   -6.434  -6.520  1.00 11.29 ? 569 LEU A CA  1 
ATOM   193 C C   . LEU A 1 30 ? 1.382   -5.539  -6.824  1.00 11.07 ? 569 LEU A C   1 
ATOM   194 O O   . LEU A 1 30 ? 1.835   -5.420  -7.985  1.00 11.99 ? 569 LEU A O   1 
ATOM   195 C CB  . LEU A 1 30 ? -1.098  -5.560  -6.445  1.00 11.65 ? 569 LEU A CB  1 
ATOM   196 C CG  . LEU A 1 30 ? -2.448  -6.282  -6.248  1.00 13.00 ? 569 LEU A CG  1 
ATOM   197 C CD1 . LEU A 1 30 ? -3.660  -5.292  -6.246  1.00 12.49 ? 569 LEU A CD1 1 
ATOM   198 C CD2 . LEU A 1 30 ? -2.649  -7.395  -7.284  1.00 16.24 ? 569 LEU A CD2 1 
ATOM   199 N N   . ILE A 1 31 ? 1.908   -4.928  -5.770  1.00 9.77  ? 570 ILE A N   1 
ATOM   200 C CA  . ILE A 1 31 ? 3.052   -4.039  -5.894  1.00 9.38  ? 570 ILE A CA  1 
ATOM   201 C C   . ILE A 1 31 ? 4.334   -4.823  -6.127  1.00 9.01  ? 570 ILE A C   1 
ATOM   202 O O   . ILE A 1 31 ? 5.192   -4.409  -6.886  1.00 8.62  ? 570 ILE A O   1 
ATOM   203 C CB  . ILE A 1 31 ? 3.148   -3.145  -4.665  1.00 8.79  ? 570 ILE A CB  1 
ATOM   204 C CG1 . ILE A 1 31 ? 1.844   -2.310  -4.573  1.00 8.74  ? 570 ILE A CG1 1 
ATOM   205 C CG2 . ILE A 1 31 ? 4.448   -2.266  -4.736  1.00 9.67  ? 570 ILE A CG2 1 
ATOM   206 C CD1 . ILE A 1 31 ? 1.691   -1.442  -3.275  1.00 12.31 ? 570 ILE A CD1 1 
ATOM   207 N N   . GLN A 1 32 ? 4.443   -5.980  -5.477  1.00 10.02 ? 571 GLN A N   1 
ATOM   208 C CA  . GLN A 1 32 ? 5.602   -6.837  -5.626  1.00 10.99 ? 571 GLN A CA  1 
ATOM   209 C C   . GLN A 1 32 ? 5.798   -7.264  -7.096  1.00 11.42 ? 571 GLN A C   1 
ATOM   210 O O   . GLN A 1 32 ? 6.944   -7.374  -7.549  1.00 12.42 ? 571 GLN A O   1 
ATOM   211 C CB  . GLN A 1 32 ? 5.474   -7.981  -4.656  1.00 11.81 ? 571 GLN A CB  1 
ATOM   212 C CG  . GLN A 1 32 ? 6.714   -8.714  -4.374  1.00 17.41 ? 571 GLN A CG  1 
ATOM   213 C CD  . GLN A 1 32 ? 6.425   -9.794  -3.363  1.00 21.05 ? 571 GLN A CD  1 
ATOM   214 O OE1 . GLN A 1 32 ? 5.384   -10.460 -3.438  1.00 26.93 ? 571 GLN A OE1 1 
ATOM   215 N NE2 . GLN A 1 32 ? 7.288   -9.935  -2.387  1.00 20.83 ? 571 GLN A NE2 1 
ATOM   216 N N   . ALA A 1 33 ? 4.693   -7.412  -7.850  1.00 11.19 ? 572 ALA A N   1 
ATOM   217 C CA  . ALA A 1 33 ? 4.788   -7.699  -9.281  1.00 11.68 ? 572 ALA A CA  1 
ATOM   218 C C   . ALA A 1 33 ? 5.491   -6.607  -10.093 1.00 11.19 ? 572 ALA A C   1 
ATOM   219 O O   . ALA A 1 33 ? 6.091   -6.900  -11.145 1.00 14.08 ? 572 ALA A O   1 
ATOM   220 C CB  . ALA A 1 33 ? 3.410   -7.989  -9.845  1.00 12.37 ? 572 ALA A CB  1 
ATOM   221 N N   . MET A 1 34 ? 5.429   -5.363  -9.605  1.00 10.81 ? 573 MET A N   1 
ATOM   222 C CA  . MET A 1 34 ? 6.145   -4.210  -10.234 1.00 11.54 ? 573 MET A CA  1 
ATOM   223 C C   . MET A 1 34 ? 7.546   -3.980  -9.660  1.00 11.05 ? 573 MET A C   1 
ATOM   224 O O   . MET A 1 34 ? 8.458   -3.616  -10.421 1.00 12.31 ? 573 MET A O   1 
ATOM   225 C CB  . MET A 1 34 ? 5.340   -2.917  -10.021 1.00 11.45 ? 573 MET A CB  1 
ATOM   226 C CG  . MET A 1 34 ? 3.932   -2.868  -10.626 1.00 13.30 ? 573 MET A CG  1 
ATOM   227 S SD  . MET A 1 34 ? 3.033   -1.362  -10.166 1.00 19.65 ? 573 MET A SD  1 
ATOM   228 C CE  . MET A 1 34 ? 3.919   -0.128  -11.097 1.00 20.47 ? 573 MET A CE  1 
ATOM   229 N N   . HIS A 1 35 ? 7.697   -4.079  -8.329  1.00 9.80  ? 574 HIS A N   1 
ATOM   230 C CA  . HIS A 1 35 ? 8.926   -3.756  -7.627  1.00 10.03 ? 574 HIS A CA  1 
ATOM   231 C C   . HIS A 1 35 ? 9.246   -4.860  -6.645  1.00 9.90  ? 574 HIS A C   1 
ATOM   232 O O   . HIS A 1 35 ? 8.837   -4.798  -5.493  1.00 12.88 ? 574 HIS A O   1 
ATOM   233 C CB  . HIS A 1 35 ? 8.770   -2.423  -6.923  1.00 9.16  ? 574 HIS A CB  1 
ATOM   234 C CG  . HIS A 1 35 ? 8.488   -1.319  -7.873  1.00 12.43 ? 574 HIS A CG  1 
ATOM   235 N ND1 . HIS A 1 35 ? 9.455   -0.785  -8.696  1.00 11.99 ? 574 HIS A ND1 1 
ATOM   236 C CD2 . HIS A 1 35 ? 7.328   -0.696  -8.186  1.00 12.85 ? 574 HIS A CD2 1 
ATOM   237 C CE1 . HIS A 1 35 ? 8.897   0.127   -9.473  1.00 14.13 ? 574 HIS A CE1 1 
ATOM   238 N NE2 . HIS A 1 35 ? 7.617   0.220   -9.163  1.00 13.77 ? 574 HIS A NE2 1 
ATOM   239 N N   . PRO A 1 36 ? 9.968   -5.888  -7.084  1.00 10.55 ? 575 PRO A N   1 
ATOM   240 C CA  . PRO A 1 36 ? 10.067  -7.098  -6.271  1.00 11.27 ? 575 PRO A CA  1 
ATOM   241 C C   . PRO A 1 36 ? 10.694  -6.910  -4.891  1.00 11.25 ? 575 PRO A C   1 
ATOM   242 O O   . PRO A 1 36 ? 10.352  -7.679  -3.973  1.00 12.57 ? 575 PRO A O   1 
ATOM   243 C CB  . PRO A 1 36 ? 10.932  -8.016  -7.114  1.00 10.42 ? 575 PRO A CB  1 
ATOM   244 C CG  . PRO A 1 36 ? 10.649  -7.547  -8.547  1.00 11.06 ? 575 PRO A CG  1 
ATOM   245 C CD  . PRO A 1 36 ? 10.399  -6.091  -8.479  1.00 11.36 ? 575 PRO A CD  1 
ATOM   246 N N   . THR A 1 37 ? 11.624  -5.962  -4.753  1.00 10.33 ? 576 THR A N   1 
ATOM   247 C CA  . THR A 1 37 ? 12.260  -5.743  -3.444  1.00 11.07 ? 576 THR A CA  1 
ATOM   248 C C   . THR A 1 37 ? 11.753  -4.469  -2.716  1.00 11.84 ? 576 THR A C   1 
ATOM   249 O O   . THR A 1 37 ? 11.870  -4.332  -1.494  1.00 14.83 ? 576 THR A O   1 
ATOM   250 C CB  . THR A 1 37 ? 13.839  -5.744  -3.521  1.00 11.27 ? 576 THR A CB  1 
ATOM   251 O OG1 . THR A 1 37 ? 14.264  -4.598  -4.265  1.00 13.15 ? 576 THR A OG1 1 
ATOM   252 C CG2 . THR A 1 37 ? 14.394  -7.061  -4.132  1.00 9.07  ? 576 THR A CG2 1 
ATOM   253 N N   . LEU A 1 38 ? 11.186  -3.524  -3.437  1.00 11.39 ? 577 LEU A N   1 
ATOM   254 C CA  . LEU A 1 38 ? 10.732  -2.293  -2.782  1.00 12.47 ? 577 LEU A CA  1 
ATOM   255 C C   . LEU A 1 38 ? 9.263   -2.378  -2.358  1.00 12.06 ? 577 LEU A C   1 
ATOM   256 O O   . LEU A 1 38 ? 8.721   -1.409  -1.814  1.00 12.72 ? 577 LEU A O   1 
ATOM   257 C CB  . LEU A 1 38 ? 10.905  -1.101  -3.731  1.00 13.48 ? 577 LEU A CB  1 
ATOM   258 C CG  . LEU A 1 38 ? 12.337  -0.692  -4.018  1.00 14.75 ? 577 LEU A CG  1 
ATOM   259 C CD1 . LEU A 1 38 ? 12.349  0.314   -5.207  1.00 17.76 ? 577 LEU A CD1 1 
ATOM   260 C CD2 . LEU A 1 38 ? 12.982  -0.084  -2.766  1.00 16.35 ? 577 LEU A CD2 1 
ATOM   261 N N   . ALA A 1 39 ? 8.626   -3.540  -2.577  1.00 12.74 ? 578 ALA A N   1 
ATOM   262 C CA  . ALA A 1 39 ? 7.165   -3.636  -2.356  1.00 11.52 ? 578 ALA A CA  1 
ATOM   263 C C   . ALA A 1 39 ? 6.757   -3.308  -0.913  1.00 11.56 ? 578 ALA A C   1 
ATOM   264 O O   . ALA A 1 39 ? 5.731   -2.662  -0.694  1.00 11.75 ? 578 ALA A O   1 
ATOM   265 C CB  . ALA A 1 39 ? 6.628   -5.031  -2.766  1.00 11.63 ? 578 ALA A CB  1 
ATOM   266 N N   . GLY A 1 40 ? 7.545   -3.738  0.072   1.00 10.03 ? 579 GLY A N   1 
ATOM   267 C CA  . GLY A 1 40 ? 7.194   -3.482  1.474   1.00 10.42 ? 579 GLY A CA  1 
ATOM   268 C C   . GLY A 1 40 ? 7.204   -1.993  1.807   1.00 10.20 ? 579 GLY A C   1 
ATOM   269 O O   . GLY A 1 40 ? 6.280   -1.476  2.451   1.00 11.50 ? 579 GLY A O   1 
ATOM   270 N N   . LYS A 1 41 ? 8.249   -1.304  1.344   1.00 10.39 ? 580 LYS A N   1 
ATOM   271 C CA  . LYS A 1 41 ? 8.370   0.126   1.521   1.00 10.94 ? 580 LYS A CA  1 
ATOM   272 C C   . LYS A 1 41 ? 7.236   0.865   0.826   1.00 10.32 ? 580 LYS A C   1 
ATOM   273 O O   . LYS A 1 41 ? 6.588   1.735   1.427   1.00 10.27 ? 580 LYS A O   1 
ATOM   274 C CB  . LYS A 1 41 ? 9.750   0.618   1.032   1.00 11.50 ? 580 LYS A CB  1 
ATOM   275 C CG  . LYS A 1 41 ? 9.967   2.097   1.213   1.00 12.48 ? 580 LYS A CG  1 
ATOM   276 C CD  . LYS A 1 41 ? 9.969   2.477   2.671   1.00 14.29 ? 580 LYS A CD  1 
ATOM   277 C CE  . LYS A 1 41 ? 10.424  3.886   2.811   1.00 18.95 ? 580 LYS A CE  1 
ATOM   278 N NZ  . LYS A 1 41 ? 10.712  4.109   4.247   1.00 23.45 ? 580 LYS A NZ  1 
ATOM   279 N N   . ILE A 1 42 ? 7.021   0.567   -0.455  1.00 9.88  ? 581 ILE A N   1 
ATOM   280 C CA  . ILE A 1 42 ? 5.956   1.258   -1.204  1.00 9.65  ? 581 ILE A CA  1 
ATOM   281 C C   . ILE A 1 42 ? 4.586   1.030   -0.579  1.00 9.51  ? 581 ILE A C   1 
ATOM   282 O O   . ILE A 1 42 ? 3.768   1.980   -0.460  1.00 10.69 ? 581 ILE A O   1 
ATOM   283 C CB  . ILE A 1 42 ? 5.982   0.878   -2.701  1.00 9.50  ? 581 ILE A CB  1 
ATOM   284 C CG1 . ILE A 1 42 ? 7.317   1.325   -3.346  1.00 8.74  ? 581 ILE A CG1 1 
ATOM   285 C CG2 . ILE A 1 42 ? 4.802   1.445   -3.451  1.00 10.91 ? 581 ILE A CG2 1 
ATOM   286 C CD1 . ILE A 1 42 ? 7.620   0.543   -4.695  1.00 9.80  ? 581 ILE A CD1 1 
ATOM   287 N N   . THR A 1 43 ? 4.308   -0.216  -0.189  1.00 9.63  ? 582 THR A N   1 
ATOM   288 C CA  . THR A 1 43 ? 3.048   -0.547  0.525   1.00 10.36 ? 582 THR A CA  1 
ATOM   289 C C   . THR A 1 43 ? 2.910   0.307   1.777   1.00 10.94 ? 582 THR A C   1 
ATOM   290 O O   . THR A 1 43 ? 1.828   0.871   2.031   1.00 10.62 ? 582 THR A O   1 
ATOM   291 C CB  . THR A 1 43 ? 2.977   -2.060  0.882   1.00 10.98 ? 582 THR A CB  1 
ATOM   292 O OG1 . THR A 1 43 ? 3.021   -2.839  -0.320  1.00 10.99 ? 582 THR A OG1 1 
ATOM   293 C CG2 . THR A 1 43 ? 1.677   -2.403  1.670   1.00 10.28 ? 582 THR A CG2 1 
ATOM   294 N N   . GLY A 1 44 ? 3.987   0.395   2.582   1.00 11.03 ? 583 GLY A N   1 
ATOM   295 C CA  . GLY A 1 44 ? 3.975   1.272   3.769   1.00 11.78 ? 583 GLY A CA  1 
ATOM   296 C C   . GLY A 1 44 ? 3.615   2.718   3.438   1.00 12.95 ? 583 GLY A C   1 
ATOM   297 O O   . GLY A 1 44 ? 2.780   3.326   4.100   1.00 14.21 ? 583 GLY A O   1 
ATOM   298 N N   . MET A 1 45 ? 4.224   3.268   2.393   1.00 13.14 ? 584 MET A N   1 
ATOM   299 C CA  . MET A 1 45 ? 3.878   4.616   1.914   1.00 12.81 ? 584 MET A CA  1 
ATOM   300 C C   . MET A 1 45 ? 2.405   4.763   1.520   1.00 12.77 ? 584 MET A C   1 
ATOM   301 O O   . MET A 1 45 ? 1.722   5.673   1.987   1.00 13.37 ? 584 MET A O   1 
ATOM   302 C CB  . MET A 1 45 ? 4.776   4.995   0.736   1.00 12.49 ? 584 MET A CB  1 
ATOM   303 C CG  . MET A 1 45 ? 6.267   5.137   1.170   1.00 12.74 ? 584 MET A CG  1 
ATOM   304 S SD  . MET A 1 45 ? 7.361   5.309   -0.243  1.00 14.22 ? 584 MET A SD  1 
ATOM   305 C CE  . MET A 1 45 ? 6.945   6.966   -0.801  1.00 13.18 ? 584 MET A CE  1 
ATOM   306 N N   . LEU A 1 46 ? 1.920   3.833   0.711   1.00 12.28 ? 585 LEU A N   1 
ATOM   307 C CA  . LEU A 1 46 ? 0.550   3.903   0.191   1.00 12.97 ? 585 LEU A CA  1 
ATOM   308 C C   . LEU A 1 46 ? -0.513  3.715   1.301   1.00 13.87 ? 585 LEU A C   1 
ATOM   309 O O   . LEU A 1 46 ? -1.594  4.324   1.231   1.00 13.07 ? 585 LEU A O   1 
ATOM   310 C CB  . LEU A 1 46 ? 0.374   2.892   -0.932  1.00 12.05 ? 585 LEU A CB  1 
ATOM   311 C CG  . LEU A 1 46 ? 0.707   3.379   -2.346  1.00 14.31 ? 585 LEU A CG  1 
ATOM   312 C CD1 . LEU A 1 46 ? 1.978   4.158   -2.476  1.00 17.14 ? 585 LEU A CD1 1 
ATOM   313 C CD2 . LEU A 1 46 ? 0.730   2.248   -3.314  1.00 12.21 ? 585 LEU A CD2 1 
ATOM   314 N N   . LEU A 1 47 ? -0.188  2.915   2.321   1.00 14.89 ? 586 LEU A N   1 
ATOM   315 C CA  . LEU A 1 47 ? -1.122  2.670   3.417   1.00 15.97 ? 586 LEU A CA  1 
ATOM   316 C C   . LEU A 1 47 ? -1.523  3.911   4.196   1.00 17.49 ? 586 LEU A C   1 
ATOM   317 O O   . LEU A 1 47 ? -2.546  3.887   4.898   1.00 18.96 ? 586 LEU A O   1 
ATOM   318 C CB  . LEU A 1 47 ? -0.635  1.564   4.350   1.00 16.18 ? 586 LEU A CB  1 
ATOM   319 C CG  . LEU A 1 47 ? -0.852  0.159   3.782   1.00 15.33 ? 586 LEU A CG  1 
ATOM   320 C CD1 . LEU A 1 47 ? -0.237  -0.977  4.661   1.00 17.23 ? 586 LEU A CD1 1 
ATOM   321 C CD2 . LEU A 1 47 ? -2.339  -0.152  3.484   1.00 17.93 ? 586 LEU A CD2 1 
ATOM   322 N N   . GLU A 1 48 ? -0.766  5.006   4.041   1.00 18.19 ? 587 GLU A N   1 
ATOM   323 C CA  . GLU A 1 48 ? -1.092  6.301   4.673   1.00 19.46 ? 587 GLU A CA  1 
ATOM   324 C C   . GLU A 1 48 ? -2.233  7.058   4.006   1.00 19.19 ? 587 GLU A C   1 
ATOM   325 O O   . GLU A 1 48 ? -2.792  7.971   4.614   1.00 19.44 ? 587 GLU A O   1 
ATOM   326 C CB  . GLU A 1 48 ? 0.159   7.177   4.762   1.00 20.60 ? 587 GLU A CB  1 
ATOM   327 C CG  . GLU A 1 48 ? 1.286   6.500   5.534   1.00 25.24 ? 587 GLU A CG  1 
ATOM   328 C CD  . GLU A 1 48 ? 2.400   7.476   5.939   1.00 32.01 ? 587 GLU A CD  1 
ATOM   329 O OE1 . GLU A 1 48 ? 3.242   7.091   6.807   1.00 35.12 ? 587 GLU A OE1 1 
ATOM   330 O OE2 . GLU A 1 48 ? 2.430   8.624   5.400   1.00 34.90 ? 587 GLU A OE2 1 
ATOM   331 N N   . ILE A 1 49 ? -2.604  6.656   2.785   1.00 18.04 ? 588 ILE A N   1 
ATOM   332 C CA  . ILE A 1 49 ? -3.689  7.242   1.987   1.00 19.41 ? 588 ILE A CA  1 
ATOM   333 C C   . ILE A 1 49 ? -5.062  6.828   2.555   1.00 18.93 ? 588 ILE A C   1 
ATOM   334 O O   . ILE A 1 49 ? -5.154  5.791   3.240   1.00 18.69 ? 588 ILE A O   1 
ATOM   335 C CB  . ILE A 1 49 ? -3.521  6.703   0.534   1.00 19.84 ? 588 ILE A CB  1 
ATOM   336 C CG1 . ILE A 1 49 ? -2.257  7.282   -0.085  1.00 21.69 ? 588 ILE A CG1 1 
ATOM   337 C CG2 . ILE A 1 49 ? -4.741  6.909   -0.352  1.00 22.95 ? 588 ILE A CG2 1 
ATOM   338 C CD1 . ILE A 1 49 ? -1.975  6.594   -1.414  1.00 25.82 ? 588 ILE A CD1 1 
ATOM   339 N N   . ASP A 1 50 ? -6.123  7.604   2.276   1.00 18.52 ? 589 ASP A N   1 
ATOM   340 C CA  . ASP A 1 50 ? -7.490  7.248   2.732   1.00 18.62 ? 589 ASP A CA  1 
ATOM   341 C C   . ASP A 1 50 ? -7.860  5.841   2.233   1.00 16.97 ? 589 ASP A C   1 
ATOM   342 O O   . ASP A 1 50 ? -7.508  5.454   1.112   1.00 16.31 ? 589 ASP A O   1 
ATOM   343 C CB  . ASP A 1 50 ? -8.557  8.232   2.203   1.00 20.08 ? 589 ASP A CB  1 
ATOM   344 C CG  . ASP A 1 50 ? -8.491  9.629   2.860   1.00 27.00 ? 589 ASP A CG  1 
ATOM   345 O OD1 . ASP A 1 50 ? -9.175  10.574  2.344   1.00 33.56 ? 589 ASP A OD1 1 
ATOM   346 O OD2 . ASP A 1 50 ? -7.779  9.798   3.897   1.00 33.98 ? 589 ASP A OD2 1 
ATOM   347 N N   . ASN A 1 51 ? -8.578  5.088   3.053   1.00 16.13 ? 590 ASN A N   1 
ATOM   348 C CA  . ASN A 1 51 ? -9.032  3.759   2.666   1.00 15.73 ? 590 ASN A CA  1 
ATOM   349 C C   . ASN A 1 51 ? -9.911  3.753   1.414   1.00 15.46 ? 590 ASN A C   1 
ATOM   350 O O   . ASN A 1 51 ? -9.849  2.814   0.630   1.00 15.31 ? 590 ASN A O   1 
ATOM   351 C CB  . ASN A 1 51 ? -9.771  3.073   3.799   1.00 16.37 ? 590 ASN A CB  1 
ATOM   352 C CG  . ASN A 1 51 ? -8.868  2.704   4.960   1.00 17.12 ? 590 ASN A CG  1 
ATOM   353 O OD1 . ASN A 1 51 ? -7.643  2.847   4.898   1.00 16.92 ? 590 ASN A OD1 1 
ATOM   354 N ND2 . ASN A 1 51 ? -9.474  2.218   6.030   1.00 18.89 ? 590 ASN A ND2 1 
ATOM   355 N N   . SER A 1 52 ? -10.704 4.808   1.215   1.00 14.53 ? 591 SER A N   1 
ATOM   356 C CA  . SER A 1 52 ? -11.597 4.868   0.059   1.00 15.69 ? 591 SER A CA  1 
ATOM   357 C C   . SER A 1 52 ? -10.753 4.788   -1.229  1.00 15.42 ? 591 SER A C   1 
ATOM   358 O O   . SER A 1 52 ? -11.073 4.030   -2.178  1.00 15.40 ? 591 SER A O   1 
ATOM   359 C CB  . SER A 1 52 ? -12.439 6.158   0.119   1.00 16.68 ? 591 SER A CB  1 
ATOM   360 O OG  . SER A 1 52 ? -11.599 7.299   0.248   1.00 18.44 ? 591 SER A OG  1 
ATOM   361 N N   . GLU A 1 53 ? -9.663  5.554   -1.243  1.00 15.37 ? 592 GLU A N   1 
ATOM   362 C CA  . GLU A 1 53 ? -8.769  5.605   -2.394  1.00 15.84 ? 592 GLU A CA  1 
ATOM   363 C C   . GLU A 1 53 ? -8.041  4.264   -2.594  1.00 14.68 ? 592 GLU A C   1 
ATOM   364 O O   . GLU A 1 53 ? -7.874  3.795   -3.724  1.00 14.34 ? 592 GLU A O   1 
ATOM   365 C CB  . GLU A 1 53 ? -7.774  6.729   -2.205  1.00 17.06 ? 592 GLU A CB  1 
ATOM   366 C CG  . GLU A 1 53 ? -6.969  7.008   -3.463  1.00 23.80 ? 592 GLU A CG  1 
ATOM   367 C CD  . GLU A 1 53 ? -6.369  8.419   -3.477  1.00 31.93 ? 592 GLU A CD  1 
ATOM   368 O OE1 . GLU A 1 53 ? -5.775  8.786   -4.532  1.00 36.80 ? 592 GLU A OE1 1 
ATOM   369 O OE2 . GLU A 1 53 ? -6.498  9.152   -2.451  1.00 36.08 ? 592 GLU A OE2 1 
ATOM   370 N N   . LEU A 1 54 ? -7.553  3.695   -1.487  1.00 13.64 ? 593 LEU A N   1 
ATOM   371 C CA  . LEU A 1 54 ? -6.914  2.382   -1.490  1.00 12.73 ? 593 LEU A CA  1 
ATOM   372 C C   . LEU A 1 54 ? -7.839  1.281   -2.043  1.00 12.88 ? 593 LEU A C   1 
ATOM   373 O O   . LEU A 1 54 ? -7.397  0.451   -2.834  1.00 11.79 ? 593 LEU A O   1 
ATOM   374 C CB  . LEU A 1 54 ? -6.382  2.036   -0.089  1.00 11.69 ? 593 LEU A CB  1 
ATOM   375 C CG  . LEU A 1 54 ? -5.161  2.867   0.352   1.00 10.71 ? 593 LEU A CG  1 
ATOM   376 C CD1 . LEU A 1 54 ? -4.816  2.602   1.811   1.00 12.33 ? 593 LEU A CD1 1 
ATOM   377 C CD2 . LEU A 1 54 ? -3.913  2.624   -0.541  1.00 11.71 ? 593 LEU A CD2 1 
ATOM   378 N N   . LEU A 1 55 ? -9.112  1.282   -1.652  1.00 13.16 ? 594 LEU A N   1 
ATOM   379 C CA  . LEU A 1 55 ? -10.052 0.317   -2.245  1.00 14.06 ? 594 LEU A CA  1 
ATOM   380 C C   . LEU A 1 55 ? -10.187 0.463   -3.771  1.00 14.51 ? 594 LEU A C   1 
ATOM   381 O O   . LEU A 1 55 ? -10.226 -0.526  -4.497  1.00 15.03 ? 594 LEU A O   1 
ATOM   382 C CB  . LEU A 1 55 ? -11.425 0.387   -1.565  1.00 15.03 ? 594 LEU A CB  1 
ATOM   383 C CG  . LEU A 1 55 ? -11.491 -0.082  -0.109  1.00 16.52 ? 594 LEU A CG  1 
ATOM   384 C CD1 . LEU A 1 55 ? -12.737 0.484   0.524   1.00 19.84 ? 594 LEU A CD1 1 
ATOM   385 C CD2 . LEU A 1 55 ? -11.532 -1.602  -0.066  1.00 19.72 ? 594 LEU A CD2 1 
ATOM   386 N N   . HIS A 1 56 ? -10.232 1.697   -4.256  1.00 13.77 ? 595 HIS A N   1 
ATOM   387 C CA  . HIS A 1 56 ? -10.295 1.930   -5.698  1.00 14.18 ? 595 HIS A CA  1 
ATOM   388 C C   . HIS A 1 56 ? -9.037  1.389   -6.380  1.00 13.65 ? 595 HIS A C   1 
ATOM   389 O O   . HIS A 1 56 ? -9.107  0.758   -7.444  1.00 14.11 ? 595 HIS A O   1 
ATOM   390 C CB  . HIS A 1 56 ? -10.436 3.414   -5.981  1.00 14.51 ? 595 HIS A CB  1 
ATOM   391 C CG  . HIS A 1 56 ? -10.438 3.749   -7.445  1.00 18.43 ? 595 HIS A CG  1 
ATOM   392 N ND1 . HIS A 1 56 ? -11.475 3.408   -8.293  1.00 22.83 ? 595 HIS A ND1 1 
ATOM   393 C CD2 . HIS A 1 56 ? -9.521  4.380   -8.216  1.00 20.03 ? 595 HIS A CD2 1 
ATOM   394 C CE1 . HIS A 1 56 ? -11.204 3.831   -9.518  1.00 23.03 ? 595 HIS A CE1 1 
ATOM   395 N NE2 . HIS A 1 56 ? -10.030 4.437   -9.494  1.00 22.83 ? 595 HIS A NE2 1 
ATOM   396 N N   . MET A 1 57 ? -7.886  1.630   -5.764  1.00 13.07 ? 596 MET A N   1 
ATOM   397 C CA  . MET A 1 57 ? -6.607  1.161   -6.315  1.00 13.86 ? 596 MET A CA  1 
ATOM   398 C C   . MET A 1 57 ? -6.526  -0.343  -6.474  1.00 13.67 ? 596 MET A C   1 
ATOM   399 O O   . MET A 1 57 ? -5.929  -0.843  -7.433  1.00 14.42 ? 596 MET A O   1 
ATOM   400 C CB  . MET A 1 57 ? -5.442  1.639   -5.454  1.00 13.38 ? 596 MET A CB  1 
ATOM   401 C CG  . MET A 1 57 ? -5.174  3.143   -5.656  1.00 17.06 ? 596 MET A CG  1 
ATOM   402 S SD  . MET A 1 57 ? -4.285  3.937   -4.277  1.00 21.56 ? 596 MET A SD  1 
ATOM   403 C CE  . MET A 1 57 ? -2.905  2.818   -4.225  1.00 18.11 ? 596 MET A CE  1 
ATOM   404 N N   . LEU A 1 58 ? -7.093  -1.071  -5.522  1.00 13.38 ? 597 LEU A N   1 
ATOM   405 C CA  . LEU A 1 58 ? -7.095  -2.531  -5.573  1.00 13.52 ? 597 LEU A CA  1 
ATOM   406 C C   . LEU A 1 58 ? -7.880  -3.049  -6.759  1.00 15.16 ? 597 LEU A C   1 
ATOM   407 O O   . LEU A 1 58 ? -7.553  -4.094  -7.300  1.00 16.68 ? 597 LEU A O   1 
ATOM   408 C CB  . LEU A 1 58 ? -7.645  -3.102  -4.263  1.00 13.70 ? 597 LEU A CB  1 
ATOM   409 C CG  . LEU A 1 58 ? -6.677  -2.994  -3.065  1.00 11.82 ? 597 LEU A CG  1 
ATOM   410 C CD1 . LEU A 1 58 ? -7.423  -3.526  -1.812  1.00 16.17 ? 597 LEU A CD1 1 
ATOM   411 C CD2 . LEU A 1 58 ? -5.431  -3.847  -3.343  1.00 14.65 ? 597 LEU A CD2 1 
ATOM   412 N N   . GLU A 1 59 ? -8.904  -2.315  -7.172  1.00 16.21 ? 598 GLU A N   1 
ATOM   413 C CA  . GLU A 1 59 ? -9.801  -2.729  -8.257  1.00 17.61 ? 598 GLU A CA  1 
ATOM   414 C C   . GLU A 1 59 ? -9.349  -2.197  -9.629  1.00 16.32 ? 598 GLU A C   1 
ATOM   415 O O   . GLU A 1 59 ? -9.804  -2.672  -10.645 1.00 16.76 ? 598 GLU A O   1 
ATOM   416 C CB  . GLU A 1 59 ? -11.161 -2.115  -7.982  1.00 19.01 ? 598 GLU A CB  1 
ATOM   417 C CG  . GLU A 1 59 ? -12.237 -3.019  -7.599  1.00 28.33 ? 598 GLU A CG  1 
ATOM   418 C CD  . GLU A 1 59 ? -13.612 -2.332  -7.820  1.00 38.62 ? 598 GLU A CD  1 
ATOM   419 O OE1 . GLU A 1 59 ? -13.709 -1.076  -7.607  1.00 43.82 ? 598 GLU A OE1 1 
ATOM   420 O OE2 . GLU A 1 59 ? -14.581 -3.038  -8.219  1.00 42.26 ? 598 GLU A OE2 1 
ATOM   421 N N   . SER A 1 60 ? -8.483  -1.184  -9.641  1.00 15.66 ? 599 SER A N   1 
ATOM   422 C CA  . SER A 1 60 ? -8.117  -0.471  -10.865 1.00 15.06 ? 599 SER A CA  1 
ATOM   423 C C   . SER A 1 60 ? -6.609  -0.425  -11.067 1.00 12.89 ? 599 SER A C   1 
ATOM   424 O O   . SER A 1 60 ? -5.935  0.417   -10.440 1.00 12.62 ? 599 SER A O   1 
ATOM   425 C CB  . SER A 1 60 ? -8.672  0.961   -10.848 1.00 15.65 ? 599 SER A CB  1 
ATOM   426 O OG  . SER A 1 60 ? -8.214  1.657   -12.014 1.00 19.39 ? 599 SER A OG  1 
ATOM   427 N N   . PRO A 1 61 ? -6.074  -1.306  -11.943 1.00 11.72 ? 600 PRO A N   1 
ATOM   428 C CA  . PRO A 1 61 ? -4.598  -1.337  -12.129 1.00 11.67 ? 600 PRO A CA  1 
ATOM   429 C C   . PRO A 1 61 ? -4.021  0.029   -12.536 1.00 11.95 ? 600 PRO A C   1 
ATOM   430 O O   . PRO A 1 61 ? -2.953  0.400   -12.072 1.00 10.36 ? 600 PRO A O   1 
ATOM   431 C CB  . PRO A 1 61 ? -4.427  -2.409  -13.210 1.00 11.89 ? 600 PRO A CB  1 
ATOM   432 C CG  . PRO A 1 61 ? -5.511  -3.410  -12.811 1.00 11.85 ? 600 PRO A CG  1 
ATOM   433 C CD  . PRO A 1 61 ? -6.693  -2.508  -12.568 1.00 12.08 ? 600 PRO A CD  1 
ATOM   434 N N   . GLU A 1 62 ? -4.746  0.817   -13.337 1.00 12.38 ? 601 GLU A N   1 
ATOM   435 C CA  . GLU A 1 62 ? -4.176  2.083   -13.762 1.00 12.99 ? 601 GLU A CA  1 
ATOM   436 C C   . GLU A 1 62 ? -4.016  3.059   -12.569 1.00 12.87 ? 601 GLU A C   1 
ATOM   437 O O   . GLU A 1 62 ? -3.008  3.773   -12.487 1.00 12.35 ? 601 GLU A O   1 
ATOM   438 C CB  . GLU A 1 62 ? -5.018  2.706   -14.887 1.00 13.38 ? 601 GLU A CB  1 
ATOM   439 C CG  . GLU A 1 62 ? -4.559  4.078   -15.276 1.00 21.31 ? 601 GLU A CG  1 
ATOM   440 C CD  . GLU A 1 62 ? -3.412  4.064   -16.264 1.00 29.38 ? 601 GLU A CD  1 
ATOM   441 O OE1 . GLU A 1 62 ? -3.174  5.136   -16.880 1.00 34.61 ? 601 GLU A OE1 1 
ATOM   442 O OE2 . GLU A 1 62 ? -2.755  2.986   -16.434 1.00 31.71 ? 601 GLU A OE2 1 
ATOM   443 N N   . SER A 1 63 ? -4.997  3.088   -11.651 1.00 12.51 ? 602 SER A N   1 
ATOM   444 C CA  . SER A 1 63 ? -4.873  3.961   -10.444 1.00 12.58 ? 602 SER A CA  1 
ATOM   445 C C   . SER A 1 63 ? -3.760  3.463   -9.520  1.00 11.00 ? 602 SER A C   1 
ATOM   446 O O   . SER A 1 63 ? -3.021  4.267   -8.951  1.00 10.90 ? 602 SER A O   1 
ATOM   447 C CB  . SER A 1 63 ? -6.153  3.993   -9.590  1.00 13.16 ? 602 SER A CB  1 
ATOM   448 O OG  . SER A 1 63 ? -7.242  4.364   -10.399 1.00 19.91 ? 602 SER A OG  1 
ATOM   449 N N   . LEU A 1 64 ? -3.626  2.143   -9.383  1.00 10.41 ? 603 LEU A N   1 
ATOM   450 C CA  . LEU A 1 64 ? -2.528  1.596   -8.592  1.00 9.83  ? 603 LEU A CA  1 
ATOM   451 C C   . LEU A 1 64 ? -1.172  1.958   -9.210  1.00 10.37 ? 603 LEU A C   1 
ATOM   452 O O   . LEU A 1 64 ? -0.297  2.453   -8.499  1.00 10.26 ? 603 LEU A O   1 
ATOM   453 C CB  . LEU A 1 64 ? -2.680  0.081   -8.388  1.00 9.73  ? 603 LEU A CB  1 
ATOM   454 C CG  . LEU A 1 64 ? -1.555  -0.566  -7.561  1.00 9.92  ? 603 LEU A CG  1 
ATOM   455 C CD1 . LEU A 1 64 ? -1.492  0.029   -6.154  1.00 9.52  ? 603 LEU A CD1 1 
ATOM   456 C CD2 . LEU A 1 64 ? -1.733  -2.057  -7.450  1.00 9.52  ? 603 LEU A CD2 1 
ATOM   457 N N   . ARG A 1 65 ? -1.017  1.756   -10.533 1.00 11.03 ? 604 ARG A N   1 
ATOM   458 C CA  . ARG A 1 65 ? 0.223   2.128   -11.204 1.00 11.01 ? 604 ARG A CA  1 
ATOM   459 C C   . ARG A 1 65 ? 0.558   3.598   -10.920 1.00 11.13 ? 604 ARG A C   1 
ATOM   460 O O   . ARG A 1 65 ? 1.708   3.934   -10.602 1.00 11.09 ? 604 ARG A O   1 
ATOM   461 C CB  . ARG A 1 65 ? 0.133   1.933   -12.707 1.00 11.02 ? 604 ARG A CB  1 
ATOM   462 C CG  . ARG A 1 65 ? 1.497   2.104   -13.429 1.00 13.14 ? 604 ARG A CG  1 
ATOM   463 C CD  . ARG A 1 65 ? 1.361   2.464   -14.910 1.00 19.93 ? 604 ARG A CD  1 
ATOM   464 N NE  . ARG A 1 65 ? 0.374   3.504   -15.178 1.00 26.24 ? 604 ARG A NE  1 
ATOM   465 C CZ  . ARG A 1 65 ? 0.559   4.818   -15.014 1.00 32.01 ? 604 ARG A CZ  1 
ATOM   466 N NH1 . ARG A 1 65 ? 1.724   5.292   -14.583 1.00 35.66 ? 604 ARG A NH1 1 
ATOM   467 N NH2 . ARG A 1 65 ? -0.435  5.669   -15.282 1.00 35.70 ? 604 ARG A NH2 1 
ATOM   468 N N   . SER A 1 66 ? -0.401  4.496   -11.067 1.00 12.31 ? 605 SER A N   1 
ATOM   469 C CA  . SER A 1 66 ? -0.021  5.900   -10.934 1.00 13.77 ? 605 SER A CA  1 
ATOM   470 C C   . SER A 1 66 ? 0.468   6.256   -9.497  1.00 12.86 ? 605 SER A C   1 
ATOM   471 O O   . SER A 1 66 ? 1.389   7.046   -9.310  1.00 12.24 ? 605 SER A O   1 
ATOM   472 C CB  . SER A 1 66 ? -1.107  6.836   -11.513 1.00 15.27 ? 605 SER A CB  1 
ATOM   473 O OG  . SER A 1 66 ? -2.006  7.172   -10.535 1.00 22.49 ? 605 SER A OG  1 
ATOM   474 N N   . LYS A 1 67 ? -0.127  5.621   -8.496  1.00 10.51 ? 606 LYS A N   1 
ATOM   475 C CA  . LYS A 1 67 ? 0.281   5.809   -7.119  1.00 12.58 ? 606 LYS A CA  1 
ATOM   476 C C   . LYS A 1 67 ? 1.638   5.177   -6.798  1.00 11.25 ? 606 LYS A C   1 
ATOM   477 O O   . LYS A 1 67 ? 2.441   5.772   -6.063  1.00 11.77 ? 606 LYS A O   1 
ATOM   478 C CB  . LYS A 1 67 ? -0.746  5.196   -6.195  1.00 13.10 ? 606 LYS A CB  1 
ATOM   479 C CG  . LYS A 1 67 ? -1.059  6.106   -5.094  1.00 19.78 ? 606 LYS A CG  1 
ATOM   480 C CD  . LYS A 1 67 ? -1.696  7.373   -5.626  1.00 25.19 ? 606 LYS A CD  1 
ATOM   481 C CE  . LYS A 1 67 ? -1.417  8.477   -4.658  1.00 28.92 ? 606 LYS A CE  1 
ATOM   482 N NZ  . LYS A 1 67 ? -1.822  9.834   -5.169  1.00 31.54 ? 606 LYS A NZ  1 
ATOM   483 N N   . VAL A 1 68 ? 1.866   3.962   -7.311  1.00 11.10 ? 607 VAL A N   1 
ATOM   484 C CA  . VAL A 1 68 ? 3.175   3.313   -7.213  1.00 10.20 ? 607 VAL A CA  1 
ATOM   485 C C   . VAL A 1 68 ? 4.296   4.177   -7.846  1.00 10.11 ? 607 VAL A C   1 
ATOM   486 O O   . VAL A 1 68 ? 5.321   4.427   -7.205  1.00 9.97  ? 607 VAL A O   1 
ATOM   487 C CB  . VAL A 1 68 ? 3.141   1.858   -7.729  1.00 10.00 ? 607 VAL A CB  1 
ATOM   488 C CG1 . VAL A 1 68 ? 4.533   1.251   -7.755  1.00 9.51  ? 607 VAL A CG1 1 
ATOM   489 C CG2 . VAL A 1 68 ? 2.178   1.012   -6.835  1.00 10.06 ? 607 VAL A CG2 1 
ATOM   490 N N   . ASP A 1 69 ? 4.045   4.682   -9.052  1.00 10.51 ? 608 ASP A N   1 
ATOM   491 C CA  . ASP A 1 69 ? 5.002   5.551   -9.775  1.00 12.31 ? 608 ASP A CA  1 
ATOM   492 C C   . ASP A 1 69 ? 5.299   6.781   -8.927  1.00 12.60 ? 608 ASP A C   1 
ATOM   493 O O   . ASP A 1 69 ? 6.449   7.235   -8.842  1.00 13.75 ? 608 ASP A O   1 
ATOM   494 C CB  . ASP A 1 69 ? 4.430   5.946   -11.161 1.00 12.92 ? 608 ASP A CB  1 
ATOM   495 C CG  . ASP A 1 69 ? 4.373   4.745   -12.168 1.00 16.49 ? 608 ASP A CG  1 
ATOM   496 O OD1 . ASP A 1 69 ? 4.782   3.597   -11.833 1.00 20.08 ? 608 ASP A OD1 1 
ATOM   497 O OD2 . ASP A 1 69 ? 3.904   4.957   -13.335 1.00 21.08 ? 608 ASP A OD2 1 
ATOM   498 N N   . GLU A 1 70 ? 4.269   7.313   -8.261  1.00 11.67 ? 609 GLU A N   1 
ATOM   499 C CA  . GLU A 1 70 ? 4.430   8.495   -7.413  1.00 12.65 ? 609 GLU A CA  1 
ATOM   500 C C   . GLU A 1 70 ? 5.326   8.143   -6.220  1.00 11.44 ? 609 GLU A C   1 
ATOM   501 O O   . GLU A 1 70 ? 6.278   8.871   -5.928  1.00 11.14 ? 609 GLU A O   1 
ATOM   502 C CB  . GLU A 1 70 ? 3.060   9.009   -6.941  1.00 12.55 ? 609 GLU A CB  1 
ATOM   503 C CG  . GLU A 1 70 ? 3.160   10.180  -6.003  1.00 15.64 ? 609 GLU A CG  1 
ATOM   504 C CD  . GLU A 1 70 ? 1.801   10.731  -5.553  1.00 18.17 ? 609 GLU A CD  1 
ATOM   505 O OE1 . GLU A 1 70 ? 1.783   11.582  -4.644  1.00 21.83 ? 609 GLU A OE1 1 
ATOM   506 O OE2 . GLU A 1 70 ? 0.748   10.332  -6.105  1.00 20.86 ? 609 GLU A OE2 1 
ATOM   507 N N   . ALA A 1 71 ? 5.065   7.014   -5.549  1.00 10.85 ? 610 ALA A N   1 
ATOM   508 C CA  . ALA A 1 71 ? 5.952   6.543   -4.439  1.00 10.79 ? 610 ALA A CA  1 
ATOM   509 C C   . ALA A 1 71 ? 7.417   6.340   -4.868  1.00 11.01 ? 610 ALA A C   1 
ATOM   510 O O   . ALA A 1 71 ? 8.326   6.730   -4.148  1.00 11.77 ? 610 ALA A O   1 
ATOM   511 C CB  . ALA A 1 71 ? 5.399   5.257   -3.790  1.00 10.48 ? 610 ALA A CB  1 
ATOM   512 N N   . VAL A 1 72 ? 7.617   5.729   -6.041  1.00 10.83 ? 611 VAL A N   1 
ATOM   513 C CA  . VAL A 1 72 ? 8.952   5.475   -6.558  1.00 11.05 ? 611 VAL A CA  1 
ATOM   514 C C   . VAL A 1 72 ? 9.665   6.806   -6.864  1.00 11.98 ? 611 VAL A C   1 
ATOM   515 O O   . VAL A 1 72 ? 10.842  6.936   -6.543  1.00 12.40 ? 611 VAL A O   1 
ATOM   516 C CB  . VAL A 1 72 ? 8.899   4.534   -7.759  1.00 11.23 ? 611 VAL A CB  1 
ATOM   517 C CG1 . VAL A 1 72 ? 10.247  4.532   -8.523  1.00 12.79 ? 611 VAL A CG1 1 
ATOM   518 C CG2 . VAL A 1 72 ? 8.520   3.151   -7.281  1.00 13.32 ? 611 VAL A CG2 1 
ATOM   519 N N   . ALA A 1 73 ? 8.946   7.791   -7.436  1.00 12.55 ? 612 ALA A N   1 
ATOM   520 C CA  . ALA A 1 73 ? 9.531   9.139   -7.642  1.00 13.17 ? 612 ALA A CA  1 
ATOM   521 C C   . ALA A 1 73 ? 9.994   9.739   -6.338  1.00 13.64 ? 612 ALA A C   1 
ATOM   522 O O   . ALA A 1 73 ? 11.075  10.329  -6.241  1.00 14.04 ? 612 ALA A O   1 
ATOM   523 C CB  . ALA A 1 73 ? 8.531   10.074  -8.306  1.00 13.46 ? 612 ALA A CB  1 
ATOM   524 N N   . VAL A 1 74 ? 9.168   9.614   -5.324  1.00 13.60 ? 613 VAL A N   1 
ATOM   525 C CA  . VAL A 1 74 ? 9.537   10.126  -4.025  1.00 13.96 ? 613 VAL A CA  1 
ATOM   526 C C   . VAL A 1 74 ? 10.805  9.415   -3.461  1.00 14.90 ? 613 VAL A C   1 
ATOM   527 O O   . VAL A 1 74 ? 11.751  10.059  -2.985  1.00 16.31 ? 613 VAL A O   1 
ATOM   528 C CB  . VAL A 1 74 ? 8.306   10.054  -3.069  1.00 14.53 ? 613 VAL A CB  1 
ATOM   529 C CG1 . VAL A 1 74 ? 8.739   10.243  -1.613  1.00 16.33 ? 613 VAL A CG1 1 
ATOM   530 C CG2 . VAL A 1 74 ? 7.226   11.081  -3.490  1.00 13.60 ? 613 VAL A CG2 1 
ATOM   531 N N   . LEU A 1 75 ? 10.836  8.092   -3.530  1.00 14.11 ? 614 LEU A N   1 
ATOM   532 C CA  . LEU A 1 75 ? 12.011  7.328   -3.108  1.00 14.80 ? 614 LEU A CA  1 
ATOM   533 C C   . LEU A 1 75 ? 13.284  7.702   -3.904  1.00 15.49 ? 614 LEU A C   1 
ATOM   534 O O   . LEU A 1 75 ? 14.371  7.855   -3.302  1.00 16.32 ? 614 LEU A O   1 
ATOM   535 C CB  . LEU A 1 75 ? 11.725  5.830   -3.193  1.00 13.84 ? 614 LEU A CB  1 
ATOM   536 C CG  . LEU A 1 75 ? 10.689  5.324   -2.203  1.00 14.88 ? 614 LEU A CG  1 
ATOM   537 C CD1 . LEU A 1 75 ? 10.452  3.816   -2.443  1.00 16.92 ? 614 LEU A CD1 1 
ATOM   538 C CD2 . LEU A 1 75 ? 11.118  5.593   -0.736  1.00 16.80 ? 614 LEU A CD2 1 
ATOM   539 N N   . GLN A 1 76 ? 13.157  7.866   -5.230  1.00 16.26 ? 615 GLN A N   1 
ATOM   540 C CA  . GLN A 1 76 ? 14.299  8.281   -6.077  1.00 18.03 ? 615 GLN A CA  1 
ATOM   541 C C   . GLN A 1 76 ? 14.934  9.590   -5.616  1.00 18.51 ? 615 GLN A C   1 
ATOM   542 O O   . GLN A 1 76 ? 16.145  9.774   -5.732  1.00 18.68 ? 615 GLN A O   1 
ATOM   543 C CB  . GLN A 1 76 ? 13.873  8.379   -7.555  1.00 17.59 ? 615 GLN A CB  1 
ATOM   544 C CG  . GLN A 1 76 ? 13.775  7.017   -8.220  1.00 20.37 ? 615 GLN A CG  1 
ATOM   545 C CD  . GLN A 1 76 ? 13.054  7.034   -9.573  1.00 24.44 ? 615 GLN A CD  1 
ATOM   546 O OE1 . GLN A 1 76 ? 13.228  6.109   -10.400 1.00 27.57 ? 615 GLN A OE1 1 
ATOM   547 N NE2 . GLN A 1 76 ? 12.228  8.065   -9.805  1.00 24.03 ? 615 GLN A NE2 1 
ATOM   548 N N   . ALA A 1 77 ? 14.127  10.490  -5.085  1.00 20.07 ? 616 ALA A N   1 
ATOM   549 C CA  . ALA A 1 77 ? 14.634  11.783  -4.643  1.00 23.37 ? 616 ALA A CA  1 
ATOM   550 C C   . ALA A 1 77 ? 15.224  11.709  -3.230  1.00 25.78 ? 616 ALA A C   1 
ATOM   551 O O   . ALA A 1 77 ? 15.817  12.697  -2.747  1.00 28.24 ? 616 ALA A O   1 
ATOM   552 C CB  . ALA A 1 77 ? 13.550  12.826  -4.736  1.00 22.31 ? 616 ALA A CB  1 
ATOM   553 N N   . HIS A 1 78 ? 15.090  10.557  -2.578  1.00 28.18 ? 617 HIS A N   1 
ATOM   554 C CA  . HIS A 1 78 ? 15.603  10.364  -1.226  1.00 31.25 ? 617 HIS A CA  1 
ATOM   555 C C   . HIS A 1 78 ? 16.610  9.235   -1.161  1.00 33.54 ? 617 HIS A C   1 
ATOM   556 O O   . HIS A 1 78 ? 16.694  8.533   -0.155  1.00 35.18 ? 617 HIS A O   1 
ATOM   557 C CB  . HIS A 1 78 ? 14.447  10.159  -0.235  1.00 30.69 ? 617 HIS A CB  1 
ATOM   558 C CG  . HIS A 1 78 ? 13.673  11.407  0.032   1.00 31.83 ? 617 HIS A CG  1 
ATOM   559 N ND1 . HIS A 1 78 ? 12.639  11.835  -0.781  1.00 32.49 ? 617 HIS A ND1 1 
ATOM   560 C CD2 . HIS A 1 78 ? 13.799  12.344  1.003   1.00 32.88 ? 617 HIS A CD2 1 
ATOM   561 C CE1 . HIS A 1 78 ? 12.150  12.969  -0.311  1.00 33.42 ? 617 HIS A CE1 1 
ATOM   562 N NE2 . HIS A 1 78 ? 12.839  13.302  0.769   1.00 34.90 ? 617 HIS A NE2 1 
ATOM   563 N N   . GLN A 1 79 ? 17.335  9.054   -2.263  1.00 35.89 ? 618 GLN A N   1 
ATOM   564 C CA  . GLN A 1 79 ? 18.552  8.222   -2.379  1.00 38.75 ? 618 GLN A CA  1 
ATOM   565 C C   . GLN A 1 79 ? 18.427  6.973   -3.229  1.00 39.41 ? 618 GLN A C   1 
ATOM   566 O O   . GLN A 1 79 ? 18.379  7.064   -4.454  1.00 41.06 ? 618 GLN A O   1 
ATOM   567 C CB  . GLN A 1 79 ? 19.185  7.896   -1.026  1.00 39.94 ? 618 GLN A CB  1 
ATOM   568 C CG  . GLN A 1 79 ? 20.037  9.029   -0.473  1.00 43.13 ? 618 GLN A CG  1 
ATOM   569 C CD  . GLN A 1 79 ? 20.530  8.745   0.945   1.00 47.69 ? 618 GLN A CD  1 
ATOM   570 O OE1 . GLN A 1 79 ? 21.100  7.668   1.231   1.00 51.00 ? 618 GLN A OE1 1 
ATOM   571 N NE2 . GLN A 1 79 ? 20.321  9.709   1.839   1.00 47.18 ? 618 GLN A NE2 1 
ATOM   572 N N   . GLU B 2 1  ? 0.256   13.970  -0.466  1.00 29.52 ? 55  GLU B N   1 
ATOM   573 C CA  . GLU B 2 1  ? 1.729   13.793  -0.617  1.00 28.71 ? 55  GLU B CA  1 
ATOM   574 C C   . GLU B 2 1  ? 2.180   12.552  0.135   1.00 27.39 ? 55  GLU B C   1 
ATOM   575 O O   . GLU B 2 1  ? 1.772   12.328  1.284   1.00 28.42 ? 55  GLU B O   1 
ATOM   576 C CB  . GLU B 2 1  ? 2.467   15.005  -0.072  1.00 29.35 ? 55  GLU B CB  1 
ATOM   577 C CG  . GLU B 2 1  ? 2.292   16.246  -0.932  1.00 33.12 ? 55  GLU B CG  1 
ATOM   578 C CD  . GLU B 2 1  ? 3.091   17.401  -0.403  1.00 38.72 ? 55  GLU B CD  1 
ATOM   579 O OE1 . GLU B 2 1  ? 4.033   17.141  0.397   1.00 41.25 ? 55  GLU B OE1 1 
ATOM   580 O OE2 . GLU B 2 1  ? 2.774   18.563  -0.776  1.00 42.35 ? 55  GLU B OE2 1 
ATOM   581 N N   . LEU B 2 2  ? 3.034   11.752  -0.493  1.00 24.98 ? 56  LEU B N   1 
ATOM   582 C CA  . LEU B 2 2  ? 3.513   10.530  0.158   1.00 22.92 ? 56  LEU B CA  1 
ATOM   583 C C   . LEU B 2 2  ? 4.749   10.758  1.025   1.00 22.77 ? 56  LEU B C   1 
ATOM   584 O O   . LEU B 2 2  ? 5.538   11.680  0.782   1.00 22.70 ? 56  LEU B O   1 
ATOM   585 C CB  . LEU B 2 2  ? 3.808   9.462   -0.886  1.00 22.01 ? 56  LEU B CB  1 
ATOM   586 C CG  . LEU B 2 2  ? 2.626   9.089   -1.771  1.00 19.98 ? 56  LEU B CG  1 
ATOM   587 C CD1 . LEU B 2 2  ? 3.138   8.162   -2.794  1.00 17.87 ? 56  LEU B CD1 1 
ATOM   588 C CD2 . LEU B 2 2  ? 1.511   8.401   -0.902  1.00 19.25 ? 56  LEU B CD2 1 
ATOM   589 N N   . ASN B 2 3  ? 4.927   9.905   2.015   1.00 22.19 ? 57  ASN B N   1 
ATOM   590 C CA  . ASN B 2 3  ? 6.007   10.058  2.968   1.00 22.81 ? 57  ASN B CA  1 
ATOM   591 C C   . ASN B 2 3  ? 7.135   9.027   2.789   1.00 23.16 ? 57  ASN B C   1 
ATOM   592 O O   . ASN B 2 3  ? 6.946   7.819   3.021   1.00 22.80 ? 57  ASN B O   1 
ATOM   593 C CB  . ASN B 2 3  ? 5.405   9.963   4.360   1.00 23.14 ? 57  ASN B CB  1 
ATOM   594 C CG  . ASN B 2 3  ? 6.426   9.987   5.451   1.00 25.78 ? 57  ASN B CG  1 
ATOM   595 O OD1 . ASN B 2 3  ? 7.608   10.278  5.242   1.00 27.88 ? 57  ASN B OD1 1 
ATOM   596 N ND2 . ASN B 2 3  ? 5.978   9.639   6.645   1.00 28.71 ? 57  ASN B ND2 1 
ATOM   597 N N   . PRO B 2 4  ? 8.341   9.513   2.423   1.00 23.46 ? 58  PRO B N   1 
ATOM   598 C CA  . PRO B 2 4  ? 9.468   8.626   2.175   1.00 23.89 ? 58  PRO B CA  1 
ATOM   599 C C   . PRO B 2 4  ? 9.915   7.890   3.446   1.00 23.93 ? 58  PRO B C   1 
ATOM   600 O O   . PRO B 2 4  ? 10.590  6.886   3.354   1.00 24.41 ? 58  PRO B O   1 
ATOM   601 C CB  . PRO B 2 4  ? 10.567  9.578   1.667   1.00 24.86 ? 58  PRO B CB  1 
ATOM   602 C CG  . PRO B 2 4  ? 10.186  10.938  2.209   1.00 23.92 ? 58  PRO B CG  1 
ATOM   603 C CD  . PRO B 2 4  ? 8.675   10.928  2.157   1.00 23.40 ? 58  PRO B CD  1 
ATOM   604 N N   . ASN B 2 5  ? 9.495   8.379   4.609   1.00 24.28 ? 59  ASN B N   1 
ATOM   605 C CA  . ASN B 2 5  ? 9.866   7.790   5.886   1.00 25.20 ? 59  ASN B CA  1 
ATOM   606 C C   . ASN B 2 5  ? 8.831   6.791   6.408   1.00 24.88 ? 59  ASN B C   1 
ATOM   607 O O   . ASN B 2 5  ? 9.003   6.223   7.500   1.00 24.96 ? 59  ASN B O   1 
ATOM   608 C CB  . ASN B 2 5  ? 10.090  8.909   6.925   1.00 26.63 ? 59  ASN B CB  1 
ATOM   609 C CG  . ASN B 2 5  ? 11.257  9.833   6.559   1.00 28.89 ? 59  ASN B CG  1 
ATOM   610 O OD1 . ASN B 2 5  ? 12.349  9.369   6.214   1.00 31.73 ? 59  ASN B OD1 1 
ATOM   611 N ND2 . ASN B 2 5  ? 11.024  11.158  6.642   1.00 33.11 ? 59  ASN B ND2 1 
ATOM   612 N N   . ALA B 2 6  ? 7.751   6.579   5.648   1.00 24.34 ? 60  ALA B N   1 
ATOM   613 C CA  . ALA B 2 6  ? 6.709   5.630   6.075   1.00 24.42 ? 60  ALA B CA  1 
ATOM   614 C C   . ALA B 2 6  ? 7.370   4.294   6.325   1.00 23.93 ? 60  ALA B C   1 
ATOM   615 O O   . ALA B 2 6  ? 8.355   3.978   5.679   1.00 26.47 ? 60  ALA B O   1 
ATOM   616 C CB  . ALA B 2 6  ? 5.607   5.499   4.994   1.00 24.67 ? 60  ALA B CB  1 
ATOM   617 N N   . GLU B 2 7  ? 6.842   3.488   7.230   1.00 23.03 ? 61  GLU B N   1 
ATOM   618 C CA  . GLU B 2 7  ? 7.499   2.228   7.544   1.00 23.28 ? 61  GLU B CA  1 
ATOM   619 C C   . GLU B 2 7  ? 7.303   1.092   6.548   1.00 22.06 ? 61  GLU B C   1 
ATOM   620 O O   . GLU B 2 7  ? 6.277   1.018   5.907   1.00 23.36 ? 61  GLU B O   1 
ATOM   621 C CB  . GLU B 2 7  ? 7.125   1.791   8.951   1.00 24.71 ? 61  GLU B CB  1 
ATOM   622 C CG  . GLU B 2 7  ? 7.714   2.757   10.021  1.00 28.61 ? 61  GLU B CG  1 
ATOM   623 C CD  . GLU B 2 7  ? 7.135   2.514   11.398  1.00 34.59 ? 61  GLU B CD  1 
ATOM   624 O OE1 . GLU B 2 7  ? 6.628   1.392   11.635  1.00 37.26 ? 61  GLU B OE1 1 
ATOM   625 O OE2 . GLU B 2 7  ? 7.172   3.450   12.239  1.00 38.55 ? 61  GLU B OE2 1 
ATOM   626 N N   . VAL B 2 8  ? 8.277   0.178   6.471   1.00 21.05 ? 62  VAL B N   1 
ATOM   627 C CA  . VAL B 2 8  ? 8.231   -1.051  5.628   1.00 19.23 ? 62  VAL B CA  1 
ATOM   628 C C   . VAL B 2 8  ? 7.114   -1.950  6.136   1.00 19.55 ? 62  VAL B C   1 
ATOM   629 O O   . VAL B 2 8  ? 7.145   -2.393  7.290   1.00 22.04 ? 62  VAL B O   1 
ATOM   630 C CB  . VAL B 2 8  ? 9.622   -1.832  5.635   1.00 19.19 ? 62  VAL B CB  1 
ATOM   631 C CG1 . VAL B 2 8  ? 9.555   -3.118  4.787   1.00 18.10 ? 62  VAL B CG1 1 
ATOM   632 C CG2 . VAL B 2 8  ? 10.732  -0.940  5.099   1.00 18.42 ? 62  VAL B CG2 1 
ATOM   633 N N   . TRP B 2 9  ? 6.120   -2.206  5.300   1.00 16.97 ? 63  TRP B N   1 
ATOM   634 C CA  . TRP B 2 9  ? 4.990   -2.993  5.702   1.00 17.08 ? 63  TRP B CA  1 
ATOM   635 C C   . TRP B 2 9  ? 5.308   -4.476  5.456   1.00 17.16 ? 63  TRP B C   1 
ATOM   636 O O   . TRP B 2 9  ? 5.961   -4.825  4.465   1.00 17.80 ? 63  TRP B O   1 
ATOM   637 C CB  . TRP B 2 9  ? 3.730   -2.534  4.956   1.00 16.45 ? 63  TRP B CB  1 
ATOM   638 C CG  . TRP B 2 9  ? 2.510   -3.284  5.428   1.00 18.98 ? 63  TRP B CG  1 
ATOM   639 C CD1 . TRP B 2 9  ? 1.657   -2.914  6.433   1.00 20.31 ? 63  TRP B CD1 1 
ATOM   640 C CD2 . TRP B 2 9  ? 2.044   -4.567  4.964   1.00 18.53 ? 63  TRP B CD2 1 
ATOM   641 N NE1 . TRP B 2 9  ? 0.677   -3.872  6.599   1.00 19.28 ? 63  TRP B NE1 1 
ATOM   642 C CE2 . TRP B 2 9  ? 0.893   -4.895  5.722   1.00 18.63 ? 63  TRP B CE2 1 
ATOM   643 C CE3 . TRP B 2 9  ? 2.492   -5.469  3.983   1.00 18.76 ? 63  TRP B CE3 1 
ATOM   644 C CZ2 . TRP B 2 9  ? 0.177   -6.089  5.535   1.00 18.11 ? 63  TRP B CZ2 1 
ATOM   645 C CZ3 . TRP B 2 9  ? 1.791   -6.656  3.796   1.00 19.14 ? 63  TRP B CZ3 1 
ATOM   646 C CH2 . TRP B 2 9  ? 0.643   -6.959  4.580   1.00 20.15 ? 63  TRP B CH2 1 
ATOM   647 N N   . GLY B 2 10 ? 4.870   -5.346  6.374   1.00 16.78 ? 64  GLY B N   1 
ATOM   648 C CA  . GLY B 2 10 ? 4.960   -6.807  6.162   1.00 18.10 ? 64  GLY B CA  1 
ATOM   649 C C   . GLY B 2 10 ? 6.304   -7.464  6.461   1.00 17.78 ? 64  GLY B C   1 
ATOM   650 O O   . GLY B 2 10 ? 6.455   -8.671  6.285   1.00 20.53 ? 64  GLY B O   1 
ATOM   651 N N   . ALA B 2 11 ? 7.282   -6.686  6.911   1.00 16.51 ? 65  ALA B N   1 
ATOM   652 C CA  . ALA B 2 11 ? 8.597   -7.219  7.280   1.00 15.61 ? 65  ALA B CA  1 
ATOM   653 C C   . ALA B 2 11 ? 8.489   -8.177  8.507   1.00 14.55 ? 65  ALA B C   1 
ATOM   654 O O   . ALA B 2 11 ? 7.908   -7.809  9.543   1.00 14.70 ? 65  ALA B O   1 
ATOM   655 C CB  . ALA B 2 11 ? 9.554   -6.045  7.590   1.00 15.02 ? 65  ALA B CB  1 
ATOM   656 N N   . PRO B 2 12 ? 8.977   -9.415  8.367   1.00 14.19 ? 66  PRO B N   1 
ATOM   657 C CA  . PRO B 2 12 ? 8.878   -10.399 9.462   1.00 14.04 ? 66  PRO B CA  1 
ATOM   658 C C   . PRO B 2 12 ? 9.796   -10.040 10.634  1.00 14.71 ? 66  PRO B C   1 
ATOM   659 O O   . PRO B 2 12 ? 10.883  -9.476  10.430  1.00 13.90 ? 66  PRO B O   1 
ATOM   660 C CB  . PRO B 2 12 ? 9.323   -11.709 8.806   1.00 14.87 ? 66  PRO B CB  1 
ATOM   661 C CG  . PRO B 2 12 ? 10.225  -11.236 7.634   1.00 14.95 ? 66  PRO B CG  1 
ATOM   662 C CD  . PRO B 2 12 ? 9.626   -9.969  7.154   1.00 15.29 ? 66  PRO B CD  1 
ATOM   663 N N   . VAL B 2 13 ? 9.335   -10.354 11.848  1.00 15.20 ? 67  VAL B N   1 
ATOM   664 C CA  . VAL B 2 13 ? 10.071  -10.110 13.079  1.00 16.32 ? 67  VAL B CA  1 
ATOM   665 C C   . VAL B 2 13 ? 10.678  -11.440 13.498  1.00 18.80 ? 67  VAL B C   1 
ATOM   666 O O   . VAL B 2 13 ? 9.963   -12.346 13.908  1.00 19.06 ? 67  VAL B O   1 
ATOM   667 C CB  . VAL B 2 13 ? 9.184   -9.551  14.198  1.00 15.16 ? 67  VAL B CB  1 
ATOM   668 C CG1 . VAL B 2 13 ? 10.041  -9.382  15.490  1.00 13.67 ? 67  VAL B CG1 1 
ATOM   669 C CG2 . VAL B 2 13 ? 8.596   -8.227  13.763  1.00 15.09 ? 67  VAL B CG2 1 
ATOM   670 N N   . LEU B 2 14 ? 11.993  -11.524 13.317  1.00 21.57 ? 68  LEU B N   1 
ATOM   671 C CA  . LEU B 2 14 ? 12.829  -12.639 13.677  1.00 25.54 ? 68  LEU B CA  1 
ATOM   672 C C   . LEU B 2 14 ? 14.187  -12.103 14.186  1.00 28.06 ? 68  LEU B C   1 
ATOM   673 O O   . LEU B 2 14 ? 14.629  -10.933 13.896  1.00 28.36 ? 68  LEU B O   1 
ATOM   674 C CB  . LEU B 2 14 ? 13.143  -13.552 12.478  1.00 25.11 ? 68  LEU B CB  1 
ATOM   675 C CG  . LEU B 2 14 ? 12.169  -13.966 11.391  1.00 25.24 ? 68  LEU B CG  1 
ATOM   676 C CD1 . LEU B 2 14 ? 13.016  -14.434 10.267  1.00 26.03 ? 68  LEU B CD1 1 
ATOM   677 C CD2 . LEU B 2 14 ? 11.281  -15.100 11.863  1.00 28.64 ? 68  LEU B CD2 1 
ATOM   678 N N   . HIS B 2 15 ? 14.870  -13.011 14.861  1.00 30.66 ? 69  HIS B N   1 
ATOM   679 C CA  . HIS B 2 15 ? 16.264  -12.831 15.300  1.00 34.22 ? 69  HIS B CA  1 
ATOM   680 C C   . HIS B 2 15 ? 17.305  -13.822 14.645  1.00 34.90 ? 69  HIS B C   1 
ATOM   681 O O   . HIS B 2 15 ? 17.055  -14.510 13.621  1.00 34.94 ? 69  HIS B O   1 
ATOM   682 C CB  . HIS B 2 15 ? 16.272  -13.028 16.805  1.00 35.47 ? 69  HIS B CB  1 
ATOM   683 C CG  . HIS B 2 15 ? 15.436  -14.196 17.240  1.00 39.19 ? 69  HIS B CG  1 
ATOM   684 N ND1 . HIS B 2 15 ? 15.756  -15.497 16.913  1.00 42.46 ? 69  HIS B ND1 1 
ATOM   685 C CD2 . HIS B 2 15 ? 14.268  -14.255 17.931  1.00 41.95 ? 69  HIS B CD2 1 
ATOM   686 C CE1 . HIS B 2 15 ? 14.839  -16.308 17.411  1.00 44.01 ? 69  HIS B CE1 1 
ATOM   687 N NE2 . HIS B 2 15 ? 13.927  -15.579 18.037  1.00 42.87 ? 69  HIS B NE2 1 
HETATM 688 O O   . HOH C 3 .  ? 7.733   -2.805  -13.093 1.00 25.56 ? 1   HOH A O   1 
HETATM 689 O O   . HOH C 3 .  ? -8.438  -6.320  -6.043  1.00 53.27 ? 3   HOH A O   1 
HETATM 690 O O   . HOH C 3 .  ? 2.206   7.875   -13.660 1.00 46.87 ? 4   HOH A O   1 
HETATM 691 O O   . HOH C 3 .  ? 9.527   -5.848  0.115   1.00 15.80 ? 6   HOH A O   1 
HETATM 692 O O   . HOH C 3 .  ? 2.092   2.856   6.699   1.00 23.82 ? 7   HOH A O   1 
HETATM 693 O O   . HOH C 3 .  ? 3.378   -10.790 -6.655  1.00 25.96 ? 8   HOH A O   1 
HETATM 694 O O   . HOH C 3 .  ? -11.988 4.956   5.965   1.00 39.07 ? 10  HOH A O   1 
HETATM 695 O O   . HOH C 3 .  ? 11.908  -2.116  -8.431  1.00 12.65 ? 11  HOH A O   1 
HETATM 696 O O   . HOH C 3 .  ? -17.037 -0.874  -2.215  1.00 35.12 ? 12  HOH A O   1 
HETATM 697 O O   . HOH C 3 .  ? 2.232   9.082   -11.060 1.00 20.39 ? 14  HOH A O   1 
HETATM 698 O O   . HOH C 3 .  ? 12.312  -3.571  -6.208  1.00 14.80 ? 15  HOH A O   1 
HETATM 699 O O   . HOH C 3 .  ? -5.333  -3.011  -8.971  1.00 15.64 ? 16  HOH A O   1 
HETATM 700 O O   . HOH C 3 .  ? 3.810   12.493  -3.163  1.00 19.03 ? 17  HOH A O   1 
HETATM 701 O O   . HOH C 3 .  ? 6.595   2.306   -10.774 1.00 24.46 ? 18  HOH A O   1 
HETATM 702 O O   . HOH C 3 .  ? 8.481   4.384   -11.698 1.00 33.21 ? 21  HOH A O   1 
HETATM 703 O O   . HOH C 3 .  ? 11.645  12.464  -7.838  1.00 22.26 ? 22  HOH A O   1 
HETATM 704 O O   . HOH C 3 .  ? 5.087   -6.255  -13.582 1.00 12.26 ? 23  HOH A O   1 
HETATM 705 O O   . HOH C 3 .  ? -14.185 1.515   3.954   1.00 20.21 ? 24  HOH A O   1 
HETATM 706 O O   . HOH C 3 .  ? -11.113 -5.125  -11.020 1.00 32.35 ? 26  HOH A O   1 
HETATM 707 O O   . HOH C 3 .  ? -12.917 2.331   6.089   1.00 24.23 ? 27  HOH A O   1 
HETATM 708 O O   . HOH C 3 .  ? -13.650 3.221   8.985   1.00 46.67 ? 28  HOH A O   1 
HETATM 709 O O   . HOH C 3 .  ? 8.091   6.833   -11.039 1.00 21.79 ? 29  HOH A O   1 
HETATM 710 O O   . HOH C 3 .  ? 2.926   8.016   2.614   1.00 22.35 ? 32  HOH A O   1 
HETATM 711 O O   . HOH C 3 .  ? 9.305   -8.120  -1.612  1.00 19.92 ? 33  HOH A O   1 
HETATM 712 O O   . HOH C 3 .  ? 16.701  -4.395  -5.927  1.00 14.87 ? 34  HOH A O   1 
HETATM 713 O O   . HOH C 3 .  ? 9.814   14.579  -0.388  1.00 36.57 ? 35  HOH A O   1 
HETATM 714 O O   . HOH C 3 .  ? -15.162 2.265   10.401  1.00 40.90 ? 36  HOH A O   1 
HETATM 715 O O   . HOH C 3 .  ? 15.497  -3.055  -2.447  1.00 22.05 ? 37  HOH A O   1 
HETATM 716 O O   . HOH C 3 .  ? 1.783   -8.668  7.745   1.00 49.65 ? 38  HOH A O   1 
HETATM 717 O O   . HOH C 3 .  ? -12.492 9.455   1.708   1.00 68.16 ? 40  HOH A O   1 
HETATM 718 O O   . HOH C 3 .  ? -4.485  -2.706  10.709  1.00 40.27 ? 41  HOH A O   1 
HETATM 719 O O   . HOH C 3 .  ? -13.403 3.239   -3.370  1.00 24.87 ? 42  HOH A O   1 
HETATM 720 O O   . HOH C 3 .  ? -11.057 -3.121  -3.230  1.00 31.32 ? 43  HOH A O   1 
HETATM 721 O O   . HOH C 3 .  ? -10.524 -5.617  -3.792  1.00 32.88 ? 44  HOH A O   1 
HETATM 722 O O   . HOH C 3 .  ? -0.875  2.346   -18.092 1.00 26.60 ? 45  HOH A O   1 
HETATM 723 O O   . HOH C 3 .  ? -9.258  5.887   5.730   1.00 39.99 ? 46  HOH A O   1 
HETATM 724 O O   . HOH C 3 .  ? 7.645   0.281   -12.883 1.00 33.29 ? 47  HOH A O   1 
HETATM 725 O O   . HOH C 3 .  ? 5.296   1.696   -13.891 1.00 28.28 ? 48  HOH A O   1 
HETATM 726 O O   . HOH C 3 .  ? 0.081   -10.625 1.295   1.00 38.57 ? 49  HOH A O   1 
HETATM 727 O O   . HOH C 3 .  ? -3.903  6.891   -8.467  1.00 29.83 ? 50  HOH A O   1 
HETATM 728 O O   . HOH C 3 .  ? -12.187 6.420   3.418   1.00 36.29 ? 51  HOH A O   1 
HETATM 729 O O   . HOH C 3 .  ? -3.926  -9.023  -4.173  1.00 36.77 ? 52  HOH A O   1 
HETATM 730 O O   . HOH C 3 .  ? 0.012   10.220  -8.768  1.00 36.63 ? 53  HOH A O   1 
HETATM 731 O O   . HOH C 3 .  ? -13.237 3.087   16.230  1.00 46.73 ? 54  HOH A O   1 
HETATM 732 O O   . HOH C 3 .  ? -5.783  6.712   6.485   1.00 40.51 ? 56  HOH A O   1 
HETATM 733 O O   . HOH C 3 .  ? 6.756   8.410   -13.009 1.00 64.75 ? 58  HOH A O   1 
HETATM 734 O O   . HOH C 3 .  ? -0.307  12.099  -3.015  1.00 57.82 ? 60  HOH A O   1 
HETATM 735 O O   . HOH C 3 .  ? 15.934  4.352   -11.055 1.00 47.39 ? 61  HOH A O   1 
HETATM 736 O O   . HOH C 3 .  ? -7.649  5.341   -6.079  1.00 95.00 ? 64  HOH A O   1 
HETATM 737 O O   . HOH C 3 .  ? -15.503 -1.008  12.413  1.00 47.10 ? 65  HOH A O   1 
HETATM 738 O O   . HOH C 3 .  ? -10.912 -6.302  -8.476  1.00 62.65 ? 66  HOH A O   1 
HETATM 739 O O   . HOH C 3 .  ? -4.665  6.717   -12.871 1.00 43.42 ? 68  HOH A O   1 
HETATM 740 O O   . HOH C 3 .  ? -8.074  2.402   8.911   1.00 42.80 ? 69  HOH A O   1 
HETATM 741 O O   . HOH C 3 .  ? -9.585  -9.242  -1.764  1.00 56.26 ? 73  HOH A O   1 
HETATM 742 O O   . HOH C 3 .  ? -19.073 -2.439  -3.358  1.00 67.93 ? 74  HOH A O   1 
HETATM 743 O O   . HOH C 3 .  ? -5.498  10.248  1.068   1.00 42.25 ? 76  HOH A O   1 
HETATM 744 O O   . HOH C 3 .  ? 10.465  8.355   -11.249 1.00 40.38 ? 77  HOH A O   1 
HETATM 745 O O   . HOH C 3 .  ? -0.931  3.442   7.750   1.00 47.19 ? 78  HOH A O   1 
HETATM 746 O O   . HOH C 3 .  ? -6.169  0.137   10.604  1.00 38.53 ? 79  HOH A O   1 
HETATM 747 O O   . HOH C 3 .  ? -11.523 8.598   -2.093  1.00 40.37 ? 80  HOH A O   1 
HETATM 748 O O   . HOH C 3 .  ? 7.154   -12.355 -0.793  1.00 68.30 ? 85  HOH A O   1 
HETATM 749 O O   . HOH C 3 .  ? -14.272 5.014   -7.037  1.00 49.70 ? 86  HOH A O   1 
HETATM 750 O O   . HOH C 3 .  ? -20.020 -5.886  0.699   1.00 50.52 ? 87  HOH A O   1 
HETATM 751 O O   . HOH C 3 .  ? 1.830   -6.690  9.478   1.00 44.19 ? 88  HOH A O   1 
HETATM 752 O O   . HOH C 3 .  ? -13.666 0.661   -4.834  1.00 74.00 ? 89  HOH A O   1 
HETATM 753 O O   . HOH C 3 .  ? -0.010  -13.500 -2.676  1.00 54.52 ? 92  HOH A O   1 
HETATM 754 O O   . HOH D 3 .  ? 14.089  10.084  3.114   1.00 55.50 ? 2   HOH B O   1 
HETATM 755 O O   . HOH D 3 .  ? 6.767   -4.338  8.831   1.00 48.17 ? 5   HOH B O   1 
HETATM 756 O O   . HOH D 3 .  ? 1.956   11.048  3.821   1.00 60.25 ? 9   HOH B O   1 
HETATM 757 O O   . HOH D 3 .  ? 7.378   -6.791  3.567   1.00 29.55 ? 13  HOH B O   1 
HETATM 758 O O   . HOH D 3 .  ? 3.720   -4.946  8.842   1.00 38.79 ? 19  HOH B O   1 
HETATM 759 O O   . HOH D 3 .  ? 12.990  -8.544  11.938  1.00 14.96 ? 20  HOH B O   1 
HETATM 760 O O   . HOH D 3 .  ? 8.585   -1.945  9.605   1.00 18.11 ? 25  HOH B O   1 
HETATM 761 O O   . HOH D 3 .  ? 6.421   -11.232 12.116  1.00 26.72 ? 30  HOH B O   1 
HETATM 762 O O   . HOH D 3 .  ? 11.583  5.055   7.783   1.00 66.24 ? 31  HOH B O   1 
HETATM 763 O O   . HOH D 3 .  ? 4.934   -9.919  10.262  1.00 69.77 ? 70  HOH B O   1 
HETATM 764 O O   . HOH D 3 .  ? 5.610   -10.880 7.709   1.00 54.89 ? 71  HOH B O   1 
HETATM 765 O O   . HOH D 3 .  ? 12.526  -14.570 15.695  1.00 83.57 ? 72  HOH B O   1 
HETATM 766 O O   . HOH D 3 .  ? 4.146   4.279   8.002   1.00 44.02 ? 73  HOH B O   1 
HETATM 767 O O   . HOH D 3 .  ? -0.128  0.135   8.953   1.00 56.99 ? 84  HOH B O   1 
HETATM 768 O O   . HOH D 3 .  ? 17.881  -15.480 19.089  1.00 70.11 ? 90  HOH B O   1 
HETATM 769 O O   . HOH D 3 .  ? 6.144   14.225  2.604   1.00 52.84 ? 93  HOH B O   1 
# 
loop_
_atom_site_anisotrop.id 
_atom_site_anisotrop.type_symbol 
_atom_site_anisotrop.pdbx_label_atom_id 
_atom_site_anisotrop.pdbx_label_alt_id 
_atom_site_anisotrop.pdbx_label_comp_id 
_atom_site_anisotrop.pdbx_label_asym_id 
_atom_site_anisotrop.pdbx_label_seq_id 
_atom_site_anisotrop.pdbx_PDB_ins_code 
_atom_site_anisotrop.U[1][1] 
_atom_site_anisotrop.U[2][2] 
_atom_site_anisotrop.U[3][3] 
_atom_site_anisotrop.U[1][2] 
_atom_site_anisotrop.U[1][3] 
_atom_site_anisotrop.U[2][3] 
_atom_site_anisotrop.pdbx_auth_seq_id 
_atom_site_anisotrop.pdbx_auth_comp_id 
_atom_site_anisotrop.pdbx_auth_asym_id 
_atom_site_anisotrop.pdbx_auth_atom_id 
1   N N   . PRO A 5  ? 0.4945 0.4958 0.5665 -0.0081 0.0088  -0.0236 544 PRO A N   
2   C CA  . PRO A 5  ? 0.4851 0.4896 0.5488 -0.0083 0.0128  -0.0295 544 PRO A CA  
3   C C   . PRO A 5  ? 0.4660 0.4790 0.5343 -0.0111 0.0199  -0.0332 544 PRO A C   
4   O O   . PRO A 5  ? 0.4558 0.4894 0.5472 -0.0113 0.0196  -0.0389 544 PRO A O   
5   C CB  . PRO A 5  ? 0.4895 0.4938 0.5476 -0.0134 0.0113  -0.0281 544 PRO A CB  
6   C CG  . PRO A 5  ? 0.5024 0.5014 0.5646 -0.0131 -0.0002 -0.0252 544 PRO A CG  
7   C CD  . PRO A 5  ? 0.4978 0.5072 0.5694 -0.0128 0.0051  -0.0204 544 PRO A CD  
8   N N   . LEU A 6  ? 0.4377 0.4573 0.4975 -0.0067 0.0243  -0.0372 545 LEU A N   
9   C CA  . LEU A 6  ? 0.4002 0.4256 0.4522 -0.0069 0.0289  -0.0338 545 LEU A CA  
10  C C   . LEU A 6  ? 0.3792 0.4165 0.4226 -0.0071 0.0288  -0.0351 545 LEU A C   
11  O O   . LEU A 6  ? 0.3737 0.4227 0.4340 -0.0059 0.0378  -0.0386 545 LEU A O   
12  C CB  . LEU A 6  ? 0.4006 0.4318 0.4455 -0.0056 0.0282  -0.0317 545 LEU A CB  
13  C CG  . LEU A 6  ? 0.4154 0.4404 0.4356 -0.0164 0.0428  -0.0243 545 LEU A CG  
14  C CD1 . LEU A 6  ? 0.4128 0.3990 0.3689 -0.0126 0.0491  -0.0014 545 LEU A CD1 
15  C CD2 . LEU A 6  ? 0.4111 0.4514 0.4572 0.0012  0.0462  -0.0405 545 LEU A CD2 
16  N N   . THR A 7  ? 0.3459 0.3801 0.3868 -0.0101 0.0234  -0.0414 546 THR A N   
17  C CA  . THR A 7  ? 0.3169 0.3498 0.3404 -0.0213 0.0214  -0.0546 546 THR A CA  
18  C C   . THR A 7  ? 0.2919 0.3144 0.3194 -0.0176 0.0226  -0.0498 546 THR A C   
19  O O   . THR A 7  ? 0.2639 0.2793 0.2924 -0.0184 0.0193  -0.0675 546 THR A O   
20  C CB  . THR A 7  ? 0.3159 0.3564 0.3446 -0.0262 0.0163  -0.0524 546 THR A CB  
21  O OG1 . THR A 7  ? 0.3075 0.3744 0.3412 -0.0512 0.0201  -0.0707 546 THR A OG1 
22  C CG2 . THR A 7  ? 0.3435 0.3785 0.3555 -0.0199 0.0274  -0.0630 546 THR A CG2 
23  N N   . ALA A 8  ? 0.2673 0.3009 0.2919 -0.0164 0.0302  -0.0438 547 ALA A N   
24  C CA  . ALA A 8  ? 0.2383 0.2809 0.2840 -0.0124 0.0264  -0.0310 547 ALA A CA  
25  C C   . ALA A 8  ? 0.2378 0.2694 0.2744 -0.0069 0.0266  -0.0247 547 ALA A C   
26  O O   . ALA A 8  ? 0.2145 0.2697 0.2669 -0.0040 0.0333  -0.0232 547 ALA A O   
27  C CB  . ALA A 8  ? 0.2543 0.2850 0.2771 -0.0149 0.0255  -0.0318 547 ALA A CB  
28  N N   . SER A 9  ? 0.2205 0.2639 0.2804 0.0050  0.0228  -0.0180 548 SER A N   
29  C CA  . SER A 9  ? 0.2257 0.2574 0.2934 0.0068  0.0228  -0.0097 548 SER A CA  
30  C C   . SER A 9  ? 0.2179 0.2477 0.2887 0.0102  0.0231  -0.0132 548 SER A C   
31  O O   . SER A 9  ? 0.1951 0.2363 0.2842 0.0001  0.0303  -0.0146 548 SER A O   
32  C CB  . SER A 9  ? 0.2302 0.2680 0.3060 0.0165  0.0079  -0.0016 548 SER A CB  
33  O OG  . SER A 9  ? 0.2923 0.2947 0.3704 0.0123  0.0043  -0.0092 548 SER A OG  
34  N N   . MET A 10 ? 0.2280 0.2441 0.2963 0.0186  0.0274  -0.0101 549 MET A N   
35  C CA  . MET A 10 ? 0.2612 0.2401 0.2959 0.0245  0.0322  -0.0052 549 MET A CA  
36  C C   . MET A 10 ? 0.2468 0.2310 0.2803 0.0192  0.0360  -0.0009 549 MET A C   
37  O O   . MET A 10 ? 0.2593 0.2049 0.2793 0.0119  0.0401  0.0191  549 MET A O   
38  C CB  . MET A 10 ? 0.2756 0.2597 0.3209 0.0391  0.0368  -0.0132 549 MET A CB  
39  C CG  . MET A 10 ? 0.3738 0.3145 0.4198 0.0619  0.0222  -0.0019 549 MET A CG  
40  S SD  . MET A 10 ? 0.5181 0.4603 0.6454 0.0975  0.0523  -0.0526 549 MET A SD  
41  C CE  . MET A 10 ? 0.5220 0.4483 0.5857 0.0541  0.0570  -0.0522 549 MET A CE  
42  N N   . LEU A 11 ? 0.2385 0.2279 0.2659 0.0151  0.0428  -0.0012 550 LEU A N   
43  C CA  . LEU A 11 ? 0.2198 0.2362 0.2681 0.0195  0.0464  -0.0049 550 LEU A CA  
44  C C   . LEU A 11 ? 0.2216 0.2497 0.2616 0.0166  0.0476  -0.0034 550 LEU A C   
45  O O   . LEU A 11 ? 0.2223 0.2638 0.2593 0.0330  0.0481  -0.0115 550 LEU A O   
46  C CB  . LEU A 11 ? 0.2238 0.2419 0.2728 0.0160  0.0567  -0.0030 550 LEU A CB  
47  C CG  . LEU A 11 ? 0.2338 0.2496 0.3204 0.0106  0.0212  0.0090  550 LEU A CG  
48  C CD1 . LEU A 11 ? 0.1845 0.2246 0.3226 0.0130  0.0185  -0.0397 550 LEU A CD1 
49  C CD2 . LEU A 11 ? 0.2267 0.3148 0.2774 -0.0033 0.0449  0.0054  550 LEU A CD2 
50  N N   . ALA A 12 ? 0.2060 0.2465 0.2576 0.0223  0.0570  -0.0073 551 ALA A N   
51  C CA  . ALA A 12 ? 0.2189 0.2535 0.2588 0.0205  0.0570  0.0055  551 ALA A CA  
52  C C   . ALA A 12 ? 0.2378 0.2816 0.2677 0.0292  0.0554  0.0024  551 ALA A C   
53  O O   . ALA A 12 ? 0.2421 0.2909 0.2568 0.0223  0.0570  0.0034  551 ALA A O   
54  C CB  . ALA A 12 ? 0.2097 0.2645 0.2656 0.0350  0.0582  -0.0028 551 ALA A CB  
55  N N   . SER A 13 ? 0.2444 0.2758 0.2842 0.0346  0.0555  0.0166  552 SER A N   
56  C CA  . SER A 13 ? 0.3034 0.3091 0.3073 0.0344  0.0425  0.0234  552 SER A CA  
57  C C   . SER A 13 ? 0.3164 0.3335 0.3134 0.0387  0.0414  0.0295  552 SER A C   
58  O O   . SER A 13 ? 0.3354 0.3519 0.3136 0.0452  0.0435  0.0437  552 SER A O   
59  C CB  . SER A 13 ? 0.3048 0.3188 0.3208 0.0299  0.0449  0.0218  552 SER A CB  
60  O OG  . SER A 13 ? 0.3831 0.2976 0.3865 0.0258  0.0421  0.0236  552 SER A OG  
61  N N   . ALA A 14 ? 0.3260 0.3483 0.3305 0.0341  0.0350  0.0339  553 ALA A N   
62  C CA  . ALA A 14 ? 0.3378 0.3771 0.3453 0.0337  0.0303  0.0261  553 ALA A CA  
63  C C   . ALA A 14 ? 0.3612 0.3952 0.3479 0.0353  0.0319  0.0164  553 ALA A C   
64  O O   . ALA A 14 ? 0.3649 0.3994 0.3388 0.0376  0.0307  0.0142  553 ALA A O   
65  C CB  . ALA A 14 ? 0.3145 0.3691 0.3300 0.0422  0.0340  0.0233  553 ALA A CB  
66  N N   . PRO A 15 ? 0.3981 0.4237 0.3737 0.0322  0.0293  0.0150  554 PRO A N   
67  C CA  . PRO A 15 ? 0.4242 0.4457 0.3992 0.0271  0.0205  0.0144  554 PRO A CA  
68  C C   . PRO A 15 ? 0.4505 0.4673 0.4264 0.0250  0.0207  0.0137  554 PRO A C   
69  O O   . PRO A 15 ? 0.4557 0.4765 0.4191 0.0336  0.0166  0.0184  554 PRO A O   
70  C CB  . PRO A 15 ? 0.4286 0.4413 0.3960 0.0252  0.0231  0.0201  554 PRO A CB  
71  C CG  . PRO A 15 ? 0.4288 0.4457 0.3896 0.0191  0.0209  0.0108  554 PRO A CG  
72  C CD  . PRO A 15 ? 0.4085 0.4279 0.3694 0.0268  0.0273  0.0212  554 PRO A CD  
73  N N   . PRO A 16 ? 0.4735 0.4807 0.4572 0.0206  0.0218  0.0102  555 PRO A N   
74  C CA  . PRO A 16 ? 0.4839 0.4990 0.4739 0.0134  0.0201  0.0097  555 PRO A CA  
75  C C   . PRO A 16 ? 0.4855 0.5120 0.4821 0.0155  0.0143  0.0155  555 PRO A C   
76  O O   . PRO A 16 ? 0.4919 0.5243 0.4811 0.0087  0.0185  0.0127  555 PRO A O   
77  C CB  . PRO A 16 ? 0.4860 0.4989 0.4725 0.0164  0.0272  0.0057  555 PRO A CB  
78  C CG  . PRO A 16 ? 0.4901 0.4870 0.4828 0.0119  0.0268  0.0052  555 PRO A CG  
79  C CD  . PRO A 16 ? 0.4880 0.4879 0.4662 0.0188  0.0209  0.0042  555 PRO A CD  
80  N N   . GLN A 17 ? 0.4884 0.5254 0.4955 0.0136  0.0109  0.0183  556 GLN A N   
81  C CA  . GLN A 17 ? 0.4809 0.5274 0.4954 0.0165  0.0114  0.0189  556 GLN A CA  
82  C C   . GLN A 17 ? 0.4525 0.5146 0.4639 0.0164  0.0137  0.0210  556 GLN A C   
83  O O   . GLN A 17 ? 0.4529 0.5402 0.4781 0.0221  0.0243  0.0171  556 GLN A O   
84  C CB  . GLN A 17 ? 0.4954 0.5393 0.4988 0.0144  0.0159  0.0234  556 GLN A CB  
85  C CG  . GLN A 17 ? 0.5445 0.5652 0.5583 0.0000  0.0224  0.0287  556 GLN A CG  
86  C CD  . GLN A 17 ? 0.5960 0.6037 0.6266 -0.0008 0.0437  0.0315  556 GLN A CD  
87  O OE1 . GLN A 17 ? 0.6620 0.6080 0.6802 -0.0062 0.0283  0.0396  556 GLN A OE1 
88  N NE2 . GLN A 17 ? 0.6497 0.5987 0.6547 -0.0174 0.0294  0.0405  556 GLN A NE2 
89  N N   . GLU A 18 ? 0.4208 0.4737 0.4242 0.0167  0.0162  0.0316  557 GLU A N   
90  C CA  . GLU A 18 ? 0.3857 0.4226 0.3858 0.0199  0.0169  0.0482  557 GLU A CA  
91  C C   . GLU A 18 ? 0.3439 0.3788 0.3556 0.0189  0.0274  0.0429  557 GLU A C   
92  O O   . GLU A 18 ? 0.3248 0.3487 0.3353 0.0248  0.0301  0.0614  557 GLU A O   
93  C CB  . GLU A 18 ? 0.3980 0.4301 0.4086 0.0226  0.0145  0.0514  557 GLU A CB  
94  C CG  . GLU A 18 ? 0.4878 0.5032 0.4491 0.0147  0.0171  0.0614  557 GLU A CG  
95  C CD  . GLU A 18 ? 0.5957 0.5587 0.5347 -0.0171 0.0097  0.0779  557 GLU A CD  
96  O OE1 . GLU A 18 ? 0.6631 0.6082 0.5342 0.0206  0.0036  0.0976  557 GLU A OE1 
97  O OE2 . GLU A 18 ? 0.6355 0.5970 0.5567 -0.0176 -0.0173 0.0707  557 GLU A OE2 
98  N N   . GLN A 19 ? 0.2986 0.3479 0.3055 0.0116  0.0310  0.0417  558 GLN A N   
99  C CA  . GLN A 19 ? 0.2568 0.3074 0.2768 0.0155  0.0363  0.0272  558 GLN A CA  
100 C C   . GLN A 19 ? 0.2320 0.2848 0.2542 0.0135  0.0332  0.0197  558 GLN A C   
101 O O   . GLN A 19 ? 0.1945 0.2392 0.2413 0.0158  0.0446  0.0074  558 GLN A O   
102 C CB  . GLN A 19 ? 0.2448 0.2972 0.2731 0.0138  0.0401  0.0250  558 GLN A CB  
103 C CG  . GLN A 19 ? 0.2440 0.2934 0.2836 0.0296  0.0463  0.0123  558 GLN A CG  
104 C CD  . GLN A 19 ? 0.2564 0.2959 0.3237 0.0287  0.0762  0.0240  558 GLN A CD  
105 O OE1 . GLN A 19 ? 0.3241 0.3227 0.3920 0.0584  0.0912  0.0496  558 GLN A OE1 
106 N NE2 . GLN A 19 ? 0.2364 0.2961 0.3320 0.0638  0.0574  -0.0120 558 GLN A NE2 
107 N N   . LYS A 20 ? 0.2190 0.2871 0.2391 0.0154  0.0314  0.0168  559 LYS A N   
108 C CA  . LYS A 20 ? 0.2179 0.2789 0.2293 0.0249  0.0349  0.0117  559 LYS A CA  
109 C C   . LYS A 20 ? 0.2218 0.2664 0.2364 0.0224  0.0330  0.0199  559 LYS A C   
110 O O   . LYS A 20 ? 0.2093 0.2794 0.2357 0.0308  0.0403  0.0103  559 LYS A O   
111 C CB  . LYS A 20 ? 0.2201 0.2677 0.2293 0.0276  0.0347  0.0085  559 LYS A CB  
112 C CG  . LYS A 20 ? 0.2615 0.2742 0.2112 0.0276  0.0411  0.0158  559 LYS A CG  
113 C CD  . LYS A 20 ? 0.2823 0.2641 0.2021 0.0500  0.0461  0.0057  559 LYS A CD  
114 C CE  . LYS A 20 ? 0.2632 0.2665 0.1833 0.0439  0.0731  0.0150  559 LYS A CE  
115 N NZ  . LYS A 20 ? 0.2869 0.2996 0.1569 0.0217  0.0966  0.0019  559 LYS A NZ  
116 N N   . GLN A 21 ? 0.2235 0.2927 0.2385 0.0299  0.0414  0.0236  560 GLN A N   
117 C CA  . GLN A 21 ? 0.2443 0.2726 0.2503 0.0259  0.0428  0.0345  560 GLN A CA  
118 C C   . GLN A 21 ? 0.2185 0.2602 0.2459 0.0245  0.0418  0.0343  560 GLN A C   
119 O O   . GLN A 21 ? 0.2189 0.2558 0.2365 0.0261  0.0459  0.0364  560 GLN A O   
120 C CB  . GLN A 21 ? 0.2473 0.2852 0.2621 0.0344  0.0427  0.0460  560 GLN A CB  
121 C CG  . GLN A 21 ? 0.2868 0.3266 0.3211 0.0436  0.0453  0.0373  560 GLN A CG  
122 C CD  . GLN A 21 ? 0.3131 0.3845 0.3854 0.0470  0.0229  0.0588  560 GLN A CD  
123 O OE1 . GLN A 21 ? 0.3255 0.4492 0.3981 0.0273  -0.0018 0.0564  560 GLN A OE1 
124 N NE2 . GLN A 21 ? 0.3509 0.3785 0.3939 0.0560  0.0418  0.0778  560 GLN A NE2 
125 N N   . MET A 22 ? 0.2029 0.2484 0.2401 0.0181  0.0457  0.0393  561 MET A N   
126 C CA  . MET A 22 ? 0.1943 0.2274 0.2439 0.0062  0.0477  0.0329  561 MET A CA  
127 C C   . MET A 22 ? 0.1860 0.2013 0.2309 -0.0002 0.0374  0.0296  561 MET A C   
128 O O   . MET A 22 ? 0.1645 0.1849 0.2378 -0.0022 0.0451  0.0284  561 MET A O   
129 C CB  . MET A 22 ? 0.1898 0.2253 0.2619 0.0118  0.0543  0.0482  561 MET A CB  
130 C CG  . MET A 22 ? 0.2555 0.3341 0.2900 0.0133  0.0763  0.0550  561 MET A CG  
131 S SD  . MET A 22 ? 0.2743 0.4490 0.4341 -0.0055 0.1031  0.1060  561 MET A SD  
132 C CE  . MET A 22 ? 0.3105 0.4611 0.3944 0.0006  0.0957  0.0778  561 MET A CE  
133 N N   . LEU A 23 ? 0.1707 0.1875 0.2186 0.0003  0.0290  0.0332  562 LEU A N   
134 C CA  . LEU A 23 ? 0.1501 0.1842 0.2000 -0.0027 0.0249  0.0169  562 LEU A CA  
135 C C   . LEU A 23 ? 0.1542 0.1833 0.2048 0.0019  0.0223  0.0120  562 LEU A C   
136 O O   . LEU A 23 ? 0.1589 0.2019 0.1922 0.0035  0.0244  0.0118  562 LEU A O   
137 C CB  . LEU A 23 ? 0.1211 0.1804 0.1992 -0.0017 0.0223  0.0168  562 LEU A CB  
138 C CG  . LEU A 23 ? 0.1347 0.1811 0.1983 0.0167  0.0027  0.0064  562 LEU A CG  
139 C CD1 . LEU A 23 ? 0.1378 0.2388 0.2266 -0.0167 -0.0155 -0.0524 562 LEU A CD1 
140 C CD2 . LEU A 23 ? 0.1353 0.1951 0.1928 0.0395  -0.0007 -0.0372 562 LEU A CD2 
141 N N   . GLY A 24 ? 0.1374 0.1908 0.2099 0.0006  0.0204  0.0087  563 GLY A N   
142 C CA  . GLY A 24 ? 0.1469 0.1917 0.2130 0.0039  0.0157  0.0093  563 GLY A CA  
143 C C   . GLY A 24 ? 0.1464 0.1985 0.2128 0.0028  0.0101  0.0157  563 GLY A C   
144 O O   . GLY A 24 ? 0.1368 0.1931 0.1999 0.0000  0.0073  0.0043  563 GLY A O   
145 N N   . GLU A 25 ? 0.1670 0.1912 0.2201 0.0074  0.0187  0.0352  564 GLU A N   
146 C CA  . GLU A 25 ? 0.1988 0.2149 0.2357 -0.0110 0.0198  0.0302  564 GLU A CA  
147 C C   . GLU A 25 ? 0.1922 0.2021 0.2269 0.0018  0.0211  0.0230  564 GLU A C   
148 O O   . GLU A 25 ? 0.1931 0.1831 0.2374 0.0114  0.0274  0.0118  564 GLU A O   
149 C CB  . GLU A 25 ? 0.2236 0.2227 0.2327 -0.0109 0.0172  0.0588  564 GLU A CB  
150 C CG  . GLU A 25 ? 0.3062 0.3261 0.2928 -0.0236 0.0069  0.0789  564 GLU A CG  
151 C CD  . GLU A 25 ? 0.4210 0.4360 0.3744 -0.0528 0.0243  0.1313  564 GLU A CD  
152 O OE1 . GLU A 25 ? 0.4807 0.4657 0.4072 -0.0297 0.0143  0.1355  564 GLU A OE1 
153 O OE2 . GLU A 25 ? 0.4529 0.4906 0.4139 -0.0907 0.0152  0.1553  564 GLU A OE2 
154 N N   . ARG A 26 ? 0.1758 0.1786 0.2213 -0.0027 0.0228  0.0155  565 ARG A N   
155 C CA  . ARG A 26 ? 0.1754 0.1846 0.2264 -0.0053 0.0198  0.0225  565 ARG A CA  
156 C C   . ARG A 26 ? 0.1705 0.1871 0.2064 0.0006  0.0223  0.0136  565 ARG A C   
157 O O   . ARG A 26 ? 0.1938 0.2025 0.2213 -0.0156 0.0115  0.0090  565 ARG A O   
158 C CB  . ARG A 26 ? 0.1808 0.1824 0.2297 -0.0052 0.0235  0.0238  565 ARG A CB  
159 C CG  . ARG A 26 ? 0.1951 0.2143 0.2725 -0.0206 0.0288  0.0368  565 ARG A CG  
160 C CD  . ARG A 26 ? 0.2599 0.2418 0.3431 -0.0202 0.0313  0.0333  565 ARG A CD  
161 N NE  . ARG A 26 ? 0.3407 0.2640 0.4211 -0.0443 0.0782  0.0536  565 ARG A NE  
162 C CZ  . ARG A 26 ? 0.3998 0.2605 0.4718 -0.0570 0.0814  0.0704  565 ARG A CZ  
163 N NH1 . ARG A 26 ? 0.4189 0.2372 0.4629 -0.0428 0.0952  0.0609  565 ARG A NH1 
164 N NH2 . ARG A 26 ? 0.4212 0.2769 0.5635 -0.0777 0.0954  0.0211  565 ARG A NH2 
165 N N   . LEU A 27 ? 0.1396 0.1805 0.1782 0.0079  0.0138  0.0162  566 LEU A N   
166 C CA  . LEU A 27 ? 0.1525 0.1623 0.1648 0.0232  0.0051  0.0188  566 LEU A CA  
167 C C   . LEU A 27 ? 0.1440 0.1523 0.1512 0.0170  0.0115  0.0078  566 LEU A C   
168 O O   . LEU A 27 ? 0.1426 0.1589 0.1159 0.0331  0.0095  -0.0056 566 LEU A O   
169 C CB  . LEU A 27 ? 0.1633 0.1747 0.1690 0.0468  -0.0007 0.0126  566 LEU A CB  
170 C CG  . LEU A 27 ? 0.2499 0.1901 0.1571 0.0624  -0.0031 0.0353  566 LEU A CG  
171 C CD1 . LEU A 27 ? 0.3518 0.2026 0.1954 0.0534  -0.0227 0.0092  566 LEU A CD1 
172 C CD2 . LEU A 27 ? 0.2784 0.2725 0.1232 0.0815  -0.0359 0.0276  566 LEU A CD2 
173 N N   . PHE A 28 ? 0.1251 0.1461 0.1497 0.0228  0.0105  0.0083  567 PHE A N   
174 C CA  . PHE A 28 ? 0.1221 0.1465 0.1400 0.0198  0.0070  0.0071  567 PHE A CA  
175 C C   . PHE A 28 ? 0.1292 0.1432 0.1476 0.0015  0.0117  0.0056  567 PHE A C   
176 O O   . PHE A 28 ? 0.1446 0.1382 0.1235 0.0147  0.0106  -0.0018 567 PHE A O   
177 C CB  . PHE A 28 ? 0.1269 0.1575 0.1576 0.0162  0.0122  0.0101  567 PHE A CB  
178 C CG  . PHE A 28 ? 0.1121 0.1518 0.1601 0.0214  0.0060  0.0138  567 PHE A CG  
179 C CD1 . PHE A 28 ? 0.1349 0.1827 0.1957 0.0100  0.0079  0.0059  567 PHE A CD1 
180 C CD2 . PHE A 28 ? 0.1508 0.1847 0.2484 0.0444  0.0305  0.0077  567 PHE A CD2 
181 C CE1 . PHE A 28 ? 0.1312 0.1416 0.1993 0.0409  0.0197  -0.0200 567 PHE A CE1 
182 C CE2 . PHE A 28 ? 0.1465 0.1753 0.2581 0.0082  0.0429  0.0134  567 PHE A CE2 
183 C CZ  . PHE A 28 ? 0.1596 0.1708 0.2861 0.0101  0.0481  -0.0257 567 PHE A CZ  
184 N N   . PRO A 29 ? 0.1304 0.1580 0.1449 -0.0116 0.0114  -0.0116 568 PRO A N   
185 C CA  . PRO A 29 ? 0.1287 0.1419 0.1541 -0.0115 0.0042  -0.0095 568 PRO A CA  
186 C C   . PRO A 29 ? 0.1198 0.1344 0.1590 -0.0032 0.0057  0.0027  568 PRO A C   
187 O O   . PRO A 29 ? 0.1103 0.1323 0.1671 0.0024  -0.0088 0.0200  568 PRO A O   
188 C CB  . PRO A 29 ? 0.1204 0.1471 0.1419 -0.0171 0.0137  0.0003  568 PRO A CB  
189 C CG  . PRO A 29 ? 0.1703 0.1833 0.1706 -0.0252 0.0215  -0.0455 568 PRO A CG  
190 C CD  . PRO A 29 ? 0.1315 0.1323 0.1483 -0.0344 0.0232  -0.0107 568 PRO A CD  
191 N N   . LEU A 30 ? 0.1168 0.1290 0.1553 0.0039  -0.0131 -0.0016 569 LEU A N   
192 C CA  . LEU A 30 ? 0.1188 0.1491 0.1609 0.0009  -0.0078 -0.0075 569 LEU A CA  
193 C C   . LEU A 30 ? 0.1329 0.1428 0.1449 0.0015  -0.0041 -0.0087 569 LEU A C   
194 O O   . LEU A 30 ? 0.1541 0.1727 0.1284 0.0046  -0.0031 -0.0089 569 LEU A O   
195 C CB  . LEU A 30 ? 0.1085 0.1603 0.1737 0.0109  -0.0091 -0.0144 569 LEU A CB  
196 C CG  . LEU A 30 ? 0.1276 0.1677 0.1985 -0.0010 -0.0135 -0.0194 569 LEU A CG  
197 C CD1 . LEU A 30 ? 0.0798 0.1590 0.2354 0.0078  0.0088  -0.0874 569 LEU A CD1 
198 C CD2 . LEU A 30 ? 0.1507 0.2165 0.2497 -0.0147 -0.0308 -0.0524 569 LEU A CD2 
199 N N   . ILE A 31 ? 0.1115 0.1302 0.1292 -0.0002 -0.0149 -0.0077 570 ILE A N   
200 C CA  . ILE A 31 ? 0.1144 0.1125 0.1294 0.0008  -0.0068 -0.0082 570 ILE A CA  
201 C C   . ILE A 31 ? 0.1080 0.1202 0.1141 0.0020  -0.0034 -0.0060 570 ILE A C   
202 O O   . ILE A 31 ? 0.1014 0.1163 0.1098 0.0180  -0.0001 -0.0158 570 ILE A O   
203 C CB  . ILE A 31 ? 0.1069 0.0965 0.1305 0.0008  0.0072  -0.0162 570 ILE A CB  
204 C CG1 . ILE A 31 ? 0.0897 0.1212 0.1212 0.0160  -0.0029 -0.0263 570 ILE A CG1 
205 C CG2 . ILE A 31 ? 0.0865 0.1132 0.1676 0.0015  -0.0002 -0.0071 570 ILE A CG2 
206 C CD1 . ILE A 31 ? 0.1779 0.1497 0.1400 0.0296  -0.0110 -0.0391 570 ILE A CD1 
207 N N   . GLN A 32 ? 0.1032 0.1327 0.1446 0.0075  -0.0072 -0.0012 571 GLN A N   
208 C CA  . GLN A 32 ? 0.1266 0.1478 0.1427 0.0070  -0.0116 0.0038  571 GLN A CA  
209 C C   . GLN A 32 ? 0.1215 0.1639 0.1485 0.0038  -0.0136 -0.0035 571 GLN A C   
210 O O   . GLN A 32 ? 0.1496 0.2036 0.1184 0.0058  0.0027  -0.0050 571 GLN A O   
211 C CB  . GLN A 32 ? 0.1122 0.1481 0.1882 0.0060  -0.0097 0.0041  571 GLN A CB  
212 C CG  . GLN A 32 ? 0.2190 0.2025 0.2399 0.0224  -0.0427 0.0465  571 GLN A CG  
213 C CD  . GLN A 32 ? 0.2901 0.2605 0.2492 0.0010  -0.0374 0.0768  571 GLN A CD  
214 O OE1 . GLN A 32 ? 0.4041 0.2823 0.3365 -0.0344 -0.0923 0.0954  571 GLN A OE1 
215 N NE2 . GLN A 32 ? 0.2800 0.2675 0.2438 0.0723  -0.0367 0.0365  571 GLN A NE2 
216 N N   . ALA A 33 ? 0.1422 0.1604 0.1223 -0.0061 -0.0231 -0.0135 572 ALA A N   
217 C CA  . ALA A 33 ? 0.1341 0.1678 0.1417 0.0026  -0.0335 -0.0112 572 ALA A CA  
218 C C   . ALA A 33 ? 0.1205 0.1765 0.1279 0.0088  -0.0300 -0.0121 572 ALA A C   
219 O O   . ALA A 33 ? 0.1509 0.2280 0.1562 0.0262  -0.0314 -0.0113 572 ALA A O   
220 C CB  . ALA A 33 ? 0.1343 0.1822 0.1535 -0.0121 -0.0357 -0.0366 572 ALA A CB  
221 N N   . MET A 34 ? 0.1161 0.1505 0.1438 -0.0007 -0.0210 0.0027  573 MET A N   
222 C CA  . MET A 34 ? 0.1123 0.1777 0.1485 0.0038  -0.0102 0.0021  573 MET A CA  
223 C C   . MET A 34 ? 0.1078 0.1774 0.1345 0.0066  -0.0008 -0.0010 573 MET A C   
224 O O   . MET A 34 ? 0.1067 0.2119 0.1492 -0.0011 -0.0022 0.0009  573 MET A O   
225 C CB  . MET A 34 ? 0.1186 0.1592 0.1573 0.0043  -0.0314 0.0053  573 MET A CB  
226 C CG  . MET A 34 ? 0.0943 0.2110 0.1998 -0.0048 -0.0348 0.0039  573 MET A CG  
227 S SD  . MET A 34 ? 0.1596 0.2745 0.3124 0.0168  -0.0767 -0.0358 573 MET A SD  
228 C CE  . MET A 34 ? 0.1798 0.3218 0.2760 0.0102  -0.0427 -0.0192 573 MET A CE  
229 N N   . HIS A 35 ? 0.0891 0.1642 0.1190 0.0158  -0.0098 0.0028  574 HIS A N   
230 C CA  . HIS A 35 ? 0.1027 0.1610 0.1170 0.0043  0.0013  -0.0120 574 HIS A CA  
231 C C   . HIS A 35 ? 0.1087 0.1638 0.1033 0.0112  -0.0002 -0.0120 574 HIS A C   
232 O O   . HIS A 35 ? 0.1405 0.2099 0.1387 0.0122  0.0002  0.0045  574 HIS A O   
233 C CB  . HIS A 35 ? 0.0870 0.1503 0.1105 0.0148  -0.0215 -0.0056 574 HIS A CB  
234 C CG  . HIS A 35 ? 0.1506 0.1743 0.1473 -0.0062 -0.0090 -0.0067 574 HIS A CG  
235 N ND1 . HIS A 35 ? 0.1449 0.1396 0.1708 -0.0124 -0.0027 -0.0118 574 HIS A ND1 
236 C CD2 . HIS A 35 ? 0.1649 0.1595 0.1638 0.0225  -0.0095 -0.0032 574 HIS A CD2 
237 C CE1 . HIS A 35 ? 0.1492 0.1587 0.2288 -0.0237 -0.0109 0.0059  574 HIS A CE1 
238 N NE2 . HIS A 35 ? 0.1601 0.1726 0.1904 0.0346  0.0010  -0.0026 574 HIS A NE2 
239 N N   . PRO A 36 ? 0.1284 0.1639 0.1084 0.0113  0.0085  -0.0008 575 PRO A N   
240 C CA  . PRO A 36 ? 0.1392 0.1731 0.1156 0.0179  -0.0043 -0.0059 575 PRO A CA  
241 C C   . PRO A 36 ? 0.1412 0.1720 0.1141 0.0191  -0.0087 0.0025  575 PRO A C   
242 O O   . PRO A 36 ? 0.1531 0.1963 0.1280 0.0113  -0.0142 0.0036  575 PRO A O   
243 C CB  . PRO A 36 ? 0.1325 0.1614 0.1021 0.0306  0.0077  -0.0020 575 PRO A CB  
244 C CG  . PRO A 36 ? 0.1591 0.1603 0.1005 0.0267  -0.0026 -0.0177 575 PRO A CG  
245 C CD  . PRO A 36 ? 0.1505 0.1763 0.1048 0.0153  0.0089  -0.0060 575 PRO A CD  
246 N N   . THR A 37 ? 0.1360 0.1428 0.1135 0.0228  -0.0096 -0.0059 576 THR A N   
247 C CA  . THR A 37 ? 0.1295 0.1570 0.1340 0.0275  -0.0219 0.0021  576 THR A CA  
248 C C   . THR A 37 ? 0.1469 0.1708 0.1319 0.0451  -0.0207 0.0029  576 THR A C   
249 O O   . THR A 37 ? 0.2006 0.1990 0.1638 0.0612  -0.0247 0.0086  576 THR A O   
250 C CB  . THR A 37 ? 0.1355 0.1463 0.1462 0.0324  -0.0049 0.0045  576 THR A CB  
251 O OG1 . THR A 37 ? 0.1238 0.2082 0.1675 -0.0223 -0.0076 0.0224  576 THR A OG1 
252 C CG2 . THR A 37 ? 0.0941 0.1468 0.1035 0.0410  -0.0212 -0.0274 576 THR A CG2 
253 N N   . LEU A 38 ? 0.1372 0.1712 0.1240 0.0369  -0.0221 0.0153  577 LEU A N   
254 C CA  . LEU A 38 ? 0.1583 0.1864 0.1290 0.0105  -0.0125 0.0175  577 LEU A CA  
255 C C   . LEU A 38 ? 0.1541 0.1819 0.1221 0.0047  -0.0239 0.0120  577 LEU A C   
256 O O   . LEU A 38 ? 0.1766 0.2018 0.1047 -0.0090 -0.0154 0.0106  577 LEU A O   
257 C CB  . LEU A 38 ? 0.1731 0.1876 0.1511 0.0070  -0.0099 0.0174  577 LEU A CB  
258 C CG  . LEU A 38 ? 0.1719 0.2310 0.1575 -0.0017 -0.0068 0.0164  577 LEU A CG  
259 C CD1 . LEU A 38 ? 0.2067 0.2486 0.2195 0.0141  -0.0432 0.0558  577 LEU A CD1 
260 C CD2 . LEU A 38 ? 0.1713 0.2680 0.1815 -0.0388 -0.0093 0.0012  577 LEU A CD2 
261 N N   . ALA A 39 ? 0.1616 0.2043 0.1180 -0.0111 -0.0229 0.0105  578 ALA A N   
262 C CA  . ALA A 39 ? 0.1352 0.1836 0.1187 -0.0095 -0.0184 -0.0076 578 ALA A CA  
263 C C   . ALA A 39 ? 0.1420 0.1642 0.1329 -0.0054 -0.0229 -0.0069 578 ALA A C   
264 O O   . ALA A 39 ? 0.1344 0.1787 0.1332 0.0057  -0.0321 -0.0186 578 ALA A O   
265 C CB  . ALA A 39 ? 0.1456 0.1839 0.1124 -0.0078 0.0074  -0.0261 578 ALA A CB  
266 N N   . GLY A 40 ? 0.1257 0.1362 0.1189 -0.0156 -0.0437 -0.0082 579 GLY A N   
267 C CA  . GLY A 40 ? 0.1350 0.1356 0.1250 -0.0020 -0.0263 0.0053  579 GLY A CA  
268 C C   . GLY A 40 ? 0.1225 0.1499 0.1148 -0.0004 -0.0378 0.0038  579 GLY A C   
269 O O   . GLY A 40 ? 0.1486 0.1476 0.1409 0.0130  -0.0270 0.0051  579 GLY A O   
270 N N   . LYS A 41 ? 0.1200 0.1597 0.1150 0.0061  -0.0422 0.0150  580 LYS A N   
271 C CA  . LYS A 41 ? 0.1165 0.1787 0.1203 -0.0131 -0.0276 0.0020  580 LYS A CA  
272 C C   . LYS A 41 ? 0.1157 0.1642 0.1122 -0.0061 -0.0195 0.0028  580 LYS A C   
273 O O   . LYS A 41 ? 0.1102 0.1752 0.1045 -0.0077 -0.0221 -0.0123 580 LYS A O   
274 C CB  . LYS A 41 ? 0.1145 0.1869 0.1354 -0.0243 -0.0195 0.0063  580 LYS A CB  
275 C CG  . LYS A 41 ? 0.1493 0.1918 0.1328 -0.0203 -0.0331 -0.0147 580 LYS A CG  
276 C CD  . LYS A 41 ? 0.2311 0.1453 0.1666 -0.0484 0.0039  -0.0793 580 LYS A CD  
277 C CE  . LYS A 41 ? 0.2856 0.2090 0.2251 -0.0753 0.0155  -0.0796 580 LYS A CE  
278 N NZ  . LYS A 41 ? 0.3573 0.2782 0.2551 -0.0700 0.0052  -0.0912 580 LYS A NZ  
279 N N   . ILE A 42 ? 0.1113 0.1629 0.1010 -0.0063 -0.0151 0.0002  581 ILE A N   
280 C CA  . ILE A 42 ? 0.1191 0.1437 0.1036 -0.0031 -0.0054 0.0124  581 ILE A CA  
281 C C   . ILE A 42 ? 0.1284 0.1361 0.0968 -0.0015 -0.0033 0.0140  581 ILE A C   
282 O O   . ILE A 42 ? 0.1367 0.1459 0.1235 -0.0054 0.0046  0.0195  581 ILE A O   
283 C CB  . ILE A 42 ? 0.1099 0.1518 0.0992 -0.0076 0.0059  0.0105  581 ILE A CB  
284 C CG1 . ILE A 42 ? 0.0903 0.1371 0.1044 -0.0205 0.0233  -0.0048 581 ILE A CG1 
285 C CG2 . ILE A 42 ? 0.1374 0.1649 0.1122 -0.0179 -0.0051 0.0240  581 ILE A CG2 
286 C CD1 . ILE A 42 ? 0.1471 0.1422 0.0828 0.0403  0.0228  0.0169  581 ILE A CD1 
287 N N   . THR A 43 ? 0.1236 0.1365 0.1053 -0.0105 -0.0042 0.0066  582 THR A N   
288 C CA  . THR A 43 ? 0.1194 0.1402 0.1338 -0.0158 -0.0027 0.0112  582 THR A CA  
289 C C   . THR A 43 ? 0.1315 0.1434 0.1406 -0.0050 -0.0002 0.0055  582 THR A C   
290 O O   . THR A 43 ? 0.1348 0.1257 0.1430 -0.0009 0.0127  0.0009  582 THR A O   
291 C CB  . THR A 43 ? 0.1151 0.1508 0.1511 -0.0186 0.0058  0.0122  582 THR A CB  
292 O OG1 . THR A 43 ? 0.1115 0.1624 0.1436 -0.0231 -0.0268 0.0281  582 THR A OG1 
293 C CG2 . THR A 43 ? 0.0937 0.1390 0.1578 -0.0526 0.0111  0.0359  582 THR A CG2 
294 N N   . GLY A 44 ? 0.1384 0.1421 0.1383 -0.0253 -0.0078 -0.0095 583 GLY A N   
295 C CA  . GLY A 44 ? 0.1667 0.1470 0.1339 -0.0105 0.0055  -0.0119 583 GLY A CA  
296 C C   . GLY A 44 ? 0.1694 0.1777 0.1447 -0.0043 0.0045  -0.0092 583 GLY A C   
297 O O   . GLY A 44 ? 0.1811 0.1956 0.1630 0.0130  0.0021  -0.0106 583 GLY A O   
298 N N   . MET A 45 ? 0.1708 0.1706 0.1575 -0.0223 -0.0009 -0.0058 584 MET A N   
299 C CA  . MET A 45 ? 0.1450 0.1782 0.1632 -0.0057 0.0001  -0.0056 584 MET A CA  
300 C C   . MET A 45 ? 0.1555 0.1734 0.1563 -0.0044 0.0087  -0.0139 584 MET A C   
301 O O   . MET A 45 ? 0.1651 0.1697 0.1730 -0.0017 0.0192  -0.0348 584 MET A O   
302 C CB  . MET A 45 ? 0.1334 0.1765 0.1643 -0.0115 -0.0008 0.0081  584 MET A CB  
303 C CG  . MET A 45 ? 0.1345 0.1799 0.1694 -0.0192 0.0051  0.0165  584 MET A CG  
304 S SD  . MET A 45 ? 0.1622 0.2150 0.1628 -0.0150 0.0211  -0.0173 584 MET A SD  
305 C CE  . MET A 45 ? 0.1448 0.1758 0.1800 -0.0430 -0.0184 0.0125  584 MET A CE  
306 N N   . LEU A 46 ? 0.1506 0.1747 0.1411 -0.0067 0.0024  -0.0188 585 LEU A N   
307 C CA  . LEU A 46 ? 0.1613 0.1775 0.1539 -0.0020 0.0133  -0.0272 585 LEU A CA  
308 C C   . LEU A 46 ? 0.1664 0.1904 0.1701 -0.0047 0.0116  -0.0233 585 LEU A C   
309 O O   . LEU A 46 ? 0.1535 0.1783 0.1647 0.0054  0.0226  -0.0296 585 LEU A O   
310 C CB  . LEU A 46 ? 0.1594 0.1727 0.1259 0.0149  0.0056  -0.0316 585 LEU A CB  
311 C CG  . LEU A 46 ? 0.2055 0.1947 0.1431 -0.0096 0.0160  -0.0464 585 LEU A CG  
312 C CD1 . LEU A 46 ? 0.2155 0.2905 0.1453 -0.0409 0.0100  -0.0557 585 LEU A CD1 
313 C CD2 . LEU A 46 ? 0.1780 0.1643 0.1217 0.0444  0.0299  -0.0799 585 LEU A CD2 
314 N N   . LEU A 47 ? 0.1791 0.2027 0.1838 -0.0144 0.0137  -0.0237 586 LEU A N   
315 C CA  . LEU A 47 ? 0.1772 0.2247 0.2047 -0.0137 0.0206  -0.0096 586 LEU A CA  
316 C C   . LEU A 47 ? 0.2006 0.2470 0.2168 -0.0186 0.0258  -0.0181 586 LEU A C   
317 O O   . LEU A 47 ? 0.2195 0.2700 0.2306 -0.0277 0.0341  -0.0245 586 LEU A O   
318 C CB  . LEU A 47 ? 0.1695 0.2482 0.1968 -0.0024 0.0140  0.0047  586 LEU A CB  
319 C CG  . LEU A 47 ? 0.1195 0.2511 0.2117 -0.0019 -0.0085 0.0232  586 LEU A CG  
320 C CD1 . LEU A 47 ? 0.1388 0.3037 0.2120 -0.0169 0.0039  0.0721  586 LEU A CD1 
321 C CD2 . LEU A 47 ? 0.1120 0.3274 0.2419 -0.0165 -0.0295 0.0196  586 LEU A CD2 
322 N N   . GLU A 48 ? 0.2070 0.2480 0.2361 -0.0221 0.0261  -0.0235 587 GLU A N   
323 C CA  . GLU A 48 ? 0.2349 0.2573 0.2471 -0.0199 0.0263  -0.0289 587 GLU A CA  
324 C C   . GLU A 48 ? 0.2357 0.2414 0.2519 -0.0106 0.0341  -0.0261 587 GLU A C   
325 O O   . GLU A 48 ? 0.2536 0.2361 0.2490 -0.0097 0.0327  -0.0346 587 GLU A O   
326 C CB  . GLU A 48 ? 0.2478 0.2703 0.2644 -0.0234 0.0205  -0.0414 587 GLU A CB  
327 C CG  . GLU A 48 ? 0.3161 0.3512 0.2913 -0.0093 0.0045  -0.0372 587 GLU A CG  
328 C CD  . GLU A 48 ? 0.3747 0.4417 0.3996 -0.0246 -0.0035 -0.0454 587 GLU A CD  
329 O OE1 . GLU A 48 ? 0.4372 0.5004 0.3965 -0.0033 -0.0287 -0.0682 587 GLU A OE1 
330 O OE2 . GLU A 48 ? 0.4205 0.4581 0.4473 -0.0090 0.0132  -0.0322 587 GLU A OE2 
331 N N   . ILE A 49 ? 0.2154 0.2305 0.2393 -0.0101 0.0357  -0.0058 588 ILE A N   
332 C CA  . ILE A 49 ? 0.2348 0.2400 0.2624 -0.0073 0.0312  0.0008  588 ILE A CA  
333 C C   . ILE A 49 ? 0.2229 0.2241 0.2720 -0.0002 0.0192  -0.0003 588 ILE A C   
334 O O   . ILE A 49 ? 0.2124 0.2077 0.2900 0.0001  0.0188  0.0083  588 ILE A O   
335 C CB  . ILE A 49 ? 0.2299 0.2636 0.2601 -0.0009 0.0354  0.0150  588 ILE A CB  
336 C CG1 . ILE A 49 ? 0.2973 0.2622 0.2644 -0.0033 0.0608  0.0412  588 ILE A CG1 
337 C CG2 . ILE A 49 ? 0.3021 0.2866 0.2833 -0.0173 0.0100  0.0178  588 ILE A CG2 
338 C CD1 . ILE A 49 ? 0.4092 0.3092 0.2625 0.0071  0.0735  0.0365  588 ILE A CD1 
339 N N   . ASP A 50 ? 0.2248 0.1986 0.2800 0.0068  0.0128  -0.0148 589 ASP A N   
340 C CA  . ASP A 50 ? 0.2267 0.2122 0.2685 0.0036  0.0053  -0.0214 589 ASP A CA  
341 C C   . ASP A 50 ? 0.2004 0.2030 0.2411 0.0064  0.0065  -0.0207 589 ASP A C   
342 O O   . ASP A 50 ? 0.1791 0.2068 0.2335 -0.0150 0.0024  -0.0189 589 ASP A O   
343 C CB  . ASP A 50 ? 0.2504 0.2225 0.2897 0.0192  0.0008  -0.0269 589 ASP A CB  
344 C CG  . ASP A 50 ? 0.3527 0.3087 0.3644 0.0115  -0.0162 -0.0305 589 ASP A CG  
345 O OD1 . ASP A 50 ? 0.4333 0.3617 0.4800 0.0659  -0.0268 -0.0183 589 ASP A OD1 
346 O OD2 . ASP A 50 ? 0.4365 0.4592 0.3952 -0.0049 -0.0251 -0.0442 589 ASP A OD2 
347 N N   . ASN A 51 ? 0.1875 0.2071 0.2180 0.0116  0.0096  -0.0231 590 ASN A N   
348 C CA  . ASN A 51 ? 0.1825 0.2076 0.2074 0.0207  0.0139  -0.0190 590 ASN A CA  
349 C C   . ASN A 51 ? 0.1719 0.2041 0.2113 0.0230  0.0156  -0.0219 590 ASN A C   
350 O O   . ASN A 51 ? 0.1585 0.2115 0.2117 0.0362  0.0136  -0.0230 590 ASN A O   
351 C CB  . ASN A 51 ? 0.1818 0.2276 0.2123 0.0151  0.0189  -0.0191 590 ASN A CB  
352 C CG  . ASN A 51 ? 0.2092 0.2355 0.2056 0.0072  0.0165  -0.0196 590 ASN A CG  
353 O OD1 . ASN A 51 ? 0.2301 0.2072 0.2053 -0.0113 0.0283  -0.0261 590 ASN A OD1 
354 N ND2 . ASN A 51 ? 0.2515 0.2666 0.1994 -0.0170 0.0292  -0.0220 590 ASN A ND2 
355 N N   . SER A 52 ? 0.1681 0.1862 0.1976 0.0349  0.0196  -0.0240 591 SER A N   
356 C CA  . SER A 52 ? 0.1939 0.1937 0.2084 0.0363  0.0194  -0.0224 591 SER A CA  
357 C C   . SER A 52 ? 0.1919 0.1885 0.2054 0.0271  0.0163  -0.0175 591 SER A C   
358 O O   . SER A 52 ? 0.1978 0.1673 0.2199 0.0412  0.0146  -0.0144 591 SER A O   
359 C CB  . SER A 52 ? 0.2060 0.2040 0.2237 0.0351  0.0139  -0.0178 591 SER A CB  
360 O OG  . SER A 52 ? 0.2618 0.1902 0.2486 0.0422  0.0297  -0.0538 591 SER A OG  
361 N N   . GLU A 53 ? 0.1993 0.1878 0.1969 0.0155  0.0164  -0.0174 592 GLU A N   
362 C CA  . GLU A 53 ? 0.2002 0.1928 0.2087 0.0053  0.0218  -0.0051 592 GLU A CA  
363 C C   . GLU A 53 ? 0.1891 0.1766 0.1918 0.0071  0.0129  -0.0032 592 GLU A C   
364 O O   . GLU A 53 ? 0.1859 0.1649 0.1941 0.0201  -0.0009 0.0078  592 GLU A O   
365 C CB  . GLU A 53 ? 0.2161 0.2121 0.2200 -0.0033 0.0375  -0.0015 592 GLU A CB  
366 C CG  . GLU A 53 ? 0.3309 0.2917 0.2815 -0.0282 0.0592  -0.0038 592 GLU A CG  
367 C CD  . GLU A 53 ? 0.4704 0.3491 0.3933 -0.0669 0.0685  -0.0092 592 GLU A CD  
368 O OE1 . GLU A 53 ? 0.5133 0.4495 0.4353 -0.0753 0.1074  -0.0177 592 GLU A OE1 
369 O OE2 . GLU A 53 ? 0.5366 0.4150 0.4190 -0.0377 0.0800  -0.0320 592 GLU A OE2 
370 N N   . LEU A 54 ? 0.1662 0.1702 0.1818 0.0160  0.0168  0.0000  593 LEU A N   
371 C CA  . LEU A 54 ? 0.1468 0.1694 0.1675 0.0112  0.0082  -0.0059 593 LEU A CA  
372 C C   . LEU A 54 ? 0.1435 0.1779 0.1678 0.0168  0.0091  -0.0132 593 LEU A C   
373 O O   . LEU A 54 ? 0.1356 0.1735 0.1385 0.0167  0.0044  -0.0154 593 LEU A O   
374 C CB  . LEU A 54 ? 0.1409 0.1607 0.1423 0.0146  0.0162  -0.0076 593 LEU A CB  
375 C CG  . LEU A 54 ? 0.0995 0.1972 0.1101 0.0317  0.0158  -0.0007 593 LEU A CG  
376 C CD1 . LEU A 54 ? 0.1243 0.2284 0.1156 0.0432  0.0078  0.0023  593 LEU A CD1 
377 C CD2 . LEU A 54 ? 0.1309 0.2135 0.1004 0.0557  0.0171  0.0293  593 LEU A CD2 
378 N N   . LEU A 55 ? 0.1374 0.1874 0.1750 0.0291  0.0085  -0.0111 594 LEU A N   
379 C CA  . LEU A 55 ? 0.1434 0.2007 0.1901 0.0297  0.0171  -0.0136 594 LEU A CA  
380 C C   . LEU A 55 ? 0.1495 0.2083 0.1935 0.0308  0.0176  -0.0247 594 LEU A C   
381 O O   . LEU A 55 ? 0.1478 0.2300 0.1932 0.0155  0.0047  -0.0388 594 LEU A O   
382 C CB  . LEU A 55 ? 0.1562 0.2056 0.2092 0.0294  0.0314  -0.0089 594 LEU A CB  
383 C CG  . LEU A 55 ? 0.1724 0.2292 0.2258 0.0398  0.0301  -0.0109 594 LEU A CG  
384 C CD1 . LEU A 55 ? 0.2181 0.2540 0.2815 0.0374  0.0704  -0.0076 594 LEU A CD1 
385 C CD2 . LEU A 55 ? 0.2066 0.2467 0.2958 0.0235  0.0435  -0.0130 594 LEU A CD2 
386 N N   . HIS A 56 ? 0.1260 0.2159 0.1810 0.0361  0.0228  -0.0253 595 HIS A N   
387 C CA  . HIS A 56 ? 0.1417 0.2280 0.1691 0.0383  0.0252  -0.0381 595 HIS A CA  
388 C C   . HIS A 56 ? 0.1395 0.2171 0.1620 0.0377  0.0212  -0.0473 595 HIS A C   
389 O O   . HIS A 56 ? 0.1413 0.2314 0.1634 0.0339  0.0207  -0.0648 595 HIS A O   
390 C CB  . HIS A 56 ? 0.1508 0.2310 0.1696 0.0451  0.0289  -0.0359 595 HIS A CB  
391 C CG  . HIS A 56 ? 0.2028 0.2813 0.2159 0.0605  0.0327  -0.0232 595 HIS A CG  
392 N ND1 . HIS A 56 ? 0.2418 0.3748 0.2506 0.0421  0.0300  -0.0240 595 HIS A ND1 
393 C CD2 . HIS A 56 ? 0.2221 0.2854 0.2535 0.0446  0.0447  -0.0257 595 HIS A CD2 
394 C CE1 . HIS A 56 ? 0.2528 0.3618 0.2603 0.0422  0.0341  -0.0144 595 HIS A CE1 
395 N NE2 . HIS A 56 ? 0.2536 0.3420 0.2715 0.0614  0.0481  -0.0377 595 HIS A NE2 
396 N N   . MET A 57 ? 0.1247 0.2098 0.1621 0.0334  0.0270  -0.0529 596 MET A N   
397 C CA  . MET A 57 ? 0.1341 0.2207 0.1716 0.0193  0.0268  -0.0409 596 MET A CA  
398 C C   . MET A 57 ? 0.1352 0.2219 0.1623 0.0065  0.0287  -0.0425 596 MET A C   
399 O O   . MET A 57 ? 0.1503 0.2348 0.1626 0.0126  0.0403  -0.0310 596 MET A O   
400 C CB  . MET A 57 ? 0.1276 0.2106 0.1701 0.0028  0.0213  -0.0537 596 MET A CB  
401 C CG  . MET A 57 ? 0.1787 0.2356 0.2338 0.0127  0.0196  -0.0150 596 MET A CG  
402 S SD  . MET A 57 ? 0.2402 0.3090 0.2698 -0.0360 0.0111  0.0110  596 MET A SD  
403 C CE  . MET A 57 ? 0.1489 0.2825 0.2565 -0.0279 0.0709  -0.0347 596 MET A CE  
404 N N   . LEU A 58 ? 0.1349 0.2264 0.1469 0.0084  0.0293  -0.0280 597 LEU A N   
405 C CA  . LEU A 58 ? 0.1299 0.2269 0.1569 0.0045  0.0304  -0.0268 597 LEU A CA  
406 C C   . LEU A 58 ? 0.1510 0.2398 0.1851 -0.0047 0.0342  -0.0243 597 LEU A C   
407 O O   . LEU A 58 ? 0.1630 0.2592 0.2112 -0.0118 0.0480  -0.0380 597 LEU A O   
408 C CB  . LEU A 58 ? 0.1215 0.2480 0.1508 0.0073  0.0299  -0.0260 597 LEU A CB  
409 C CG  . LEU A 58 ? 0.0838 0.2176 0.1475 0.0440  0.0392  -0.0351 597 LEU A CG  
410 C CD1 . LEU A 58 ? 0.1781 0.2723 0.1637 0.0520  0.0375  -0.0003 597 LEU A CD1 
411 C CD2 . LEU A 58 ? 0.0887 0.2540 0.2140 0.0517  0.0384  -0.0327 597 LEU A CD2 
412 N N   . GLU A 59 ? 0.1550 0.2650 0.1955 -0.0116 0.0238  -0.0133 598 GLU A N   
413 C CA  . GLU A 59 ? 0.1838 0.2794 0.2058 -0.0061 0.0126  -0.0106 598 GLU A CA  
414 C C   . GLU A 59 ? 0.1681 0.2632 0.1886 -0.0084 0.0104  -0.0137 598 GLU A C   
415 O O   . GLU A 59 ? 0.1718 0.2780 0.1867 -0.0195 0.0081  -0.0113 598 GLU A O   
416 C CB  . GLU A 59 ? 0.1834 0.3162 0.2225 -0.0097 0.0101  -0.0110 598 GLU A CB  
417 C CG  . GLU A 59 ? 0.2954 0.3913 0.3897 -0.0278 0.0164  -0.0098 598 GLU A CG  
418 C CD  . GLU A 59 ? 0.3795 0.5105 0.5773 0.0115  0.0022  -0.0205 598 GLU A CD  
419 O OE1 . GLU A 59 ? 0.4766 0.5298 0.6583 0.0127  0.0199  -0.0179 598 GLU A OE1 
420 O OE2 . GLU A 59 ? 0.4176 0.5642 0.6236 -0.0304 0.0075  -0.0212 598 GLU A OE2 
421 N N   . SER A 60 ? 0.1731 0.2430 0.1789 -0.0011 0.0064  -0.0019 599 SER A N   
422 C CA  . SER A 60 ? 0.1627 0.2184 0.1912 0.0022  0.0042  -0.0027 599 SER A CA  
423 C C   . SER A 60 ? 0.1356 0.1861 0.1678 0.0050  -0.0014 -0.0092 599 SER A C   
424 O O   . SER A 60 ? 0.1270 0.1827 0.1697 -0.0007 0.0233  -0.0218 599 SER A O   
425 C CB  . SER A 60 ? 0.1736 0.2219 0.1992 0.0117  0.0052  0.0079  599 SER A CB  
426 O OG  . SER A 60 ? 0.2372 0.2316 0.2676 -0.0031 -0.0010 0.0219  599 SER A OG  
427 N N   . PRO A 61 ? 0.1232 0.1546 0.1673 0.0046  -0.0131 -0.0069 600 PRO A N   
428 C CA  . PRO A 61 ? 0.1249 0.1463 0.1720 0.0092  -0.0091 -0.0132 600 PRO A CA  
429 C C   . PRO A 61 ? 0.1335 0.1555 0.1651 0.0171  -0.0121 0.0019  600 PRO A C   
430 O O   . PRO A 61 ? 0.1193 0.1297 0.1445 0.0228  -0.0175 -0.0076 600 PRO A O   
431 C CB  . PRO A 61 ? 0.1276 0.1557 0.1682 0.0047  -0.0147 -0.0066 600 PRO A CB  
432 C CG  . PRO A 61 ? 0.1233 0.1425 0.1843 0.0014  -0.0162 -0.0264 600 PRO A CG  
433 C CD  . PRO A 61 ? 0.1246 0.1533 0.1812 0.0041  -0.0119 -0.0185 600 PRO A CD  
434 N N   . GLU A 62 ? 0.1452 0.1618 0.1633 0.0244  -0.0189 0.0053  601 GLU A N   
435 C CA  . GLU A 62 ? 0.1561 0.1684 0.1687 0.0191  -0.0177 0.0086  601 GLU A CA  
436 C C   . GLU A 62 ? 0.1474 0.1796 0.1617 0.0225  -0.0115 0.0035  601 GLU A C   
437 O O   . GLU A 62 ? 0.1374 0.1802 0.1514 0.0169  -0.0118 0.0027  601 GLU A O   
438 C CB  . GLU A 62 ? 0.1524 0.1687 0.1872 0.0220  -0.0195 0.0164  601 GLU A CB  
439 C CG  . GLU A 62 ? 0.2792 0.2482 0.2820 0.0260  -0.0029 0.0340  601 GLU A CG  
440 C CD  . GLU A 62 ? 0.3669 0.3550 0.3941 0.0264  0.0482  0.0423  601 GLU A CD  
441 O OE1 . GLU A 62 ? 0.4726 0.4046 0.4375 0.0159  0.0631  0.0722  601 GLU A OE1 
442 O OE2 . GLU A 62 ? 0.4054 0.3592 0.4400 0.0421  0.0312  0.0582  601 GLU A OE2 
443 N N   . SER A 63 ? 0.1359 0.1846 0.1545 0.0337  -0.0142 0.0089  602 SER A N   
444 C CA  . SER A 63 ? 0.1356 0.1719 0.1701 0.0277  -0.0090 -0.0063 602 SER A CA  
445 C C   . SER A 63 ? 0.1204 0.1363 0.1610 0.0235  -0.0062 -0.0048 602 SER A C   
446 O O   . SER A 63 ? 0.1387 0.1069 0.1684 0.0203  -0.0119 -0.0252 602 SER A O   
447 C CB  . SER A 63 ? 0.1045 0.1945 0.2010 0.0320  -0.0123 0.0029  602 SER A CB  
448 O OG  . SER A 63 ? 0.2355 0.2816 0.2393 0.0309  -0.0254 0.0011  602 SER A OG  
449 N N   . LEU A 64 ? 0.1226 0.1248 0.1478 0.0228  0.0030  0.0043  603 LEU A N   
450 C CA  . LEU A 64 ? 0.1319 0.1093 0.1322 0.0138  0.0001  0.0078  603 LEU A CA  
451 C C   . LEU A 64 ? 0.1433 0.1146 0.1360 0.0136  -0.0047 0.0049  603 LEU A C   
452 O O   . LEU A 64 ? 0.1342 0.1397 0.1159 0.0134  -0.0120 0.0161  603 LEU A O   
453 C CB  . LEU A 64 ? 0.1356 0.0952 0.1386 0.0106  -0.0048 0.0154  603 LEU A CB  
454 C CG  . LEU A 64 ? 0.1352 0.1126 0.1288 -0.0033 -0.0061 0.0140  603 LEU A CG  
455 C CD1 . LEU A 64 ? 0.1288 0.1160 0.1168 -0.0048 -0.0268 -0.0022 603 LEU A CD1 
456 C CD2 . LEU A 64 ? 0.1194 0.0918 0.1503 0.0089  -0.0081 -0.0019 603 LEU A CD2 
457 N N   . ARG A 65 ? 0.1514 0.1302 0.1372 0.0085  0.0047  0.0064  604 ARG A N   
458 C CA  . ARG A 65 ? 0.1504 0.1315 0.1361 -0.0046 0.0090  0.0044  604 ARG A CA  
459 C C   . ARG A 65 ? 0.1570 0.1260 0.1398 0.0091  0.0042  0.0043  604 ARG A C   
460 O O   . ARG A 65 ? 0.1750 0.1236 0.1229 0.0003  0.0084  0.0000  604 ARG A O   
461 C CB  . ARG A 65 ? 0.1398 0.1374 0.1413 -0.0020 0.0009  -0.0024 604 ARG A CB  
462 C CG  . ARG A 65 ? 0.1635 0.1831 0.1526 -0.0382 0.0147  -0.0046 604 ARG A CG  
463 C CD  . ARG A 65 ? 0.2712 0.2900 0.1958 0.0130  0.0188  -0.0138 604 ARG A CD  
464 N NE  . ARG A 65 ? 0.3182 0.3515 0.3273 0.0002  0.0114  0.0354  604 ARG A NE  
465 C CZ  . ARG A 65 ? 0.4025 0.3958 0.4177 -0.0078 -0.0083 0.0434  604 ARG A CZ  
466 N NH1 . ARG A 65 ? 0.4342 0.4709 0.4495 -0.0388 -0.0256 0.0649  604 ARG A NH1 
467 N NH2 . ARG A 65 ? 0.4539 0.4208 0.4816 0.0278  -0.0168 0.0550  604 ARG A NH2 
468 N N   . SER A 66 ? 0.1581 0.1410 0.1684 0.0125  0.0105  0.0059  605 SER A N   
469 C CA  . SER A 66 ? 0.1798 0.1554 0.1878 0.0305  -0.0045 0.0051  605 SER A CA  
470 C C   . SER A 66 ? 0.1603 0.1395 0.1889 0.0230  0.0007  0.0063  605 SER A C   
471 O O   . SER A 66 ? 0.1665 0.1161 0.1823 0.0118  -0.0175 0.0095  605 SER A O   
472 C CB  . SER A 66 ? 0.1868 0.1775 0.2158 0.0397  0.0139  0.0065  605 SER A CB  
473 O OG  . SER A 66 ? 0.2634 0.3024 0.2884 0.0716  0.0082  -0.0024 605 SER A OG  
474 N N   . LYS A 67 ? 0.1242 0.1101 0.1647 0.0226  0.0020  0.0043  606 LYS A N   
475 C CA  . LYS A 67 ? 0.1545 0.1514 0.1721 0.0043  0.0216  0.0101  606 LYS A CA  
476 C C   . LYS A 67 ? 0.1319 0.1402 0.1550 -0.0012 0.0133  0.0092  606 LYS A C   
477 O O   . LYS A 67 ? 0.1602 0.1251 0.1619 -0.0211 0.0147  0.0004  606 LYS A O   
478 C CB  . LYS A 67 ? 0.1329 0.1683 0.1964 0.0013  0.0393  0.0032  606 LYS A CB  
479 C CG  . LYS A 67 ? 0.2630 0.2530 0.2354 -0.0130 0.0825  0.0042  606 LYS A CG  
480 C CD  . LYS A 67 ? 0.3060 0.3232 0.3275 0.0193  0.1064  0.0587  606 LYS A CD  
481 C CE  . LYS A 67 ? 0.3847 0.3398 0.3743 -0.0013 0.1122  0.0501  606 LYS A CE  
482 N NZ  . LYS A 67 ? 0.3722 0.3894 0.4367 0.0434  0.1128  0.0779  606 LYS A NZ  
483 N N   . VAL A 68 ? 0.1210 0.1460 0.1547 0.0006  0.0057  0.0219  607 VAL A N   
484 C CA  . VAL A 68 ? 0.1146 0.1242 0.1486 0.0028  -0.0028 0.0266  607 VAL A CA  
485 C C   . VAL A 68 ? 0.1037 0.1301 0.1503 -0.0027 -0.0033 0.0188  607 VAL A C   
486 O O   . VAL A 68 ? 0.1137 0.1090 0.1561 -0.0004 -0.0149 0.0082  607 VAL A O   
487 C CB  . VAL A 68 ? 0.0956 0.1224 0.1619 0.0042  0.0009  0.0241  607 VAL A CB  
488 C CG1 . VAL A 68 ? 0.0676 0.1460 0.1478 0.0133  -0.0461 0.0099  607 VAL A CG1 
489 C CG2 . VAL A 68 ? 0.1057 0.1134 0.1630 -0.0093 0.0079  0.0459  607 VAL A CG2 
490 N N   . ASP A 69 ? 0.1145 0.1303 0.1542 -0.0058 0.0029  0.0175  608 ASP A N   
491 C CA  . ASP A 69 ? 0.1328 0.1705 0.1645 -0.0040 0.0042  0.0266  608 ASP A CA  
492 C C   . ASP A 69 ? 0.1261 0.1704 0.1820 -0.0090 -0.0016 0.0275  608 ASP A C   
493 O O   . ASP A 69 ? 0.1371 0.1842 0.2011 -0.0088 -0.0031 0.0385  608 ASP A O   
494 C CB  . ASP A 69 ? 0.1331 0.2006 0.1567 -0.0230 -0.0020 0.0253  608 ASP A CB  
495 C CG  . ASP A 69 ? 0.1824 0.2581 0.1858 -0.0136 0.0075  0.0296  608 ASP A CG  
496 O OD1 . ASP A 69 ? 0.2249 0.2803 0.2576 -0.0279 -0.0187 0.0194  608 ASP A OD1 
497 O OD2 . ASP A 69 ? 0.2464 0.3478 0.2068 -0.0281 -0.0133 0.0550  608 ASP A OD2 
498 N N   . GLU A 70 ? 0.1171 0.1514 0.1747 0.0012  0.0027  0.0140  609 GLU A N   
499 C CA  . GLU A 70 ? 0.1270 0.1571 0.1964 0.0010  0.0067  0.0076  609 GLU A CA  
500 C C   . GLU A 70 ? 0.1223 0.1393 0.1728 -0.0087 0.0045  0.0077  609 GLU A C   
501 O O   . GLU A 70 ? 0.1340 0.1113 0.1776 -0.0041 0.0055  0.0003  609 GLU A O   
502 C CB  . GLU A 70 ? 0.1224 0.1559 0.1983 0.0020  0.0161  -0.0027 609 GLU A CB  
503 C CG  . GLU A 70 ? 0.1610 0.1787 0.2544 -0.0021 0.0145  -0.0157 609 GLU A CG  
504 C CD  . GLU A 70 ? 0.1798 0.2230 0.2873 -0.0150 0.0288  -0.0436 609 GLU A CD  
505 O OE1 . GLU A 70 ? 0.2592 0.2727 0.2974 -0.0394 0.0134  -0.0562 609 GLU A OE1 
506 O OE2 . GLU A 70 ? 0.2335 0.2346 0.3244 -0.0029 -0.0032 -0.0624 609 GLU A OE2 
507 N N   . ALA A 71 ? 0.1197 0.1317 0.1609 0.0005  0.0066  0.0100  610 ALA A N   
508 C CA  . ALA A 71 ? 0.1101 0.1362 0.1634 -0.0038 0.0083  0.0087  610 ALA A CA  
509 C C   . ALA A 71 ? 0.1205 0.1346 0.1628 -0.0096 0.0076  0.0093  610 ALA A C   
510 O O   . ALA A 71 ? 0.1215 0.1533 0.1724 -0.0156 0.0062  -0.0010 610 ALA A O   
511 C CB  . ALA A 71 ? 0.1055 0.1412 0.1512 -0.0026 0.0053  0.0218  610 ALA A CB  
512 N N   . VAL A 72 ? 0.1239 0.1209 0.1662 -0.0068 0.0174  0.0119  611 VAL A N   
513 C CA  . VAL A 72 ? 0.1378 0.1155 0.1665 -0.0104 0.0128  0.0042  611 VAL A CA  
514 C C   . VAL A 72 ? 0.1526 0.1231 0.1794 -0.0099 0.0045  0.0088  611 VAL A C   
515 O O   . VAL A 72 ? 0.1546 0.1106 0.2057 -0.0234 -0.0019 0.0083  611 VAL A O   
516 C CB  . VAL A 72 ? 0.1287 0.1221 0.1758 -0.0056 0.0277  -0.0027 611 VAL A CB  
517 C CG1 . VAL A 72 ? 0.1336 0.1635 0.1888 -0.0203 0.0189  0.0091  611 VAL A CG1 
518 C CG2 . VAL A 72 ? 0.1940 0.1213 0.1907 0.0006  0.0335  0.0147  611 VAL A CG2 
519 N N   . ALA A 73 ? 0.1805 0.1143 0.1820 -0.0135 -0.0021 0.0146  612 ALA A N   
520 C CA  . ALA A 73 ? 0.1753 0.1324 0.1926 -0.0157 -0.0085 0.0104  612 ALA A CA  
521 C C   . ALA A 73 ? 0.1788 0.1507 0.1884 -0.0225 -0.0073 0.0148  612 ALA A C   
522 O O   . ALA A 73 ? 0.1751 0.1650 0.1931 -0.0297 -0.0234 0.0061  612 ALA A O   
523 C CB  . ALA A 73 ? 0.1792 0.1270 0.2050 -0.0172 -0.0176 0.0268  612 ALA A CB  
524 N N   . VAL A 74 ? 0.1741 0.1509 0.1917 -0.0113 0.0029  0.0079  613 VAL A N   
525 C CA  . VAL A 74 ? 0.1823 0.1528 0.1951 -0.0125 0.0015  -0.0037 613 VAL A CA  
526 C C   . VAL A 74 ? 0.1863 0.1720 0.2076 -0.0207 0.0010  -0.0064 613 VAL A C   
527 O O   . VAL A 74 ? 0.1894 0.2036 0.2265 -0.0231 -0.0014 -0.0137 613 VAL A O   
528 C CB  . VAL A 74 ? 0.1954 0.1603 0.1960 0.0011  0.0038  0.0014  613 VAL A CB  
529 C CG1 . VAL A 74 ? 0.2458 0.1853 0.1894 -0.0055 0.0138  -0.0373 613 VAL A CG1 
530 C CG2 . VAL A 74 ? 0.1808 0.1383 0.1974 0.0338  0.0224  -0.0136 613 VAL A CG2 
531 N N   . LEU A 75 ? 0.1737 0.1617 0.2005 -0.0236 -0.0016 0.0034  614 LEU A N   
532 C CA  . LEU A 75 ? 0.1686 0.1919 0.2017 -0.0344 -0.0121 0.0048  614 LEU A CA  
533 C C   . LEU A 75 ? 0.1792 0.2016 0.2077 -0.0332 -0.0135 0.0081  614 LEU A C   
534 O O   . LEU A 75 ? 0.1824 0.2161 0.2214 -0.0347 -0.0240 0.0143  614 LEU A O   
535 C CB  . LEU A 75 ? 0.1530 0.1776 0.1952 -0.0275 -0.0159 0.0109  614 LEU A CB  
536 C CG  . LEU A 75 ? 0.1697 0.1977 0.1979 -0.0674 -0.0185 -0.0007 614 LEU A CG  
537 C CD1 . LEU A 75 ? 0.2080 0.1871 0.2477 -0.0860 0.0136  -0.0049 614 LEU A CD1 
538 C CD2 . LEU A 75 ? 0.1773 0.2443 0.2165 -0.0898 -0.0012 -0.0044 614 LEU A CD2 
539 N N   . GLN A 76 ? 0.1971 0.2138 0.2068 -0.0359 -0.0068 0.0071  615 GLN A N   
540 C CA  . GLN A 76 ? 0.2297 0.2270 0.2281 -0.0412 -0.0054 -0.0035 615 GLN A CA  
541 C C   . GLN A 76 ? 0.2301 0.2291 0.2439 -0.0466 -0.0042 0.0014  615 GLN A C   
542 O O   . GLN A 76 ? 0.2262 0.2133 0.2700 -0.0577 -0.0117 -0.0046 615 GLN A O   
543 C CB  . GLN A 76 ? 0.2343 0.2230 0.2107 -0.0377 -0.0084 -0.0066 615 GLN A CB  
544 C CG  . GLN A 76 ? 0.2732 0.2580 0.2426 -0.0327 -0.0055 -0.0196 615 GLN A CG  
545 C CD  . GLN A 76 ? 0.3463 0.3106 0.2714 -0.0045 -0.0131 -0.0374 615 GLN A CD  
546 O OE1 . GLN A 76 ? 0.3976 0.3457 0.3044 -0.0086 -0.0059 -0.0579 615 GLN A OE1 
547 N NE2 . GLN A 76 ? 0.3760 0.2545 0.2822 -0.0088 0.0041  -0.0394 615 GLN A NE2 
548 N N   . ALA A 77 ? 0.2575 0.2409 0.2642 -0.0505 0.0064  -0.0173 616 ALA A N   
549 C CA  . ALA A 77 ? 0.2902 0.2857 0.3118 -0.0446 0.0021  -0.0227 616 ALA A CA  
550 C C   . ALA A 77 ? 0.3187 0.3221 0.3387 -0.0423 -0.0047 -0.0327 616 ALA A C   
551 O O   . ALA A 77 ? 0.3336 0.3580 0.3811 -0.0398 -0.0128 -0.0398 616 ALA A O   
552 C CB  . ALA A 77 ? 0.2879 0.2627 0.2969 -0.0383 0.0096  -0.0241 616 ALA A CB  
553 N N   . HIS A 78 ? 0.3521 0.3542 0.3642 -0.0314 -0.0081 -0.0252 617 HIS A N   
554 C CA  . HIS A 78 ? 0.3974 0.3974 0.3926 -0.0303 -0.0143 -0.0208 617 HIS A CA  
555 C C   . HIS A 78 ? 0.4240 0.4250 0.4251 -0.0262 -0.0237 -0.0129 617 HIS A C   
556 O O   . HIS A 78 ? 0.4432 0.4470 0.4463 -0.0324 -0.0354 -0.0066 617 HIS A O   
557 C CB  . HIS A 78 ? 0.3970 0.3884 0.3806 -0.0315 -0.0159 -0.0221 617 HIS A CB  
558 C CG  . HIS A 78 ? 0.4183 0.4136 0.3773 -0.0263 -0.0005 -0.0347 617 HIS A CG  
559 N ND1 . HIS A 78 ? 0.4545 0.4198 0.3601 -0.0374 -0.0004 -0.0544 617 HIS A ND1 
560 C CD2 . HIS A 78 ? 0.4378 0.4395 0.3720 -0.0173 -0.0207 -0.0520 617 HIS A CD2 
561 C CE1 . HIS A 78 ? 0.4531 0.4378 0.3788 -0.0130 0.0069  -0.0453 617 HIS A CE1 
562 N NE2 . HIS A 78 ? 0.4828 0.4577 0.3855 -0.0070 0.0087  -0.0614 617 HIS A NE2 
563 N N   . GLN A 79 ? 0.4529 0.4570 0.4536 -0.0212 -0.0229 -0.0185 618 GLN A N   
564 C CA  . GLN A 79 ? 0.4903 0.4901 0.4919 -0.0031 -0.0266 -0.0159 618 GLN A CA  
565 C C   . GLN A 79 ? 0.5021 0.4971 0.4978 0.0039  -0.0184 -0.0164 618 GLN A C   
566 O O   . GLN A 79 ? 0.5176 0.5255 0.5167 0.0112  -0.0132 -0.0131 618 GLN A O   
567 C CB  . GLN A 79 ? 0.5115 0.5047 0.5014 0.0027  -0.0247 -0.0136 618 GLN A CB  
568 C CG  . GLN A 79 ? 0.5449 0.5476 0.5462 0.0075  -0.0428 -0.0237 618 GLN A CG  
569 C CD  . GLN A 79 ? 0.6210 0.6146 0.5761 0.0329  -0.0657 -0.0273 618 GLN A CD  
570 O OE1 . GLN A 79 ? 0.6754 0.6242 0.6381 0.0342  -0.0737 0.0084  618 GLN A OE1 
571 N NE2 . GLN A 79 ? 0.6052 0.6055 0.5818 0.0390  -0.0679 -0.0514 618 GLN A NE2 
572 N N   . GLU B 1  ? 0.3437 0.3404 0.4374 -0.0033 0.0435  0.0054  55  GLU B N   
573 C CA  . GLU B 1  ? 0.3424 0.3368 0.4116 -0.0020 0.0404  0.0076  55  GLU B CA  
574 C C   . GLU B 1  ? 0.3292 0.3272 0.3840 -0.0041 0.0404  0.0039  55  GLU B C   
575 O O   . GLU B 1  ? 0.3432 0.3462 0.3901 -0.0047 0.0554  0.0021  55  GLU B O   
576 C CB  . GLU B 1  ? 0.3452 0.3449 0.4248 -0.0022 0.0406  0.0026  55  GLU B CB  
577 C CG  . GLU B 1  ? 0.4091 0.3788 0.4704 -0.0137 0.0383  0.0155  55  GLU B CG  
578 C CD  . GLU B 1  ? 0.4668 0.4567 0.5475 -0.0353 0.0241  0.0053  55  GLU B CD  
579 O OE1 . GLU B 1  ? 0.5032 0.5032 0.5607 -0.0410 0.0062  0.0080  55  GLU B OE1 
580 O OE2 . GLU B 1  ? 0.5215 0.4985 0.5889 -0.0298 0.0383  0.0350  55  GLU B OE2 
581 N N   . LEU B 2  ? 0.2997 0.3029 0.3462 -0.0122 0.0331  -0.0013 56  LEU B N   
582 C CA  . LEU B 2  ? 0.2738 0.2889 0.3081 -0.0185 0.0293  -0.0023 56  LEU B CA  
583 C C   . LEU B 2  ? 0.2828 0.2917 0.2907 -0.0237 0.0197  -0.0066 56  LEU B C   
584 O O   . LEU B 2  ? 0.2764 0.3033 0.2825 -0.0301 0.0172  0.0000  56  LEU B O   
585 C CB  . LEU B 2  ? 0.2693 0.2619 0.3052 -0.0239 0.0229  -0.0083 56  LEU B CB  
586 C CG  . LEU B 2  ? 0.2150 0.2583 0.2856 -0.0219 0.0479  0.0084  56  LEU B CG  
587 C CD1 . LEU B 2  ? 0.1854 0.2047 0.2887 -0.0190 0.0217  0.0125  56  LEU B CD1 
588 C CD2 . LEU B 2  ? 0.1869 0.2386 0.3058 -0.0308 0.0495  -0.0296 56  LEU B CD2 
589 N N   . ASN B 3  ? 0.2802 0.2937 0.2692 -0.0235 0.0163  -0.0053 57  ASN B N   
590 C CA  . ASN B 3  ? 0.2836 0.3157 0.2674 -0.0284 0.0098  -0.0084 57  ASN B CA  
591 C C   . ASN B 3  ? 0.2919 0.3136 0.2743 -0.0353 0.0023  -0.0070 57  ASN B C   
592 O O   . ASN B 3  ? 0.2902 0.3094 0.2667 -0.0389 -0.0002 -0.0159 57  ASN B O   
593 C CB  . ASN B 3  ? 0.3009 0.3179 0.2602 -0.0261 0.0033  -0.0077 57  ASN B CB  
594 C CG  . ASN B 3  ? 0.3171 0.3806 0.2815 -0.0279 0.0075  -0.0005 57  ASN B CG  
595 O OD1 . ASN B 3  ? 0.3486 0.4112 0.2992 -0.0620 -0.0039 0.0056  57  ASN B OD1 
596 N ND2 . ASN B 3  ? 0.3740 0.4603 0.2563 0.0043  0.0167  -0.0261 57  ASN B ND2 
597 N N   . PRO B 4  ? 0.2902 0.3166 0.2844 -0.0380 -0.0047 -0.0055 58  PRO B N   
598 C CA  . PRO B 4  ? 0.2951 0.3180 0.2943 -0.0398 -0.0110 -0.0060 58  PRO B CA  
599 C C   . PRO B 4  ? 0.3028 0.3137 0.2925 -0.0381 -0.0160 -0.0083 58  PRO B C   
600 O O   . PRO B 4  ? 0.3006 0.3353 0.2915 -0.0265 -0.0199 -0.0189 58  PRO B O   
601 C CB  . PRO B 4  ? 0.3134 0.3267 0.3046 -0.0327 -0.0055 0.0032  58  PRO B CB  
602 C CG  . PRO B 4  ? 0.2884 0.3205 0.2997 -0.0487 0.0018  -0.0057 58  PRO B CG  
603 C CD  . PRO B 4  ? 0.2834 0.3197 0.2859 -0.0392 -0.0080 -0.0083 58  PRO B CD  
604 N N   . ASN B 5  ? 0.3149 0.3151 0.2924 -0.0471 -0.0214 -0.0120 59  ASN B N   
605 C CA  . ASN B 5  ? 0.3276 0.3309 0.2989 -0.0494 -0.0243 -0.0181 59  ASN B CA  
606 C C   . ASN B 5  ? 0.3318 0.3263 0.2871 -0.0506 -0.0312 -0.0151 59  ASN B C   
607 O O   . ASN B 5  ? 0.3470 0.3380 0.2632 -0.0610 -0.0467 -0.0258 59  ASN B O   
608 C CB  . ASN B 5  ? 0.3494 0.3423 0.3200 -0.0461 -0.0224 -0.0204 59  ASN B CB  
609 C CG  . ASN B 5  ? 0.3537 0.3636 0.3801 -0.0418 -0.0178 -0.0288 59  ASN B CG  
610 O OD1 . ASN B 5  ? 0.3648 0.4064 0.4344 -0.0177 0.0018  -0.0558 59  ASN B OD1 
611 N ND2 . ASN B 5  ? 0.4183 0.3877 0.4520 -0.0182 -0.0315 -0.0140 59  ASN B ND2 
612 N N   . ALA B 6  ? 0.3188 0.3280 0.2780 -0.0569 -0.0266 -0.0188 60  ALA B N   
613 C CA  . ALA B 6  ? 0.3181 0.3283 0.2811 -0.0453 -0.0275 -0.0211 60  ALA B CA  
614 C C   . ALA B 6  ? 0.3039 0.3272 0.2779 -0.0334 -0.0231 -0.0206 60  ALA B C   
615 O O   . ALA B 6  ? 0.3313 0.3627 0.3115 -0.0404 -0.0040 -0.0213 60  ALA B O   
616 C CB  . ALA B 6  ? 0.3278 0.3233 0.2861 -0.0461 -0.0334 -0.0164 60  ALA B CB  
617 N N   . GLU B 7  ? 0.3005 0.3236 0.2509 -0.0155 -0.0245 -0.0174 61  GLU B N   
618 C CA  . GLU B 7  ? 0.3029 0.3285 0.2532 -0.0083 -0.0311 -0.0024 61  GLU B CA  
619 C C   . GLU B 7  ? 0.2772 0.3116 0.2493 -0.0096 -0.0382 0.0067  61  GLU B C   
620 O O   . GLU B 7  ? 0.3004 0.3251 0.2619 0.0012  -0.0585 0.0134  61  GLU B O   
621 C CB  . GLU B 7  ? 0.3266 0.3430 0.2692 0.0006  -0.0270 -0.0013 61  GLU B CB  
622 C CG  . GLU B 7  ? 0.4317 0.3711 0.2842 -0.0063 -0.0246 -0.0181 61  GLU B CG  
623 C CD  . GLU B 7  ? 0.5579 0.4466 0.3096 -0.0063 -0.0198 -0.0005 61  GLU B CD  
624 O OE1 . GLU B 7  ? 0.6125 0.4769 0.3262 -0.0036 -0.0091 0.0293  61  GLU B OE1 
625 O OE2 . GLU B 7  ? 0.6325 0.4735 0.3586 -0.0098 -0.0227 -0.0171 61  GLU B OE2 
626 N N   . VAL B 8  ? 0.2418 0.3273 0.2305 -0.0190 -0.0289 0.0087  62  VAL B N   
627 C CA  . VAL B 8  ? 0.2154 0.3094 0.2056 -0.0223 -0.0309 0.0221  62  VAL B CA  
628 C C   . VAL B 8  ? 0.2209 0.3189 0.2028 -0.0143 -0.0365 0.0351  62  VAL B C   
629 O O   . VAL B 8  ? 0.2290 0.3826 0.2255 -0.0224 -0.0388 0.0394  62  VAL B O   
630 C CB  . VAL B 8  ? 0.2277 0.3065 0.1949 -0.0219 -0.0341 0.0169  62  VAL B CB  
631 C CG1 . VAL B 8  ? 0.2117 0.2912 0.1846 -0.0414 -0.0206 0.0328  62  VAL B CG1 
632 C CG2 . VAL B 8  ? 0.2177 0.3210 0.1608 -0.0266 -0.0547 0.0025  62  VAL B CG2 
633 N N   . TRP B 9  ? 0.1798 0.2837 0.1815 -0.0107 -0.0347 0.0335  63  TRP B N   
634 C CA  . TRP B 9  ? 0.1932 0.2629 0.1929 -0.0022 -0.0453 0.0399  63  TRP B CA  
635 C C   . TRP B 9  ? 0.1879 0.2582 0.2059 0.0006  -0.0458 0.0321  63  TRP B C   
636 O O   . TRP B 9  ? 0.2027 0.2669 0.2066 0.0003  -0.0454 0.0243  63  TRP B O   
637 C CB  . TRP B 9  ? 0.1698 0.2558 0.1993 0.0098  -0.0349 0.0585  63  TRP B CB  
638 C CG  . TRP B 9  ? 0.2143 0.2702 0.2366 0.0171  -0.0419 0.0566  63  TRP B CG  
639 C CD1 . TRP B 9  ? 0.2201 0.2796 0.2718 0.0326  -0.0185 0.0715  63  TRP B CD1 
640 C CD2 . TRP B 9  ? 0.2195 0.2577 0.2268 0.0074  -0.0687 0.0744  63  TRP B CD2 
641 N NE1 . TRP B 9  ? 0.1873 0.2735 0.2716 0.0295  -0.0256 0.0646  63  TRP B NE1 
642 C CE2 . TRP B 9  ? 0.2006 0.2703 0.2367 0.0151  -0.0730 0.0648  63  TRP B CE2 
643 C CE3 . TRP B 9  ? 0.2295 0.2898 0.1933 0.0029  -0.1022 0.0566  63  TRP B CE3 
644 C CZ2 . TRP B 9  ? 0.2054 0.2707 0.2117 -0.0130 -0.0764 0.0738  63  TRP B CZ2 
645 C CZ3 . TRP B 9  ? 0.2183 0.3100 0.1988 -0.0282 -0.0751 0.0738  63  TRP B CZ3 
646 C CH2 . TRP B 9  ? 0.2258 0.3201 0.2196 -0.0147 -0.0629 0.0697  63  TRP B CH2 
647 N N   . GLY B 10 ? 0.1918 0.2310 0.2147 0.0051  -0.0561 0.0301  64  GLY B N   
648 C CA  . GLY B 10 ? 0.2151 0.2338 0.2388 0.0006  -0.0505 0.0288  64  GLY B CA  
649 C C   . GLY B 10 ? 0.2103 0.2197 0.2456 -0.0036 -0.0368 0.0246  64  GLY B C   
650 O O   . GLY B 10 ? 0.2481 0.2379 0.2936 -0.0097 -0.0409 0.0170  64  GLY B O   
651 N N   . ALA B 11 ? 0.2013 0.2137 0.2123 -0.0111 -0.0293 0.0380  65  ALA B N   
652 C CA  . ALA B 11 ? 0.1896 0.2159 0.1872 -0.0178 -0.0194 0.0408  65  ALA B CA  
653 C C   . ALA B 11 ? 0.1782 0.2011 0.1734 -0.0148 -0.0139 0.0331  65  ALA B C   
654 O O   . ALA B 11 ? 0.1723 0.2235 0.1627 -0.0121 -0.0059 0.0417  65  ALA B O   
655 C CB  . ALA B 11 ? 0.1824 0.2018 0.1862 -0.0341 -0.0201 0.0580  65  ALA B CB  
656 N N   . PRO B 12 ? 0.1624 0.2113 0.1654 -0.0183 -0.0130 0.0187  66  PRO B N   
657 C CA  . PRO B 12 ? 0.1685 0.2017 0.1632 -0.0158 -0.0141 0.0173  66  PRO B CA  
658 C C   . PRO B 12 ? 0.1734 0.2164 0.1689 -0.0152 -0.0125 0.0221  66  PRO B C   
659 O O   . PRO B 12 ? 0.1472 0.2264 0.1542 -0.0223 -0.0256 0.0209  66  PRO B O   
660 C CB  . PRO B 12 ? 0.1833 0.2117 0.1698 -0.0194 -0.0064 0.0111  66  PRO B CB  
661 C CG  . PRO B 12 ? 0.1844 0.2036 0.1797 -0.0096 0.0090  0.0152  66  PRO B CG  
662 C CD  . PRO B 12 ? 0.1757 0.2194 0.1858 -0.0209 -0.0099 0.0075  66  PRO B CD  
663 N N   . VAL B 13 ? 0.1832 0.2238 0.1706 -0.0098 -0.0133 0.0242  67  VAL B N   
664 C CA  . VAL B 13 ? 0.2071 0.2254 0.1873 0.0035  -0.0092 0.0122  67  VAL B CA  
665 C C   . VAL B 13 ? 0.2472 0.2475 0.2196 -0.0006 -0.0113 0.0155  67  VAL B C   
666 O O   . VAL B 13 ? 0.2485 0.2529 0.2226 0.0187  -0.0118 0.0294  67  VAL B O   
667 C CB  . VAL B 13 ? 0.1860 0.2132 0.1766 -0.0018 -0.0144 0.0143  67  VAL B CB  
668 C CG1 . VAL B 13 ? 0.1685 0.2191 0.1316 0.0206  0.0040  0.0038  67  VAL B CG1 
669 C CG2 . VAL B 13 ? 0.1789 0.2110 0.1834 0.0054  -0.0050 -0.0019 67  VAL B CG2 
670 N N   . LEU B 14 ? 0.2834 0.2842 0.2517 0.0110  -0.0090 -0.0040 68  LEU B N   
671 C CA  . LEU B 14 ? 0.3391 0.3212 0.3098 0.0007  -0.0040 -0.0165 68  LEU B CA  
672 C C   . LEU B 14 ? 0.3654 0.3528 0.3479 -0.0059 -0.0078 -0.0247 68  LEU B C   
673 O O   . LEU B 14 ? 0.3808 0.3577 0.3388 -0.0130 0.0020  -0.0343 68  LEU B O   
674 C CB  . LEU B 14 ? 0.3334 0.3117 0.3088 -0.0069 -0.0039 -0.0203 68  LEU B CB  
675 C CG  . LEU B 14 ? 0.3516 0.2963 0.3108 -0.0366 0.0222  -0.0245 68  LEU B CG  
676 C CD1 . LEU B 14 ? 0.3878 0.2883 0.3129 -0.0864 0.0509  -0.0395 68  LEU B CD1 
677 C CD2 . LEU B 14 ? 0.3907 0.3135 0.3837 -0.0346 0.0578  -0.0309 68  LEU B CD2 
678 N N   . HIS B 15 ? 0.4116 0.3867 0.3665 -0.0083 -0.0097 -0.0098 69  HIS B N   
679 C CA  . HIS B 15 ? 0.4461 0.4385 0.4152 -0.0057 -0.0041 -0.0053 69  HIS B CA  
680 C C   . HIS B 15 ? 0.4665 0.4405 0.4190 -0.0026 -0.0005 -0.0085 69  HIS B C   
681 O O   . HIS B 15 ? 0.4740 0.4383 0.4149 0.0076  0.0015  -0.0021 69  HIS B O   
682 C CB  . HIS B 15 ? 0.4677 0.4572 0.4226 -0.0119 -0.0031 -0.0051 69  HIS B CB  
683 C CG  . HIS B 15 ? 0.5166 0.4758 0.4964 -0.0290 0.0048  0.0160  69  HIS B CG  
684 N ND1 . HIS B 15 ? 0.5428 0.4883 0.5818 -0.0151 0.0112  0.0214  69  HIS B ND1 
685 C CD2 . HIS B 15 ? 0.5264 0.4974 0.5698 -0.0350 0.0125  0.0163  69  HIS B CD2 
686 C CE1 . HIS B 15 ? 0.5562 0.5109 0.6049 -0.0309 0.0260  0.0374  69  HIS B CE1 
687 N NE2 . HIS B 15 ? 0.5391 0.5047 0.5849 -0.0446 0.0212  0.0370  69  HIS B NE2 
688 O O   . HOH C .  ? 0.2792 0.5487 0.1432 -0.0073 -0.0022 0.1648  1   HOH A O   
689 O O   . HOH C .  ? 0.8346 0.5014 0.6878 -0.3536 0.4727  -0.1554 3   HOH A O   
690 O O   . HOH C .  ? 0.7185 0.8405 0.2216 -0.1528 0.1147  -0.0635 4   HOH A O   
691 O O   . HOH C .  ? 0.1140 0.1978 0.2884 0.0356  0.0104  0.0819  6   HOH A O   
692 O O   . HOH C .  ? 0.2788 0.3989 0.2271 -0.1159 0.0317  -0.0743 7   HOH A O   
693 O O   . HOH C .  ? 0.2987 0.3082 0.3792 0.1001  0.0753  0.1076  8   HOH A O   
694 O O   . HOH C .  ? 0.2591 0.6120 0.6134 0.0493  0.1646  -0.1808 10  HOH A O   
695 O O   . HOH C .  ? 0.1064 0.2062 0.1680 -0.0300 0.0180  0.0201  11  HOH A O   
696 O O   . HOH C .  ? 0.5656 0.5650 0.2038 -0.0242 0.0005  -0.1141 12  HOH A O   
697 O O   . HOH C .  ? 0.2587 0.2368 0.2789 -0.0584 0.0106  0.1042  14  HOH A O   
698 O O   . HOH C .  ? 0.1831 0.2602 0.1190 0.0295  -0.0720 -0.0100 15  HOH A O   
699 O O   . HOH C .  ? 0.1410 0.2631 0.1899 0.0336  -0.0045 -0.0690 16  HOH A O   
700 O O   . HOH C .  ? 0.1655 0.1651 0.3922 0.0048  0.0536  0.0311  17  HOH A O   
701 O O   . HOH C .  ? 0.3669 0.2721 0.2904 0.0615  0.0437  0.1364  18  HOH A O   
702 O O   . HOH C .  ? 0.4082 0.2655 0.5876 -0.1788 0.1550  -0.1705 21  HOH A O   
703 O O   . HOH C .  ? 0.2770 0.2056 0.3629 -0.1062 0.0646  0.0328  22  HOH A O   
704 O O   . HOH C .  ? 0.1090 0.2689 0.0878 0.0355  -0.0307 -0.0179 23  HOH A O   
705 O O   . HOH C .  ? 0.2400 0.2959 0.2316 0.0258  0.0854  -0.0187 24  HOH A O   
706 O O   . HOH C .  ? 0.2153 0.5838 0.4300 -0.0655 0.0213  -0.0450 26  HOH A O   
707 O O   . HOH C .  ? 0.3116 0.2662 0.3427 0.0605  -0.0349 0.0411  27  HOH A O   
708 O O   . HOH C .  ? 0.7912 0.5106 0.4711 0.4058  0.0025  0.1366  28  HOH A O   
709 O O   . HOH C .  ? 0.2381 0.3424 0.2475 -0.0873 0.0946  -0.0039 29  HOH A O   
710 O O   . HOH C .  ? 0.3465 0.2541 0.2484 -0.0681 0.0337  -0.0647 32  HOH A O   
711 O O   . HOH C .  ? 0.2615 0.3348 0.1605 0.0952  -0.0272 0.0066  33  HOH A O   
712 O O   . HOH C .  ? 0.2070 0.2242 0.1334 0.0545  0.0283  -0.0077 34  HOH A O   
713 O O   . HOH C .  ? 0.4701 0.6766 0.2425 -0.3072 -0.0835 0.1373  35  HOH A O   
714 O O   . HOH C .  ? 0.2070 0.8149 0.5319 0.1537  0.1385  0.0007  36  HOH A O   
715 O O   . HOH C .  ? 0.2873 0.2667 0.2834 -0.0697 -0.0963 0.0208  37  HOH A O   
716 O O   . HOH C .  ? 0.5042 0.7912 0.5910 0.4846  0.0020  0.2454  38  HOH A O   
717 O O   . HOH C .  ? 1.8216 0.5075 0.2607 -0.6189 0.1656  -0.1173 40  HOH A O   
718 O O   . HOH C .  ? 0.8874 0.4424 0.2002 0.1204  -0.1647 -0.0278 41  HOH A O   
719 O O   . HOH C .  ? 0.2877 0.3750 0.2822 0.0722  -0.0014 0.0038  42  HOH A O   
720 O O   . HOH C .  ? 0.3396 0.3568 0.4936 0.0525  0.1580  -0.0714 43  HOH A O   
721 O O   . HOH C .  ? 0.6181 0.2311 0.3999 -0.0218 0.0783  -0.0804 44  HOH A O   
722 O O   . HOH C .  ? 0.4293 0.2132 0.3681 -0.0015 0.0575  -0.0820 45  HOH A O   
723 O O   . HOH C .  ? 0.7700 0.3345 0.4148 -0.0672 0.3327  -0.2254 46  HOH A O   
724 O O   . HOH C .  ? 0.5485 0.3907 0.3258 -0.0877 0.0501  -0.0324 47  HOH A O   
725 O O   . HOH C .  ? 0.3881 0.5202 0.1660 -0.1195 -0.0458 0.0241  48  HOH A O   
726 O O   . HOH C .  ? 0.6813 0.3279 0.4559 0.2607  0.3205  0.1708  49  HOH A O   
727 O O   . HOH C .  ? 0.3281 0.2668 0.5383 -0.0418 -0.0522 0.0641  50  HOH A O   
728 O O   . HOH C .  ? 0.4321 0.7122 0.2344 -0.0641 0.0817  -0.0793 51  HOH A O   
729 O O   . HOH C .  ? 0.7419 0.3254 0.3297 -0.1675 0.0964  0.1161  52  HOH A O   
730 O O   . HOH C .  ? 0.2920 0.2554 0.8441 0.0971  0.0413  -0.0721 53  HOH A O   
731 O O   . HOH C .  ? 0.8368 0.4941 0.4445 0.0433  -0.2680 -0.1044 54  HOH A O   
732 O O   . HOH C .  ? 0.6894 0.4719 0.3779 0.0736  -0.0667 -0.1409 56  HOH A O   
733 O O   . HOH C .  ? 0.7059 1.3353 0.4187 -0.5323 -0.0727 0.4462  58  HOH A O   
734 O O   . HOH C .  ? 0.1899 0.5190 1.4878 -0.0423 0.3151  -0.3445 60  HOH A O   
735 O O   . HOH C .  ? 0.3475 0.3353 1.1175 -0.1300 0.0402  0.0624  61  HOH A O   
736 O O   . HOH C .  ? 2.2037 1.3574 0.0485 -1.2099 0.2230  -0.1100 64  HOH A O   
737 O O   . HOH C .  ? 0.4609 0.4460 0.8827 0.2245  -0.0289 0.1066  65  HOH A O   
738 O O   . HOH C .  ? 0.7425 0.5970 1.0408 -0.2214 0.2726  0.0293  66  HOH A O   
739 O O   . HOH C .  ? 0.6128 0.5307 0.5062 0.0943  -0.1863 0.1133  68  HOH A O   
740 O O   . HOH C .  ? 0.4671 0.8863 0.2728 -0.1677 -0.1080 -0.1059 69  HOH A O   
741 O O   . HOH C .  ? 0.6018 0.4505 1.0849 0.1146  -0.2108 -0.3690 73  HOH A O   
742 O O   . HOH C .  ? 1.2335 0.6574 0.6900 0.4128  -0.2263 0.1492  74  HOH A O   
743 O O   . HOH C .  ? 0.5864 0.3086 0.7103 0.1538  0.3649  0.1133  76  HOH A O   
744 O O   . HOH C .  ? 0.3668 0.7521 0.4150 -0.2180 0.2186  -0.2033 77  HOH A O   
745 O O   . HOH C .  ? 0.4741 1.0444 0.2743 -0.2857 -0.0373 0.1283  78  HOH A O   
746 O O   . HOH C .  ? 0.5495 0.6050 0.3092 -0.0281 0.2295  -0.1246 79  HOH A O   
747 O O   . HOH C .  ? 0.5272 0.4093 0.5973 -0.0256 0.0282  0.1500  80  HOH A O   
748 O O   . HOH C .  ? 0.4385 0.1978 1.9584 -0.1248 -0.6725 0.4305  85  HOH A O   
749 O O   . HOH C .  ? 0.7953 0.5773 0.5159 0.5141  -0.0920 -0.0607 86  HOH A O   
750 O O   . HOH C .  ? 0.4573 0.8618 0.6003 -0.3925 0.1047  -0.3166 87  HOH A O   
751 O O   . HOH C .  ? 0.6039 0.6369 0.4380 0.2200  -0.2197 -0.1271 88  HOH A O   
752 O O   . HOH C .  ? 0.6693 0.6889 1.4532 0.0166  -0.3466 0.1537  89  HOH A O   
753 O O   . HOH C .  ? 1.4481 0.2837 0.3395 -0.1673 -0.0311 -0.0805 92  HOH A O   
754 O O   . HOH D .  ? 0.6517 0.8684 0.5885 0.1165  -0.0106 -0.1482 2   HOH B O   
755 O O   . HOH D .  ? 0.6539 0.5818 0.5943 -0.1356 -0.3154 0.2351  5   HOH B O   
756 O O   . HOH D .  ? 0.5783 0.8611 0.8497 0.4352  0.1971  -0.0239 9   HOH B O   
757 O O   . HOH D .  ? 0.3180 0.5535 0.2509 0.0322  -0.0448 0.0887  13  HOH B O   
758 O O   . HOH D .  ? 0.3872 0.7828 0.3038 -0.0933 -0.0411 0.0828  19  HOH B O   
759 O O   . HOH D .  ? 0.1377 0.2520 0.1788 -0.0649 0.0649  -0.0720 20  HOH B O   
760 O O   . HOH D .  ? 0.2049 0.3146 0.1683 -0.0376 -0.0564 -0.0037 25  HOH B O   
761 O O   . HOH D .  ? 0.3951 0.3639 0.2560 -0.1601 -0.0398 0.0984  30  HOH B O   
762 O O   . HOH D .  ? 0.2754 0.9668 1.2746 0.0842  -0.2303 0.7056  31  HOH B O   
763 O O   . HOH D .  ? 0.4977 1.5396 0.6135 0.2623  -0.0355 0.1526  70  HOH B O   
764 O O   . HOH D .  ? 0.7731 0.6132 0.6992 -0.1193 -0.4149 0.4260  71  HOH B O   
765 O O   . HOH D .  ? 1.3700 1.3970 0.4082 0.6077  -0.0726 -0.2242 72  HOH B O   
766 O O   . HOH D .  ? 0.7760 0.4229 0.4734 -0.0149 0.1725  0.1452  73  HOH B O   
767 O O   . HOH D .  ? 0.5798 1.1313 0.4540 0.0384  0.1567  -0.0671 84  HOH B O   
768 O O   . HOH D .  ? 0.7389 0.3937 1.5311 -0.0687 0.3083  -0.1633 90  HOH B O   
769 O O   . HOH D .  ? 0.8524 0.6519 0.5032 -0.3872 -0.1130 -0.1087 93  HOH B O   
# 
